data_5UED
# 
_entry.id   5UED 
# 
_audit_conform.dict_name       mmcif_pdbx.dic 
_audit_conform.dict_version    5.379 
_audit_conform.dict_location   http://mmcif.pdb.org/dictionaries/ascii/mmcif_pdbx.dic 
# 
loop_
_database_2.database_id 
_database_2.database_code 
_database_2.pdbx_database_accession 
_database_2.pdbx_DOI 
PDB   5UED         pdb_00005ued 10.2210/pdb5ued/pdb 
WWPDB D_1000225738 ?            ?                   
# 
loop_
_pdbx_database_related.content_type 
_pdbx_database_related.db_id 
_pdbx_database_related.db_name 
_pdbx_database_related.details 
unspecified 5UEE PDB . 
unspecified 5UEF PDB . 
unspecified 5UEG PDB . 
# 
_pdbx_database_status.status_code                     REL 
_pdbx_database_status.status_code_sf                  REL 
_pdbx_database_status.status_code_mr                  ? 
_pdbx_database_status.entry_id                        5UED 
_pdbx_database_status.recvd_initial_deposition_date   2017-01-01 
_pdbx_database_status.SG_entry                        N 
_pdbx_database_status.deposit_site                    RCSB 
_pdbx_database_status.process_site                    RCSB 
_pdbx_database_status.status_code_cs                  ? 
_pdbx_database_status.methods_development_category    ? 
_pdbx_database_status.pdb_format_compatible           Y 
_pdbx_database_status.status_code_nmr_data            ? 
# 
loop_
_audit_author.name 
_audit_author.pdbx_ordinal 
_audit_author.identifier_ORCID 
'Zhang, W.'     1 ? 
'Tam, C.P.'     2 ? 
'Szostak, J.W.' 3 ? 
# 
_citation.abstract                  ? 
_citation.abstract_id_CAS           ? 
_citation.book_id_ISBN              ? 
_citation.book_publisher            ? 
_citation.book_publisher_city       ? 
_citation.book_title                ? 
_citation.coordinate_linkage        ? 
_citation.country                   US 
_citation.database_id_Medline       ? 
_citation.details                   ? 
_citation.id                        primary 
_citation.journal_abbrev            'Proc. Natl. Acad. Sci. U.S.A.' 
_citation.journal_id_ASTM           PNASA6 
_citation.journal_id_CSD            0040 
_citation.journal_id_ISSN           1091-6490 
_citation.journal_full              ? 
_citation.journal_issue             ? 
_citation.journal_volume            114 
_citation.language                  ? 
_citation.page_first                7659 
_citation.page_last                 7664 
_citation.title                     
'Insight into the mechanism of nonenzymatic RNA primer extension from the structure of an RNA-GpppG complex.' 
_citation.year                      2017 
_citation.database_id_CSD           ? 
_citation.pdbx_database_id_DOI      10.1073/pnas.1704006114 
_citation.pdbx_database_id_PubMed   28673998 
_citation.unpublished_flag          ? 
# 
loop_
_citation_author.citation_id 
_citation_author.name 
_citation_author.ordinal 
_citation_author.identifier_ORCID 
primary 'Zhang, W.'        1 ? 
primary 'Tam, C.P.'        2 ? 
primary 'Walton, T.'       3 ? 
primary 'Fahrenbach, A.C.' 4 ? 
primary 'Birrane, G.'      5 ? 
primary 'Szostak, J.W.'    6 ? 
# 
_cell.angle_alpha                  90.00 
_cell.angle_alpha_esd              ? 
_cell.angle_beta                   90.00 
_cell.angle_beta_esd               ? 
_cell.angle_gamma                  120.00 
_cell.angle_gamma_esd              ? 
_cell.entry_id                     5UED 
_cell.details                      ? 
_cell.formula_units_Z              ? 
_cell.length_a                     43.911 
_cell.length_a_esd                 ? 
_cell.length_b                     43.911 
_cell.length_b_esd                 ? 
_cell.length_c                     85.406 
_cell.length_c_esd                 ? 
_cell.volume                       ? 
_cell.volume_esd                   ? 
_cell.Z_PDB                        12 
_cell.reciprocal_angle_alpha       ? 
_cell.reciprocal_angle_beta        ? 
_cell.reciprocal_angle_gamma       ? 
_cell.reciprocal_angle_alpha_esd   ? 
_cell.reciprocal_angle_beta_esd    ? 
_cell.reciprocal_angle_gamma_esd   ? 
_cell.reciprocal_length_a          ? 
_cell.reciprocal_length_b          ? 
_cell.reciprocal_length_c          ? 
_cell.reciprocal_length_a_esd      ? 
_cell.reciprocal_length_b_esd      ? 
_cell.reciprocal_length_c_esd      ? 
_cell.pdbx_unique_axis             ? 
# 
_symmetry.entry_id                         5UED 
_symmetry.cell_setting                     ? 
_symmetry.Int_Tables_number                150 
_symmetry.space_group_name_Hall            ? 
_symmetry.space_group_name_H-M             'P 3 2 1' 
_symmetry.pdbx_full_space_group_name_H-M   ? 
# 
loop_
_entity.id 
_entity.type 
_entity.src_method 
_entity.pdbx_description 
_entity.formula_weight 
_entity.pdbx_number_of_molecules 
_entity.pdbx_ec 
_entity.pdbx_mutation 
_entity.pdbx_fragment 
_entity.details 
1 polymer     syn 
;RNA (5'-R(*(LCC)P*(LCC)P*(LCC)P*GP*AP*CP*UP*UP*AP*AP*GP*UP*CP*G)-3')
;
4500.794 2  ? ? ? ? 
2 non-polymer syn 
;[[(2~{R},3~{S},4~{R},5~{R})-5-(2-azanyl-6-oxidanylidene-1~{H}-purin-9-yl)-3,4-bis(oxidanyl)oxolan-2-yl]methoxy-oxidanyl-phosphoryl] [(2~{R},3~{S},4~{R},5~{R})-5-(2-azanyl-6-oxidanylidene-1~{H}-purin-9-yl)-3,4-bis(oxidanyl)oxolan-2-yl]methyl hydrogen phosphate
;
708.426  2  ? ? ? ? 
3 water       nat water 18.015   97 ? ? ? ? 
# 
_entity_poly.entity_id                      1 
_entity_poly.type                           polyribonucleotide 
_entity_poly.nstd_linkage                   no 
_entity_poly.nstd_monomer                   yes 
_entity_poly.pdbx_seq_one_letter_code       '(LCC)(LCC)(LCC)GACUUAAGUCG' 
_entity_poly.pdbx_seq_one_letter_code_can   NNNGACUUAAGUCG 
_entity_poly.pdbx_strand_id                 A,B 
_entity_poly.pdbx_target_identifier         ? 
# 
loop_
_entity_poly_seq.entity_id 
_entity_poly_seq.num 
_entity_poly_seq.mon_id 
_entity_poly_seq.hetero 
1 1  LCC n 
1 2  LCC n 
1 3  LCC n 
1 4  G   n 
1 5  A   n 
1 6  C   n 
1 7  U   n 
1 8  U   n 
1 9  A   n 
1 10 A   n 
1 11 G   n 
1 12 U   n 
1 13 C   n 
1 14 G   n 
# 
_pdbx_entity_src_syn.entity_id              1 
_pdbx_entity_src_syn.pdbx_src_id            1 
_pdbx_entity_src_syn.pdbx_alt_source_flag   sample 
_pdbx_entity_src_syn.pdbx_beg_seq_num       1 
_pdbx_entity_src_syn.pdbx_end_seq_num       14 
_pdbx_entity_src_syn.organism_scientific    'synthetic construct' 
_pdbx_entity_src_syn.organism_common_name   ? 
_pdbx_entity_src_syn.ncbi_taxonomy_id       32630 
_pdbx_entity_src_syn.details                ? 
# 
_struct_ref.id                         1 
_struct_ref.db_name                    PDB 
_struct_ref.db_code                    5UED 
_struct_ref.pdbx_db_accession          5UED 
_struct_ref.pdbx_db_isoform            ? 
_struct_ref.entity_id                  1 
_struct_ref.pdbx_seq_one_letter_code   ? 
_struct_ref.pdbx_align_begin           1 
# 
loop_
_struct_ref_seq.align_id 
_struct_ref_seq.ref_id 
_struct_ref_seq.pdbx_PDB_id_code 
_struct_ref_seq.pdbx_strand_id 
_struct_ref_seq.seq_align_beg 
_struct_ref_seq.pdbx_seq_align_beg_ins_code 
_struct_ref_seq.seq_align_end 
_struct_ref_seq.pdbx_seq_align_end_ins_code 
_struct_ref_seq.pdbx_db_accession 
_struct_ref_seq.db_align_beg 
_struct_ref_seq.pdbx_db_align_beg_ins_code 
_struct_ref_seq.db_align_end 
_struct_ref_seq.pdbx_db_align_end_ins_code 
_struct_ref_seq.pdbx_auth_seq_align_beg 
_struct_ref_seq.pdbx_auth_seq_align_end 
1 1 5UED A 1 ? 14 ? 5UED 1 ? 14 ? 1 14 
2 1 5UED B 1 ? 14 ? 5UED 1 ? 14 ? 1 14 
# 
loop_
_chem_comp.id 
_chem_comp.type 
_chem_comp.mon_nstd_flag 
_chem_comp.name 
_chem_comp.pdbx_synonyms 
_chem_comp.formula 
_chem_comp.formula_weight 
86S non-polymer   . 
;[[(2~{R},3~{S},4~{R},5~{R})-5-(2-azanyl-6-oxidanylidene-1~{H}-purin-9-yl)-3,4-bis(oxidanyl)oxolan-2-yl]methoxy-oxidanyl-phosphoryl] [(2~{R},3~{S},4~{R},5~{R})-5-(2-azanyl-6-oxidanylidene-1~{H}-purin-9-yl)-3,4-bis(oxidanyl)oxolan-2-yl]methyl hydrogen phosphate
;
? 'C20 H26 N10 O15 P2' 708.426 
A   'RNA linking' y "ADENOSINE-5'-MONOPHOSPHATE" ? 'C10 H14 N5 O7 P'    347.221 
C   'RNA linking' y "CYTIDINE-5'-MONOPHOSPHATE" ? 'C9 H14 N3 O8 P'     323.197 
G   'RNA linking' y "GUANOSINE-5'-MONOPHOSPHATE" ? 'C10 H14 N5 O8 P'    363.221 
HOH non-polymer   . WATER ? 'H2 O'               18.015  
LCC 'RNA linking' . 
'[(1R,3R,4R,7S)-7-HYDROXY-3-(5-METHYLCYTOSIN-1-YL)-2,5-DIOXABICYCLO[2.2.1]HEPT-1-YL]METHYL DIHYDROGEN PHOSPHATE' ? 
'C11 H16 N3 O8 P'    349.234 
U   'RNA linking' y "URIDINE-5'-MONOPHOSPHATE" ? 'C9 H13 N2 O9 P'     324.181 
# 
_exptl.absorpt_coefficient_mu     ? 
_exptl.absorpt_correction_T_max   ? 
_exptl.absorpt_correction_T_min   ? 
_exptl.absorpt_correction_type    ? 
_exptl.absorpt_process_details    ? 
_exptl.entry_id                   5UED 
_exptl.crystals_number            1 
_exptl.details                    ? 
_exptl.method                     'X-RAY DIFFRACTION' 
_exptl.method_details             ? 
# 
_exptl_crystal.colour                      ? 
_exptl_crystal.density_diffrn              ? 
_exptl_crystal.density_Matthews            2.4 
_exptl_crystal.density_method              ? 
_exptl_crystal.density_percent_sol         53.42 
_exptl_crystal.description                 ? 
_exptl_crystal.F_000                       ? 
_exptl_crystal.id                          1 
_exptl_crystal.preparation                 ? 
_exptl_crystal.size_max                    ? 
_exptl_crystal.size_mid                    ? 
_exptl_crystal.size_min                    ? 
_exptl_crystal.size_rad                    ? 
_exptl_crystal.colour_lustre               ? 
_exptl_crystal.colour_modifier             ? 
_exptl_crystal.colour_primary              ? 
_exptl_crystal.density_meas                ? 
_exptl_crystal.density_meas_esd            ? 
_exptl_crystal.density_meas_gt             ? 
_exptl_crystal.density_meas_lt             ? 
_exptl_crystal.density_meas_temp           ? 
_exptl_crystal.density_meas_temp_esd       ? 
_exptl_crystal.density_meas_temp_gt        ? 
_exptl_crystal.density_meas_temp_lt        ? 
_exptl_crystal.pdbx_crystal_image_url      ? 
_exptl_crystal.pdbx_crystal_image_format   ? 
_exptl_crystal.pdbx_mosaicity              ? 
_exptl_crystal.pdbx_mosaicity_esd          ? 
# 
_exptl_crystal_grow.apparatus       ? 
_exptl_crystal_grow.atmosphere      ? 
_exptl_crystal_grow.crystal_id      1 
_exptl_crystal_grow.details         ? 
_exptl_crystal_grow.method          'VAPOR DIFFUSION, SITTING DROP' 
_exptl_crystal_grow.method_ref      ? 
_exptl_crystal_grow.pH              7.0 
_exptl_crystal_grow.pressure        ? 
_exptl_crystal_grow.pressure_esd    ? 
_exptl_crystal_grow.seeding         ? 
_exptl_crystal_grow.seeding_ref     ? 
_exptl_crystal_grow.temp            293 
_exptl_crystal_grow.temp_details    ? 
_exptl_crystal_grow.temp_esd        ? 
_exptl_crystal_grow.time            ? 
_exptl_crystal_grow.pdbx_details    
'0.05 M magnesium chloride, 0.2 M Ammonium citrate tribasic pH 7.0, 20% w/v Polyethylene glycol 3,350' 
_exptl_crystal_grow.pdbx_pH_range   ? 
# 
_diffrn.ambient_environment    ? 
_diffrn.ambient_temp           99 
_diffrn.ambient_temp_details   ? 
_diffrn.ambient_temp_esd       ? 
_diffrn.crystal_id             1 
_diffrn.crystal_support        ? 
_diffrn.crystal_treatment      ? 
_diffrn.details                ? 
_diffrn.id                     1 
_diffrn.ambient_pressure       ? 
_diffrn.ambient_pressure_esd   ? 
_diffrn.ambient_pressure_gt    ? 
_diffrn.ambient_pressure_lt    ? 
_diffrn.ambient_temp_gt        ? 
_diffrn.ambient_temp_lt        ? 
# 
_diffrn_detector.details                      ? 
_diffrn_detector.detector                     CCD 
_diffrn_detector.diffrn_id                    1 
_diffrn_detector.type                         'ADSC QUANTUM 315' 
_diffrn_detector.area_resol_mean              ? 
_diffrn_detector.dtime                        ? 
_diffrn_detector.pdbx_frames_total            ? 
_diffrn_detector.pdbx_collection_time_total   ? 
_diffrn_detector.pdbx_collection_date         2016-07-20 
# 
_diffrn_radiation.collimation                      ? 
_diffrn_radiation.diffrn_id                        1 
_diffrn_radiation.filter_edge                      ? 
_diffrn_radiation.inhomogeneity                    ? 
_diffrn_radiation.monochromator                    ? 
_diffrn_radiation.polarisn_norm                    ? 
_diffrn_radiation.polarisn_ratio                   ? 
_diffrn_radiation.probe                            ? 
_diffrn_radiation.type                             ? 
_diffrn_radiation.xray_symbol                      ? 
_diffrn_radiation.wavelength_id                    1 
_diffrn_radiation.pdbx_monochromatic_or_laue_m_l   M 
_diffrn_radiation.pdbx_wavelength_list             ? 
_diffrn_radiation.pdbx_wavelength                  ? 
_diffrn_radiation.pdbx_diffrn_protocol             'SINGLE WAVELENGTH' 
_diffrn_radiation.pdbx_analyzer                    ? 
_diffrn_radiation.pdbx_scattering_type             x-ray 
# 
_diffrn_radiation_wavelength.id           1 
_diffrn_radiation_wavelength.wavelength   0.997 
_diffrn_radiation_wavelength.wt           1.0 
# 
_diffrn_source.current                     ? 
_diffrn_source.details                     ? 
_diffrn_source.diffrn_id                   1 
_diffrn_source.power                       ? 
_diffrn_source.size                        ? 
_diffrn_source.source                      SYNCHROTRON 
_diffrn_source.target                      ? 
_diffrn_source.type                        'ALS BEAMLINE 8.2.2' 
_diffrn_source.voltage                     ? 
_diffrn_source.take-off_angle              ? 
_diffrn_source.pdbx_wavelength_list        0.997 
_diffrn_source.pdbx_wavelength             ? 
_diffrn_source.pdbx_synchrotron_beamline   8.2.2 
_diffrn_source.pdbx_synchrotron_site       ALS 
# 
_reflns.B_iso_Wilson_estimate            ? 
_reflns.entry_id                         5UED 
_reflns.data_reduction_details           ? 
_reflns.data_reduction_method            ? 
_reflns.d_resolution_high                1.50 
_reflns.d_resolution_low                 50 
_reflns.details                          ? 
_reflns.limit_h_max                      ? 
_reflns.limit_h_min                      ? 
_reflns.limit_k_max                      ? 
_reflns.limit_k_min                      ? 
_reflns.limit_l_max                      ? 
_reflns.limit_l_min                      ? 
_reflns.number_all                       ? 
_reflns.number_obs                       15113 
_reflns.observed_criterion               ? 
_reflns.observed_criterion_F_max         ? 
_reflns.observed_criterion_F_min         ? 
_reflns.observed_criterion_I_max         ? 
_reflns.observed_criterion_I_min         ? 
_reflns.observed_criterion_sigma_F       ? 
_reflns.observed_criterion_sigma_I       ? 
_reflns.percent_possible_obs             95.1 
_reflns.R_free_details                   ? 
_reflns.Rmerge_F_all                     ? 
_reflns.Rmerge_F_obs                     ? 
_reflns.Friedel_coverage                 ? 
_reflns.number_gt                        ? 
_reflns.threshold_expression             ? 
_reflns.pdbx_redundancy                  9.8 
_reflns.pdbx_Rmerge_I_obs                0.079 
_reflns.pdbx_Rmerge_I_all                ? 
_reflns.pdbx_Rsym_value                  ? 
_reflns.pdbx_netI_over_av_sigmaI         ? 
_reflns.pdbx_netI_over_sigmaI            28.4 
_reflns.pdbx_res_netI_over_av_sigmaI_2   ? 
_reflns.pdbx_res_netI_over_sigmaI_2      ? 
_reflns.pdbx_chi_squared                 ? 
_reflns.pdbx_scaling_rejects             ? 
_reflns.pdbx_d_res_high_opt              ? 
_reflns.pdbx_d_res_low_opt               ? 
_reflns.pdbx_d_res_opt_method            ? 
_reflns.phase_calculation_details        ? 
_reflns.pdbx_Rrim_I_all                  ? 
_reflns.pdbx_Rpim_I_all                  ? 
_reflns.pdbx_d_opt                       ? 
_reflns.pdbx_number_measured_all         ? 
_reflns.pdbx_diffrn_id                   1 
_reflns.pdbx_ordinal                     1 
_reflns.pdbx_CC_half                     ? 
_reflns.pdbx_R_split                     ? 
# 
_reflns_shell.d_res_high                  . 
_reflns_shell.d_res_low                   ? 
_reflns_shell.meanI_over_sigI_all         ? 
_reflns_shell.meanI_over_sigI_obs         ? 
_reflns_shell.number_measured_all         ? 
_reflns_shell.number_measured_obs         ? 
_reflns_shell.number_possible             ? 
_reflns_shell.number_unique_all           ? 
_reflns_shell.number_unique_obs           ? 
_reflns_shell.percent_possible_all        ? 
_reflns_shell.percent_possible_obs        ? 
_reflns_shell.Rmerge_F_all                ? 
_reflns_shell.Rmerge_F_obs                ? 
_reflns_shell.Rmerge_I_all                ? 
_reflns_shell.Rmerge_I_obs                ? 
_reflns_shell.meanI_over_sigI_gt          ? 
_reflns_shell.meanI_over_uI_all           ? 
_reflns_shell.meanI_over_uI_gt            ? 
_reflns_shell.number_measured_gt          ? 
_reflns_shell.number_unique_gt            ? 
_reflns_shell.percent_possible_gt         ? 
_reflns_shell.Rmerge_F_gt                 ? 
_reflns_shell.Rmerge_I_gt                 ? 
_reflns_shell.pdbx_redundancy             ? 
_reflns_shell.pdbx_Rsym_value             ? 
_reflns_shell.pdbx_chi_squared            ? 
_reflns_shell.pdbx_netI_over_sigmaI_all   ? 
_reflns_shell.pdbx_netI_over_sigmaI_obs   ? 
_reflns_shell.pdbx_Rrim_I_all             ? 
_reflns_shell.pdbx_Rpim_I_all             ? 
_reflns_shell.pdbx_rejects                ? 
_reflns_shell.pdbx_ordinal                1 
_reflns_shell.pdbx_diffrn_id              1 
_reflns_shell.pdbx_CC_half                ? 
_reflns_shell.pdbx_R_split                ? 
# 
_refine.aniso_B[1][1]                            0.00 
_refine.aniso_B[1][2]                            0.00 
_refine.aniso_B[1][3]                            0.00 
_refine.aniso_B[2][2]                            0.00 
_refine.aniso_B[2][3]                            0.00 
_refine.aniso_B[3][3]                            0.00 
_refine.B_iso_max                                ? 
_refine.B_iso_mean                               18.038 
_refine.B_iso_min                                ? 
_refine.correlation_coeff_Fo_to_Fc               0.957 
_refine.correlation_coeff_Fo_to_Fc_free          0.931 
_refine.details                                  'HYDROGENS HAVE BEEN ADDED IN THE RIDING POSITIONS' 
_refine.diff_density_max                         ? 
_refine.diff_density_max_esd                     ? 
_refine.diff_density_min                         ? 
_refine.diff_density_min_esd                     ? 
_refine.diff_density_rms                         ? 
_refine.diff_density_rms_esd                     ? 
_refine.entry_id                                 5UED 
_refine.pdbx_refine_id                           'X-RAY DIFFRACTION' 
_refine.ls_abs_structure_details                 ? 
_refine.ls_abs_structure_Flack                   ? 
_refine.ls_abs_structure_Flack_esd               ? 
_refine.ls_abs_structure_Rogers                  ? 
_refine.ls_abs_structure_Rogers_esd              ? 
_refine.ls_d_res_high                            1.50 
_refine.ls_d_res_low                             50 
_refine.ls_extinction_coef                       ? 
_refine.ls_extinction_coef_esd                   ? 
_refine.ls_extinction_expression                 ? 
_refine.ls_extinction_method                     ? 
_refine.ls_goodness_of_fit_all                   ? 
_refine.ls_goodness_of_fit_all_esd               ? 
_refine.ls_goodness_of_fit_obs                   ? 
_refine.ls_goodness_of_fit_obs_esd               ? 
_refine.ls_hydrogen_treatment                    ? 
_refine.ls_matrix_type                           ? 
_refine.ls_number_constraints                    ? 
_refine.ls_number_parameters                     ? 
_refine.ls_number_reflns_all                     ? 
_refine.ls_number_reflns_obs                     14252 
_refine.ls_number_reflns_R_free                  795 
_refine.ls_number_reflns_R_work                  ? 
_refine.ls_number_restraints                     ? 
_refine.ls_percent_reflns_obs                    94.53 
_refine.ls_percent_reflns_R_free                 5.3 
_refine.ls_R_factor_all                          ? 
_refine.ls_R_factor_obs                          0.21147 
_refine.ls_R_factor_R_free                       0.23216 
_refine.ls_R_factor_R_free_error                 ? 
_refine.ls_R_factor_R_free_error_details         ? 
_refine.ls_R_factor_R_work                       0.21032 
_refine.ls_R_Fsqd_factor_obs                     ? 
_refine.ls_R_I_factor_obs                        ? 
_refine.ls_redundancy_reflns_all                 ? 
_refine.ls_redundancy_reflns_obs                 ? 
_refine.ls_restrained_S_all                      ? 
_refine.ls_restrained_S_obs                      ? 
_refine.ls_shift_over_esd_max                    ? 
_refine.ls_shift_over_esd_mean                   ? 
_refine.ls_structure_factor_coef                 ? 
_refine.ls_weighting_details                     ? 
_refine.ls_weighting_scheme                      ? 
_refine.ls_wR_factor_all                         ? 
_refine.ls_wR_factor_obs                         ? 
_refine.ls_wR_factor_R_free                      ? 
_refine.ls_wR_factor_R_work                      ? 
_refine.occupancy_max                            ? 
_refine.occupancy_min                            ? 
_refine.solvent_model_details                    ? 
_refine.solvent_model_param_bsol                 ? 
_refine.solvent_model_param_ksol                 ? 
_refine.ls_R_factor_gt                           ? 
_refine.ls_goodness_of_fit_gt                    ? 
_refine.ls_goodness_of_fit_ref                   ? 
_refine.ls_shift_over_su_max                     ? 
_refine.ls_shift_over_su_max_lt                  ? 
_refine.ls_shift_over_su_mean                    ? 
_refine.ls_shift_over_su_mean_lt                 ? 
_refine.pdbx_ls_sigma_I                          ? 
_refine.pdbx_ls_sigma_F                          ? 
_refine.pdbx_ls_sigma_Fsqd                       ? 
_refine.pdbx_data_cutoff_high_absF               ? 
_refine.pdbx_data_cutoff_high_rms_absF           ? 
_refine.pdbx_data_cutoff_low_absF                ? 
_refine.pdbx_isotropic_thermal_model             ? 
_refine.pdbx_ls_cross_valid_method               THROUGHOUT 
_refine.pdbx_method_to_determine_struct          'MOLECULAR REPLACEMENT' 
_refine.pdbx_starting_model                      5DHC 
_refine.pdbx_stereochemistry_target_values       ? 
_refine.pdbx_R_Free_selection_details            RANDOM 
_refine.pdbx_stereochem_target_val_spec_case     ? 
_refine.pdbx_overall_ESU_R                       0.087 
_refine.pdbx_overall_ESU_R_Free                  0.085 
_refine.pdbx_solvent_vdw_probe_radii             1.20 
_refine.pdbx_solvent_ion_probe_radii             0.80 
_refine.pdbx_solvent_shrinkage_radii             0.80 
_refine.pdbx_real_space_R                        ? 
_refine.pdbx_density_correlation                 ? 
_refine.pdbx_pd_number_of_powder_patterns        ? 
_refine.pdbx_pd_number_of_points                 ? 
_refine.pdbx_pd_meas_number_of_points            ? 
_refine.pdbx_pd_proc_ls_prof_R_factor            ? 
_refine.pdbx_pd_proc_ls_prof_wR_factor           ? 
_refine.pdbx_pd_Marquardt_correlation_coeff      ? 
_refine.pdbx_pd_Fsqrd_R_factor                   ? 
_refine.pdbx_pd_ls_matrix_band_width             ? 
_refine.pdbx_overall_phase_error                 ? 
_refine.pdbx_overall_SU_R_free_Cruickshank_DPI   ? 
_refine.pdbx_overall_SU_R_free_Blow_DPI          ? 
_refine.pdbx_overall_SU_R_Blow_DPI               ? 
_refine.pdbx_TLS_residual_ADP_flag               ? 
_refine.pdbx_diffrn_id                           1 
_refine.overall_SU_B                             1.223 
_refine.overall_SU_ML                            0.047 
_refine.overall_SU_R_Cruickshank_DPI             ? 
_refine.overall_SU_R_free                        ? 
_refine.overall_FOM_free_R_set                   ? 
_refine.overall_FOM_work_R_set                   ? 
_refine.pdbx_average_fsc_overall                 ? 
_refine.pdbx_average_fsc_work                    ? 
_refine.pdbx_average_fsc_free                    ? 
# 
_refine_hist.pdbx_refine_id                   'X-RAY DIFFRACTION' 
_refine_hist.cycle_id                         1 
_refine_hist.pdbx_number_atoms_protein        0 
_refine_hist.pdbx_number_atoms_nucleic_acid   596 
_refine_hist.pdbx_number_atoms_ligand         94 
_refine_hist.number_atoms_solvent             97 
_refine_hist.number_atoms_total               787 
_refine_hist.d_res_high                       1.50 
_refine_hist.d_res_low                        50 
# 
loop_
_refine_ls_restr.pdbx_refine_id 
_refine_ls_restr.criterion 
_refine_ls_restr.dev_ideal 
_refine_ls_restr.dev_ideal_target 
_refine_ls_restr.number 
_refine_ls_restr.rejects 
_refine_ls_restr.type 
_refine_ls_restr.weight 
_refine_ls_restr.pdbx_restraint_function 
'X-RAY DIFFRACTION' ? 0.025 0.016  766  ? r_bond_refined_d             ? ? 
'X-RAY DIFFRACTION' ? 0.062 0.023  336  ? r_bond_other_d               ? ? 
'X-RAY DIFFRACTION' ? 3.216 1.843  1188 ? r_angle_refined_deg          ? ? 
'X-RAY DIFFRACTION' ? 3.552 3.224  810  ? r_angle_other_deg            ? ? 
'X-RAY DIFFRACTION' ? ?     ?      ?    ? r_dihedral_angle_1_deg       ? ? 
'X-RAY DIFFRACTION' ? ?     ?      ?    ? r_dihedral_angle_2_deg       ? ? 
'X-RAY DIFFRACTION' ? ?     ?      ?    ? r_dihedral_angle_3_deg       ? ? 
'X-RAY DIFFRACTION' ? ?     ?      ?    ? r_dihedral_angle_4_deg       ? ? 
'X-RAY DIFFRACTION' ? 0.252 0.200  136  ? r_chiral_restr               ? ? 
'X-RAY DIFFRACTION' ? 0.027 0.021  388  ? r_gen_planes_refined         ? ? 
'X-RAY DIFFRACTION' ? 0.003 0.021  148  ? r_gen_planes_other           ? ? 
'X-RAY DIFFRACTION' ? ?     ?      ?    ? r_nbd_refined                ? ? 
'X-RAY DIFFRACTION' ? ?     ?      ?    ? r_nbd_other                  ? ? 
'X-RAY DIFFRACTION' ? ?     ?      ?    ? r_nbtor_refined              ? ? 
'X-RAY DIFFRACTION' ? ?     ?      ?    ? r_nbtor_other                ? ? 
'X-RAY DIFFRACTION' ? ?     ?      ?    ? r_xyhbond_nbd_refined        ? ? 
'X-RAY DIFFRACTION' ? ?     ?      ?    ? r_xyhbond_nbd_other          ? ? 
'X-RAY DIFFRACTION' ? ?     ?      ?    ? r_metal_ion_refined          ? ? 
'X-RAY DIFFRACTION' ? ?     ?      ?    ? r_metal_ion_other            ? ? 
'X-RAY DIFFRACTION' ? ?     ?      ?    ? r_symmetry_vdw_refined       ? ? 
'X-RAY DIFFRACTION' ? ?     ?      ?    ? r_symmetry_vdw_other         ? ? 
'X-RAY DIFFRACTION' ? ?     ?      ?    ? r_symmetry_hbond_refined     ? ? 
'X-RAY DIFFRACTION' ? ?     ?      ?    ? r_symmetry_hbond_other       ? ? 
'X-RAY DIFFRACTION' ? ?     ?      ?    ? r_symmetry_metal_ion_refined ? ? 
'X-RAY DIFFRACTION' ? ?     ?      ?    ? r_symmetry_metal_ion_other   ? ? 
'X-RAY DIFFRACTION' ? ?     ?      ?    ? r_mcbond_it                  ? ? 
'X-RAY DIFFRACTION' ? ?     ?      ?    ? r_mcbond_other               ? ? 
'X-RAY DIFFRACTION' ? ?     ?      ?    ? r_mcangle_it                 ? ? 
'X-RAY DIFFRACTION' ? ?     ?      ?    ? r_mcangle_other              ? ? 
'X-RAY DIFFRACTION' ? 2.418 1.845  766  ? r_scbond_it                  ? ? 
'X-RAY DIFFRACTION' ? 2.416 1.844  767  ? r_scbond_other               ? ? 
'X-RAY DIFFRACTION' ? ?     ?      ?    ? r_scangle_it                 ? ? 
'X-RAY DIFFRACTION' ? 3.391 2.785  1189 ? r_scangle_other              ? ? 
'X-RAY DIFFRACTION' ? 4.632 18.895 1182 ? r_long_range_B_refined       ? ? 
'X-RAY DIFFRACTION' ? 4.629 18.753 1146 ? r_long_range_B_other         ? ? 
'X-RAY DIFFRACTION' ? ?     ?      ?    ? r_rigid_bond_restr           ? ? 
'X-RAY DIFFRACTION' ? ?     ?      ?    ? r_sphericity_free            ? ? 
'X-RAY DIFFRACTION' ? ?     ?      ?    ? r_sphericity_bonded          ? ? 
# 
_refine_ls_shell.pdbx_refine_id                   'X-RAY DIFFRACTION' 
_refine_ls_shell.d_res_high                       1.500 
_refine_ls_shell.d_res_low                        1.539 
_refine_ls_shell.number_reflns_all                ? 
_refine_ls_shell.number_reflns_obs                ? 
_refine_ls_shell.number_reflns_R_free             59 
_refine_ls_shell.number_reflns_R_work             1063 
_refine_ls_shell.percent_reflns_obs               98.59 
_refine_ls_shell.percent_reflns_R_free            ? 
_refine_ls_shell.R_factor_all                     ? 
_refine_ls_shell.R_factor_obs                     ? 
_refine_ls_shell.R_factor_R_free                  0.261 
_refine_ls_shell.R_factor_R_free_error            ? 
_refine_ls_shell.R_factor_R_work                  0.192 
_refine_ls_shell.redundancy_reflns_all            ? 
_refine_ls_shell.redundancy_reflns_obs            ? 
_refine_ls_shell.wR_factor_all                    ? 
_refine_ls_shell.wR_factor_obs                    ? 
_refine_ls_shell.wR_factor_R_free                 ? 
_refine_ls_shell.wR_factor_R_work                 ? 
_refine_ls_shell.pdbx_total_number_of_bins_used   20 
_refine_ls_shell.pdbx_phase_error                 ? 
_refine_ls_shell.pdbx_fsc_work                    ? 
_refine_ls_shell.pdbx_fsc_free                    ? 
# 
_struct.entry_id                     5UED 
_struct.title                        
;RNA primer-template complex with guanosine dinucleotide ligand G(5')pp(5')G
;
_struct.pdbx_model_details           ? 
_struct.pdbx_formula_weight          ? 
_struct.pdbx_formula_weight_method   ? 
_struct.pdbx_model_type_details      ? 
_struct.pdbx_CASP_flag               N 
# 
_struct_keywords.entry_id        5UED 
_struct_keywords.text            'RNA, dinucleotide' 
_struct_keywords.pdbx_keywords   RNA 
# 
loop_
_struct_asym.id 
_struct_asym.pdbx_blank_PDB_chainid_flag 
_struct_asym.pdbx_modified 
_struct_asym.entity_id 
_struct_asym.details 
A N N 1 ? 
B N N 1 ? 
C N N 2 ? 
D N N 2 ? 
E N N 3 ? 
F N N 3 ? 
# 
loop_
_struct_conn.id 
_struct_conn.conn_type_id 
_struct_conn.pdbx_leaving_atom_flag 
_struct_conn.pdbx_PDB_id 
_struct_conn.ptnr1_label_asym_id 
_struct_conn.ptnr1_label_comp_id 
_struct_conn.ptnr1_label_seq_id 
_struct_conn.ptnr1_label_atom_id 
_struct_conn.pdbx_ptnr1_label_alt_id 
_struct_conn.pdbx_ptnr1_PDB_ins_code 
_struct_conn.pdbx_ptnr1_standard_comp_id 
_struct_conn.ptnr1_symmetry 
_struct_conn.ptnr2_label_asym_id 
_struct_conn.ptnr2_label_comp_id 
_struct_conn.ptnr2_label_seq_id 
_struct_conn.ptnr2_label_atom_id 
_struct_conn.pdbx_ptnr2_label_alt_id 
_struct_conn.pdbx_ptnr2_PDB_ins_code 
_struct_conn.ptnr1_auth_asym_id 
_struct_conn.ptnr1_auth_comp_id 
_struct_conn.ptnr1_auth_seq_id 
_struct_conn.ptnr2_auth_asym_id 
_struct_conn.ptnr2_auth_comp_id 
_struct_conn.ptnr2_auth_seq_id 
_struct_conn.ptnr2_symmetry 
_struct_conn.pdbx_ptnr3_label_atom_id 
_struct_conn.pdbx_ptnr3_label_seq_id 
_struct_conn.pdbx_ptnr3_label_comp_id 
_struct_conn.pdbx_ptnr3_label_asym_id 
_struct_conn.pdbx_ptnr3_label_alt_id 
_struct_conn.pdbx_ptnr3_PDB_ins_code 
_struct_conn.details 
_struct_conn.pdbx_dist_value 
_struct_conn.pdbx_value_order 
_struct_conn.pdbx_role 
covale1  covale both ? A LCC 1  "O3'" ? ? ? 1_555 A LCC 2  P  ? ? A LCC 1  A LCC 2  1_555 ? ? ? ? ? ? ?            1.615 ? ? 
covale2  covale both ? A LCC 2  "O3'" ? ? ? 1_555 A LCC 3  P  ? ? A LCC 2  A LCC 3  1_555 ? ? ? ? ? ? ?            1.683 ? ? 
covale3  covale both ? A LCC 3  "O3'" ? ? ? 1_555 A G   4  P  ? ? A LCC 3  A G   4  1_555 ? ? ? ? ? ? ?            1.600 ? ? 
covale4  covale both ? B LCC 1  "O3'" ? ? ? 1_555 B LCC 2  P  ? ? B LCC 1  B LCC 2  1_555 ? ? ? ? ? ? ?            1.669 ? ? 
covale5  covale both ? B LCC 2  "O3'" ? ? ? 1_555 B LCC 3  P  ? ? B LCC 2  B LCC 3  1_555 ? ? ? ? ? ? ?            1.682 ? ? 
covale6  covale both ? B LCC 3  "O3'" ? ? ? 1_555 B G   4  P  ? ? B LCC 3  B G   4  1_555 ? ? ? ? ? ? ?            1.632 ? ? 
hydrog1  hydrog ?    ? A G   4  N1    ? ? ? 1_555 B C   13 N3 ? ? A G   4  B C   13 1_555 ? ? ? ? ? ? WATSON-CRICK ?     ? ? 
hydrog2  hydrog ?    ? A G   4  N2    ? ? ? 1_555 B C   13 O2 ? ? A G   4  B C   13 1_555 ? ? ? ? ? ? WATSON-CRICK ?     ? ? 
hydrog3  hydrog ?    ? A G   4  O6    ? ? ? 1_555 B C   13 N4 ? ? A G   4  B C   13 1_555 ? ? ? ? ? ? WATSON-CRICK ?     ? ? 
hydrog4  hydrog ?    ? A A   5  N1    ? ? ? 1_555 B U   12 N3 ? ? A A   5  B U   12 1_555 ? ? ? ? ? ? WATSON-CRICK ?     ? ? 
hydrog5  hydrog ?    ? A A   5  N6    ? ? ? 1_555 B U   12 O4 ? ? A A   5  B U   12 1_555 ? ? ? ? ? ? WATSON-CRICK ?     ? ? 
hydrog6  hydrog ?    ? A C   6  N3    ? ? ? 1_555 B G   11 N1 ? ? A C   6  B G   11 1_555 ? ? ? ? ? ? WATSON-CRICK ?     ? ? 
hydrog7  hydrog ?    ? A C   6  N4    ? ? ? 1_555 B G   11 O6 ? ? A C   6  B G   11 1_555 ? ? ? ? ? ? WATSON-CRICK ?     ? ? 
hydrog8  hydrog ?    ? A C   6  O2    ? ? ? 1_555 B G   11 N2 ? ? A C   6  B G   11 1_555 ? ? ? ? ? ? WATSON-CRICK ?     ? ? 
hydrog9  hydrog ?    ? A U   7  N3    ? ? ? 1_555 B A   10 N1 ? ? A U   7  B A   10 1_555 ? ? ? ? ? ? WATSON-CRICK ?     ? ? 
hydrog10 hydrog ?    ? A U   7  O4    ? ? ? 1_555 B A   10 N6 ? ? A U   7  B A   10 1_555 ? ? ? ? ? ? WATSON-CRICK ?     ? ? 
hydrog11 hydrog ?    ? A U   8  N3    ? ? ? 1_555 B A   9  N1 ? ? A U   8  B A   9  1_555 ? ? ? ? ? ? WATSON-CRICK ?     ? ? 
hydrog12 hydrog ?    ? A U   8  O4    ? ? ? 1_555 B A   9  N6 ? ? A U   8  B A   9  1_555 ? ? ? ? ? ? WATSON-CRICK ?     ? ? 
hydrog13 hydrog ?    ? A A   9  N1    ? ? ? 1_555 B U   8  N3 ? ? A A   9  B U   8  1_555 ? ? ? ? ? ? WATSON-CRICK ?     ? ? 
hydrog14 hydrog ?    ? A A   9  N6    ? ? ? 1_555 B U   8  O4 ? ? A A   9  B U   8  1_555 ? ? ? ? ? ? WATSON-CRICK ?     ? ? 
hydrog15 hydrog ?    ? A A   10 N1    ? ? ? 1_555 B U   7  N3 ? ? A A   10 B U   7  1_555 ? ? ? ? ? ? WATSON-CRICK ?     ? ? 
hydrog16 hydrog ?    ? A A   10 N6    ? ? ? 1_555 B U   7  O4 ? ? A A   10 B U   7  1_555 ? ? ? ? ? ? WATSON-CRICK ?     ? ? 
hydrog17 hydrog ?    ? A G   11 N1    ? ? ? 1_555 B C   6  N3 ? ? A G   11 B C   6  1_555 ? ? ? ? ? ? WATSON-CRICK ?     ? ? 
hydrog18 hydrog ?    ? A G   11 N2    ? ? ? 1_555 B C   6  O2 ? ? A G   11 B C   6  1_555 ? ? ? ? ? ? WATSON-CRICK ?     ? ? 
hydrog19 hydrog ?    ? A G   11 O6    ? ? ? 1_555 B C   6  N4 ? ? A G   11 B C   6  1_555 ? ? ? ? ? ? WATSON-CRICK ?     ? ? 
hydrog20 hydrog ?    ? A U   12 N3    ? ? ? 1_555 B A   5  N1 ? ? A U   12 B A   5  1_555 ? ? ? ? ? ? WATSON-CRICK ?     ? ? 
hydrog21 hydrog ?    ? A U   12 O4    ? ? ? 1_555 B A   5  N6 ? ? A U   12 B A   5  1_555 ? ? ? ? ? ? WATSON-CRICK ?     ? ? 
hydrog22 hydrog ?    ? A C   13 N3    ? ? ? 1_555 B G   4  N1 ? ? A C   13 B G   4  1_555 ? ? ? ? ? ? WATSON-CRICK ?     ? ? 
hydrog23 hydrog ?    ? A C   13 N4    ? ? ? 1_555 B G   4  O6 ? ? A C   13 B G   4  1_555 ? ? ? ? ? ? WATSON-CRICK ?     ? ? 
hydrog24 hydrog ?    ? A C   13 O2    ? ? ? 1_555 B G   4  N2 ? ? A C   13 B G   4  1_555 ? ? ? ? ? ? WATSON-CRICK ?     ? ? 
# 
loop_
_struct_conn_type.id 
_struct_conn_type.criteria 
_struct_conn_type.reference 
covale ? ? 
hydrog ? ? 
# 
loop_
_struct_site.id 
_struct_site.pdbx_evidence_code 
_struct_site.pdbx_auth_asym_id 
_struct_site.pdbx_auth_comp_id 
_struct_site.pdbx_auth_seq_id 
_struct_site.pdbx_auth_ins_code 
_struct_site.pdbx_num_residues 
_struct_site.details 
AC1 Software A 86S 101 ? 18 'binding site for residue 86S A 101' 
AC2 Software B 86S 101 ? 6  'binding site for residue 86S B 101' 
# 
loop_
_struct_site_gen.id 
_struct_site_gen.site_id 
_struct_site_gen.pdbx_num_res 
_struct_site_gen.label_comp_id 
_struct_site_gen.label_asym_id 
_struct_site_gen.label_seq_id 
_struct_site_gen.pdbx_auth_ins_code 
_struct_site_gen.auth_comp_id 
_struct_site_gen.auth_asym_id 
_struct_site_gen.auth_seq_id 
_struct_site_gen.label_atom_id 
_struct_site_gen.label_alt_id 
_struct_site_gen.symmetry 
_struct_site_gen.details 
1  AC1 18 LCC A 1  ? LCC A 1   . ? 5_675 ? 
2  AC1 18 LCC A 1  ? LCC A 1   . ? 1_555 ? 
3  AC1 18 LCC A 2  ? LCC A 2   . ? 1_555 ? 
4  AC1 18 LCC A 3  ? LCC A 3   . ? 1_555 ? 
5  AC1 18 HOH E .  ? HOH A 202 . ? 1_555 ? 
6  AC1 18 HOH E .  ? HOH A 203 . ? 1_555 ? 
7  AC1 18 HOH E .  ? HOH A 205 . ? 1_555 ? 
8  AC1 18 HOH E .  ? HOH A 215 . ? 1_555 ? 
9  AC1 18 HOH E .  ? HOH A 224 . ? 1_555 ? 
10 AC1 18 HOH E .  ? HOH A 238 . ? 2_775 ? 
11 AC1 18 HOH E .  ? HOH A 238 . ? 3_575 ? 
12 AC1 18 HOH E .  ? HOH A 238 . ? 1_555 ? 
13 AC1 18 HOH E .  ? HOH A 244 . ? 1_555 ? 
14 AC1 18 G   B 14 ? G   B 14  . ? 2_775 ? 
15 AC1 18 G   B 14 ? G   B 14  . ? 1_555 ? 
16 AC1 18 HOH F .  ? HOH B 210 . ? 1_555 ? 
17 AC1 18 HOH F .  ? HOH B 212 . ? 1_555 ? 
18 AC1 18 HOH F .  ? HOH B 214 . ? 2_775 ? 
19 AC2 6  G   A 14 ? G   A 14  . ? 1_555 ? 
20 AC2 6  G   A 14 ? G   A 14  . ? 3_575 ? 
21 AC2 6  LCC B 1  ? LCC B 1   . ? 1_555 ? 
22 AC2 6  LCC B 1  ? LCC B 1   . ? 4_466 ? 
23 AC2 6  LCC B 2  ? LCC B 2   . ? 1_555 ? 
24 AC2 6  LCC B 3  ? LCC B 3   . ? 1_555 ? 
# 
_atom_sites.entry_id                    5UED 
_atom_sites.fract_transf_matrix[1][1]   0.00410373 
_atom_sites.fract_transf_matrix[1][2]   -0.02499287 
_atom_sites.fract_transf_matrix[1][3]   0.00707075 
_atom_sites.fract_transf_matrix[2][1]   0.02368618 
_atom_sites.fract_transf_matrix[2][2]   -0.01090490 
_atom_sites.fract_transf_matrix[2][3]   -0.00339522 
_atom_sites.fract_transf_matrix[3][1]   0.00316682 
_atom_sites.fract_transf_matrix[3][2]   0.00354712 
_atom_sites.fract_transf_matrix[3][3]   0.01069999 
_atom_sites.fract_transf_vector[1]      0.374080 
_atom_sites.fract_transf_vector[2]      1.150999 
_atom_sites.fract_transf_vector[3]      0.243238 
# 
loop_
_atom_type.symbol 
C 
N 
O 
P 
# 
loop_
_atom_site.group_PDB 
_atom_site.id 
_atom_site.type_symbol 
_atom_site.label_atom_id 
_atom_site.label_alt_id 
_atom_site.label_comp_id 
_atom_site.label_asym_id 
_atom_site.label_entity_id 
_atom_site.label_seq_id 
_atom_site.pdbx_PDB_ins_code 
_atom_site.Cartn_x 
_atom_site.Cartn_y 
_atom_site.Cartn_z 
_atom_site.occupancy 
_atom_site.B_iso_or_equiv 
_atom_site.pdbx_formal_charge 
_atom_site.auth_seq_id 
_atom_site.auth_comp_id 
_atom_site.auth_asym_id 
_atom_site.auth_atom_id 
_atom_site.pdbx_PDB_model_num 
HETATM 1   O "O5'" . LCC A 1 1  ? -17.327 -4.539  -12.937 1.00 17.77 ? 1   LCC A "O5'" 1 
HETATM 2   C "C5'" . LCC A 1 1  ? -18.121 -5.521  -12.455 1.00 18.62 ? 1   LCC A "C5'" 1 
HETATM 3   C "C4'" . LCC A 1 1  ? -17.348 -6.818  -12.280 1.00 14.79 ? 1   LCC A "C4'" 1 
HETATM 4   O "O4'" . LCC A 1 1  ? -16.790 -7.183  -13.535 1.00 13.53 ? 1   LCC A "O4'" 1 
HETATM 5   C "C1'" . LCC A 1 1  ? -15.823 -8.227  -13.238 1.00 12.17 ? 1   LCC A "C1'" 1 
HETATM 6   N N1    . LCC A 1 1  ? -14.505 -7.957  -13.758 1.00 12.28 ? 1   LCC A N1    1 
HETATM 7   C C6    . LCC A 1 1  ? -14.211 -6.708  -14.232 1.00 13.09 ? 1   LCC A C6    1 
HETATM 8   C C5    . LCC A 1 1  ? -12.969 -6.453  -14.749 1.00 13.09 ? 1   LCC A C5    1 
HETATM 9   C C5M   . LCC A 1 1  ? -12.712 -5.191  -15.225 1.00 14.17 ? 1   LCC A C5M   1 
HETATM 10  C C4    . LCC A 1 1  ? -12.059 -7.511  -14.763 1.00 13.36 ? 1   LCC A C4    1 
HETATM 11  N N4    . LCC A 1 1  ? -10.860 -7.248  -15.307 1.00 14.57 ? 1   LCC A N4    1 
HETATM 12  N N3    . LCC A 1 1  ? -12.434 -8.702  -14.298 1.00 12.27 ? 1   LCC A N3    1 
HETATM 13  C C2    . LCC A 1 1  ? -13.627 -8.958  -13.775 1.00 12.59 ? 1   LCC A C2    1 
HETATM 14  O O2    . LCC A 1 1  ? -13.892 -10.066 -13.335 1.00 12.84 ? 1   LCC A O2    1 
HETATM 15  C "C3'" . LCC A 1 1  ? -16.129 -6.855  -11.409 1.00 14.49 ? 1   LCC A "C3'" 1 
HETATM 16  C "C2'" . LCC A 1 1  ? -15.927 -8.291  -11.724 1.00 13.93 ? 1   LCC A "C2'" 1 
HETATM 17  O "O2'" . LCC A 1 1  ? -17.180 -8.897  -11.407 1.00 15.27 ? 1   LCC A "O2'" 1 
HETATM 18  O "O3'" . LCC A 1 1  ? -16.433 -6.626  -10.037 1.00 16.97 ? 1   LCC A "O3'" 1 
HETATM 19  C "C6'" . LCC A 1 1  ? -18.206 -7.939  -11.727 1.00 14.32 ? 1   LCC A "C6'" 1 
HETATM 20  O "O5'" . LCC A 1 2  ? -14.229 -7.132  -8.943  1.00 14.14 ? 2   LCC A "O5'" 1 
HETATM 21  C "C5'" . LCC A 1 2  ? -14.499 -8.318  -8.331  1.00 13.51 ? 2   LCC A "C5'" 1 
HETATM 22  C "C4'" . LCC A 1 2  ? -13.304 -9.254  -8.619  1.00 12.48 ? 2   LCC A "C4'" 1 
HETATM 23  O "O4'" . LCC A 1 2  ? -13.089 -9.329  -10.036 1.00 13.18 ? 2   LCC A "O4'" 1 
HETATM 24  C "C1'" . LCC A 1 2  ? -11.821 -9.784  -10.207 1.00 11.88 ? 2   LCC A "C1'" 1 
HETATM 25  N N1    . LCC A 1 2  ? -10.986 -8.803  -10.890 1.00 12.38 ? 2   LCC A N1    1 
HETATM 26  C C6    . LCC A 1 2  ? -11.390 -7.534  -11.097 1.00 11.46 ? 2   LCC A C6    1 
HETATM 27  C C5    . LCC A 1 2  ? -10.588 -6.635  -11.745 1.00 12.24 ? 2   LCC A C5    1 
HETATM 28  C C5M   . LCC A 1 2  ? -11.037 -5.327  -11.946 1.00 11.07 ? 2   LCC A C5M   1 
HETATM 29  C C4    . LCC A 1 2  ? -9.381  -7.064  -12.239 1.00 11.95 ? 2   LCC A C4    1 
HETATM 30  N N4    . LCC A 1 2  ? -8.607  -6.233  -12.861 1.00 12.94 ? 2   LCC A N4    1 
HETATM 31  N N3    . LCC A 1 2  ? -9.052  -8.310  -12.039 1.00 12.61 ? 2   LCC A N3    1 
HETATM 32  C C2    . LCC A 1 2  ? -9.787  -9.158  -11.339 1.00 12.61 ? 2   LCC A C2    1 
HETATM 33  O O2    . LCC A 1 2  ? -9.379  -10.271 -11.175 1.00 13.20 ? 2   LCC A O2    1 
HETATM 34  C "C3'" . LCC A 1 2  ? -11.978 -8.796  -8.104  1.00 13.28 ? 2   LCC A "C3'" 1 
HETATM 35  C "C2'" . LCC A 1 2  ? -11.362 -9.995  -8.780  1.00 12.16 ? 2   LCC A "C2'" 1 
HETATM 36  O "O2'" . LCC A 1 2  ? -12.082 -11.105 -8.253  1.00 13.17 ? 2   LCC A "O2'" 1 
HETATM 37  O "O3'" . LCC A 1 2  ? -11.928 -8.881  -6.726  1.00 12.81 ? 2   LCC A "O3'" 1 
HETATM 38  C "C6'" . LCC A 1 2  ? -13.408 -10.688 -8.032  1.00 12.57 ? 2   LCC A "C6'" 1 
HETATM 39  P P     . LCC A 1 2  ? -15.355 -5.992  -9.015  1.00 16.93 ? 2   LCC A P     1 
HETATM 40  O O1P   . LCC A 1 2  ? -16.007 -5.879  -7.786  1.00 20.14 ? 2   LCC A O1P   1 
HETATM 41  O O2P   . LCC A 1 2  ? -14.679 -4.929  -9.510  1.00 18.69 ? 2   LCC A O2P   1 
HETATM 42  O "O5'" . LCC A 1 3  ? -9.425  -9.187  -6.188  1.00 12.84 ? 3   LCC A "O5'" 1 
HETATM 43  C "C5'" . LCC A 1 3  ? -9.474  -10.635 -5.752  1.00 13.19 ? 3   LCC A "C5'" 1 
HETATM 44  C "C4'" . LCC A 1 3  ? -8.173  -11.217 -6.335  1.00 13.87 ? 3   LCC A "C4'" 1 
HETATM 45  O "O4'" . LCC A 1 3  ? -8.133  -11.171 -7.761  1.00 13.11 ? 3   LCC A "O4'" 1 
HETATM 46  C "C1'" . LCC A 1 3  ? -6.708  -11.245 -8.079  1.00 12.41 ? 3   LCC A "C1'" 1 
HETATM 47  N N1    . LCC A 1 3  ? -6.286  -9.957  -8.711  1.00 11.48 ? 3   LCC A N1    1 
HETATM 48  C C6    . LCC A 1 3  ? -7.141  -8.807  -8.748  1.00 11.10 ? 3   LCC A C6    1 
HETATM 49  C C5    . LCC A 1 3  ? -6.792  -7.680  -9.364  1.00 11.82 ? 3   LCC A C5    1 
HETATM 50  C C5M   . LCC A 1 3  ? -7.595  -6.481  -9.362  1.00 13.03 ? 3   LCC A C5M   1 
HETATM 51  C C4    . LCC A 1 3  ? -5.553  -7.745  -10.014 1.00 11.36 ? 3   LCC A C4    1 
HETATM 52  N N4    . LCC A 1 3  ? -5.103  -6.671  -10.714 1.00 13.18 ? 3   LCC A N4    1 
HETATM 53  N N3    . LCC A 1 3  ? -4.715  -8.791  -10.011 1.00 11.28 ? 3   LCC A N3    1 
HETATM 54  C C2    . LCC A 1 3  ? -5.087  -9.895  -9.351  1.00 12.60 ? 3   LCC A C2    1 
HETATM 55  O O2    . LCC A 1 3  ? -4.370  -10.907 -9.306  1.00 13.37 ? 3   LCC A O2    1 
HETATM 56  C "C3'" . LCC A 1 3  ? -6.900  -10.481 -5.943  1.00 14.12 ? 3   LCC A "C3'" 1 
HETATM 57  C "C2'" . LCC A 1 3  ? -6.125  -11.389 -6.690  1.00 13.01 ? 3   LCC A "C2'" 1 
HETATM 58  O "O2'" . LCC A 1 3  ? -6.452  -12.751 -6.238  1.00 13.82 ? 3   LCC A "O2'" 1 
HETATM 59  O "O3'" . LCC A 1 3  ? -6.707  -10.606 -4.499  1.00 14.17 ? 3   LCC A "O3'" 1 
HETATM 60  C "C6'" . LCC A 1 3  ? -7.914  -12.619 -5.897  1.00 12.75 ? 3   LCC A "C6'" 1 
HETATM 61  P P     . LCC A 1 3  ? -10.637 -8.213  -5.878  1.00 13.38 ? 3   LCC A P     1 
HETATM 62  O O1P   . LCC A 1 3  ? -11.069 -8.342  -4.455  1.00 16.19 ? 3   LCC A O1P   1 
HETATM 63  O O2P   . LCC A 1 3  ? -10.249 -6.905  -6.464  1.00 14.04 ? 3   LCC A O2P   1 
ATOM   64  P P     . G   A 1 4  ? -5.925  -9.450  -3.718  1.00 13.82 ? 4   G   A P     1 
ATOM   65  O OP1   . G   A 1 4  ? -6.032  -9.721  -2.235  1.00 17.54 ? 4   G   A OP1   1 
ATOM   66  O OP2   . G   A 1 4  ? -6.269  -8.143  -4.113  1.00 16.26 ? 4   G   A OP2   1 
ATOM   67  O "O5'" . G   A 1 4  ? -4.408  -9.641  -4.196  1.00 11.57 ? 4   G   A "O5'" 1 
ATOM   68  C "C5'" . G   A 1 4  ? -3.750  -10.866 -4.023  1.00 12.85 ? 4   G   A "C5'" 1 
ATOM   69  C "C4'" . G   A 1 4  ? -2.486  -10.893 -4.772  1.00 13.07 ? 4   G   A "C4'" 1 
ATOM   70  O "O4'" . G   A 1 4  ? -2.756  -10.739 -6.197  1.00 11.86 ? 4   G   A "O4'" 1 
ATOM   71  C "C3'" . G   A 1 4  ? -1.445  -9.816  -4.461  1.00 12.05 ? 4   G   A "C3'" 1 
ATOM   72  O "O3'" . G   A 1 4  ? -0.777  -10.159 -3.242  1.00 11.60 ? 4   G   A "O3'" 1 
ATOM   73  C "C2'" . G   A 1 4  ? -0.585  -9.888  -5.712  1.00 11.96 ? 4   G   A "C2'" 1 
ATOM   74  O "O2'" . G   A 1 4  ? 0.294   -11.004 -5.667  1.00 12.88 ? 4   G   A "O2'" 1 
ATOM   75  C "C1'" . G   A 1 4  ? -1.677  -10.027 -6.781  1.00 12.17 ? 4   G   A "C1'" 1 
ATOM   76  N N9    . G   A 1 4  ? -2.149  -8.740  -7.295  1.00 11.24 ? 4   G   A N9    1 
ATOM   77  C C8    . G   A 1 4  ? -3.280  -8.035  -6.972  1.00 11.80 ? 4   G   A C8    1 
ATOM   78  N N7    . G   A 1 4  ? -3.390  -6.906  -7.624  1.00 11.82 ? 4   G   A N7    1 
ATOM   79  C C5    . G   A 1 4  ? -2.230  -6.832  -8.386  1.00 10.95 ? 4   G   A C5    1 
ATOM   80  C C6    . G   A 1 4  ? -1.780  -5.841  -9.299  1.00 11.45 ? 4   G   A C6    1 
ATOM   81  O O6    . G   A 1 4  ? -2.329  -4.762  -9.633  1.00 12.16 ? 4   G   A O6    1 
ATOM   82  N N1    . G   A 1 4  ? -0.538  -6.178  -9.844  1.00 11.01 ? 4   G   A N1    1 
ATOM   83  C C2    . G   A 1 4  ? 0.172   -7.304  -9.548  1.00 11.20 ? 4   G   A C2    1 
ATOM   84  N N2    . G   A 1 4  ? 1.360   -7.441  -10.161 1.00 12.00 ? 4   G   A N2    1 
ATOM   85  N N3    . G   A 1 4  ? -0.243  -8.243  -8.716  1.00 11.58 ? 4   G   A N3    1 
ATOM   86  C C4    . G   A 1 4  ? -1.456  -7.962  -8.201  1.00 10.49 ? 4   G   A C4    1 
ATOM   87  P P     . A   A 1 5  ? -0.403  -9.061  -2.153  1.00 12.49 ? 5   A   A P     1 
ATOM   88  O OP1   . A   A 1 5  ? 0.019   -9.753  -0.917  1.00 14.80 ? 5   A   A OP1   1 
ATOM   89  O OP2   . A   A 1 5  ? -1.459  -8.021  -2.098  1.00 15.08 ? 5   A   A OP2   1 
ATOM   90  O "O5'" . A   A 1 5  ? 0.820   -8.275  -2.801  1.00 12.46 ? 5   A   A "O5'" 1 
ATOM   91  C "C5'" . A   A 1 5  ? 2.117   -8.983  -2.847  1.00 13.49 ? 5   A   A "C5'" 1 
ATOM   92  C "C4'" . A   A 1 5  ? 3.029   -8.322  -3.829  1.00 13.86 ? 5   A   A "C4'" 1 
ATOM   93  O "O4'" . A   A 1 5  ? 2.377   -8.265  -5.135  1.00 13.54 ? 5   A   A "O4'" 1 
ATOM   94  C "C3'" . A   A 1 5  ? 3.310   -6.839  -3.560  1.00 13.54 ? 5   A   A "C3'" 1 
ATOM   95  O "O3'" . A   A 1 5  ? 4.225   -6.787  -2.488  1.00 12.51 ? 5   A   A "O3'" 1 
ATOM   96  C "C2'" . A   A 1 5  ? 3.838   -6.403  -4.908  1.00 13.06 ? 5   A   A "C2'" 1 
ATOM   97  O "O2'" . A   A 1 5  ? 5.103   -6.994  -5.022  1.00 14.63 ? 5   A   A "O2'" 1 
ATOM   98  C "C1'" . A   A 1 5  ? 2.798   -7.077  -5.812  1.00 14.25 ? 5   A   A "C1'" 1 
ATOM   99  N N9    . A   A 1 5  ? 1.621   -6.216  -6.011  1.00 13.45 ? 5   A   A N9    1 
ATOM   100 C C8    . A   A 1 5  ? 0.432   -6.182  -5.322  1.00 14.94 ? 5   A   A C8    1 
ATOM   101 N N7    . A   A 1 5  ? -0.367  -5.204  -5.687  1.00 13.68 ? 5   A   A N7    1 
ATOM   102 C C5    . A   A 1 5  ? 0.314   -4.600  -6.744  1.00 14.58 ? 5   A   A C5    1 
ATOM   103 C C6    . A   A 1 5  ? -0.020  -3.535  -7.606  1.00 13.06 ? 5   A   A C6    1 
ATOM   104 N N6    . A   A 1 5  ? -1.172  -2.845  -7.524  1.00 14.15 ? 5   A   A N6    1 
ATOM   105 N N1    . A   A 1 5  ? 0.902   -3.160  -8.527  1.00 13.82 ? 5   A   A N1    1 
ATOM   106 C C2    . A   A 1 5  ? 2.070   -3.806  -8.568  1.00 14.01 ? 5   A   A C2    1 
ATOM   107 N N3    . A   A 1 5  ? 2.499   -4.822  -7.812  1.00 13.98 ? 5   A   A N3    1 
ATOM   108 C C4    . A   A 1 5  ? 1.560   -5.174  -6.912  1.00 14.22 ? 5   A   A C4    1 
ATOM   109 P P     . C   A 1 6  ? 4.355   -5.493  -1.535  1.00 14.31 ? 6   C   A P     1 
ATOM   110 O OP1   . C   A 1 6  ? 5.348   -5.824  -0.495  1.00 17.93 ? 6   C   A OP1   1 
ATOM   111 O OP2   . C   A 1 6  ? 2.995   -5.016  -1.227  1.00 18.13 ? 6   C   A OP2   1 
ATOM   112 O "O5'" . C   A 1 6  ? 5.016   -4.364  -2.428  1.00 14.08 ? 6   C   A "O5'" 1 
ATOM   113 C "C5'" . C   A 1 6  ? 6.297   -4.520  -3.011  1.00 13.96 ? 6   C   A "C5'" 1 
ATOM   114 C "C4'" . C   A 1 6  ? 6.487   -3.549  -4.159  1.00 14.18 ? 6   C   A "C4'" 1 
ATOM   115 O "O4'" . C   A 1 6  ? 5.468   -3.759  -5.179  1.00 14.07 ? 6   C   A "O4'" 1 
ATOM   116 C "C3'" . C   A 1 6  ? 6.388   -2.051  -3.845  1.00 13.09 ? 6   C   A "C3'" 1 
ATOM   117 O "O3'" . C   A 1 6  ? 7.604   -1.620  -3.250  1.00 15.24 ? 6   C   A "O3'" 1 
ATOM   118 C "C2'" . C   A 1 6  ? 6.172   -1.514  -5.242  1.00 14.89 ? 6   C   A "C2'" 1 
ATOM   119 O "O2'" . C   A 1 6  ? 7.369   -1.501  -6.031  1.00 16.55 ? 6   C   A "O2'" 1 
ATOM   120 C "C1'" . C   A 1 6  ? 5.151   -2.514  -5.787  1.00 13.59 ? 6   C   A "C1'" 1 
ATOM   121 N N1    . C   A 1 6  ? 3.715   -2.215  -5.516  1.00 13.81 ? 6   C   A N1    1 
ATOM   122 C C2    . C   A 1 6  ? 3.111   -1.220  -6.285  1.00 14.77 ? 6   C   A C2    1 
ATOM   123 O O2    . C   A 1 6  ? 3.777   -0.676  -7.186  1.00 16.39 ? 6   C   A O2    1 
ATOM   124 N N3    . C   A 1 6  ? 1.811   -0.928  -6.073  1.00 14.18 ? 6   C   A N3    1 
ATOM   125 C C4    . C   A 1 6  ? 1.141   -1.530  -5.089  1.00 13.41 ? 6   C   A C4    1 
ATOM   126 N N4    . C   A 1 6  ? -0.145  -1.242  -4.941  1.00 14.70 ? 6   C   A N4    1 
ATOM   127 C C5    . C   A 1 6  ? 1.737   -2.524  -4.274  1.00 13.48 ? 6   C   A C5    1 
ATOM   128 C C6    . C   A 1 6  ? 3.022   -2.816  -4.500  1.00 13.42 ? 6   C   A C6    1 
ATOM   129 P P     . U   A 1 7  ? 7.670   -0.294  -2.384  1.00 16.09 ? 7   U   A P     1 
ATOM   130 O OP1   . U   A 1 7  ? 9.079   -0.205  -1.884  1.00 17.70 ? 7   U   A OP1   1 
ATOM   131 O OP2   . U   A 1 7  ? 6.635   -0.260  -1.473  1.00 15.70 ? 7   U   A OP2   1 
ATOM   132 O "O5'" . U   A 1 7  ? 7.356   0.909   -3.361  1.00 16.00 ? 7   U   A "O5'" 1 
ATOM   133 C "C5'" . U   A 1 7  ? 8.347   1.321   -4.356  1.00 15.64 ? 7   U   A "C5'" 1 
ATOM   134 C "C4'" . U   A 1 7  ? 7.796   2.471   -5.153  1.00 15.94 ? 7   U   A "C4'" 1 
ATOM   135 O "O4'" . U   A 1 7  ? 6.584   2.076   -5.859  1.00 14.63 ? 7   U   A "O4'" 1 
ATOM   136 C "C3'" . U   A 1 7  ? 7.337   3.667   -4.344  1.00 15.84 ? 7   U   A "C3'" 1 
ATOM   137 O "O3'" . U   A 1 7  ? 8.464   4.404   -3.903  1.00 13.12 ? 7   U   A "O3'" 1 
ATOM   138 C "C2'" . U   A 1 7  ? 6.488   4.382   -5.369  1.00 16.21 ? 7   U   A "C2'" 1 
ATOM   139 O "O2'" . U   A 1 7  ? 7.207   5.039   -6.422  1.00 16.51 ? 7   U   A "O2'" 1 
ATOM   140 C "C1'" . U   A 1 7  ? 5.718   3.190   -5.945  1.00 15.51 ? 7   U   A "C1'" 1 
ATOM   141 N N1    . U   A 1 7  ? 4.431   2.841   -5.300  1.00 14.71 ? 7   U   A N1    1 
ATOM   142 C C2    . U   A 1 7  ? 3.353   3.629   -5.641  1.00 15.89 ? 7   U   A C2    1 
ATOM   143 O O2    . U   A 1 7  ? 3.457   4.612   -6.361  1.00 15.90 ? 7   U   A O2    1 
ATOM   144 N N3    . U   A 1 7  ? 2.153   3.221   -5.119  1.00 14.47 ? 7   U   A N3    1 
ATOM   145 C C4    . U   A 1 7  ? 1.923   2.110   -4.326  1.00 15.41 ? 7   U   A C4    1 
ATOM   146 O O4    . U   A 1 7  ? 0.778   1.803   -4.035  1.00 15.95 ? 7   U   A O4    1 
ATOM   147 C C5    . U   A 1 7  ? 3.096   1.411   -3.938  1.00 15.10 ? 7   U   A C5    1 
ATOM   148 C C6    . U   A 1 7  ? 4.284   1.766   -4.460  1.00 14.32 ? 7   U   A C6    1 
ATOM   149 P P     . U   A 1 8  ? 8.494   5.087   -2.518  1.00 14.28 ? 8   U   A P     1 
ATOM   150 O OP1   . U   A 1 8  ? 9.864   5.683   -2.322  1.00 19.13 ? 8   U   A OP1   1 
ATOM   151 O OP2   . U   A 1 8  ? 7.917   4.292   -1.464  1.00 15.70 ? 8   U   A OP2   1 
ATOM   152 O "O5'" . U   A 1 8  ? 7.460   6.290   -2.634  1.00 14.22 ? 8   U   A "O5'" 1 
ATOM   153 C "C5'" . U   A 1 8  ? 7.795   7.409   -3.496  1.00 14.18 ? 8   U   A "C5'" 1 
ATOM   154 C "C4'" . U   A 1 8  ? 6.592   8.326   -3.635  1.00 14.71 ? 8   U   A "C4'" 1 
ATOM   155 O "O4'" . U   A 1 8  ? 5.554   7.654   -4.397  1.00 14.45 ? 8   U   A "O4'" 1 
ATOM   156 C "C3'" . U   A 1 8  ? 5.869   8.752   -2.363  1.00 14.90 ? 8   U   A "C3'" 1 
ATOM   157 O "O3'" . U   A 1 8  ? 6.592   9.691   -1.605  1.00 14.81 ? 8   U   A "O3'" 1 
ATOM   158 C "C2'" . U   A 1 8  ? 4.551   9.222   -2.932  1.00 14.48 ? 8   U   A "C2'" 1 
ATOM   159 O "O2'" . U   A 1 8  ? 4.764   10.465  -3.585  1.00 16.35 ? 8   U   A "O2'" 1 
ATOM   160 C "C1'" . U   A 1 8  ? 4.282   8.114   -3.974  1.00 13.23 ? 8   U   A "C1'" 1 
ATOM   161 N N1    . U   A 1 8  ? 3.533   6.962   -3.418  1.00 13.96 ? 8   U   A N1    1 
ATOM   162 C C2    . U   A 1 8  ? 2.168   7.114   -3.375  1.00 13.97 ? 8   U   A C2    1 
ATOM   163 O O2    . U   A 1 8  ? 1.613   8.104   -3.807  1.00 17.00 ? 8   U   A O2    1 
ATOM   164 N N3    . U   A 1 8  ? 1.482   6.076   -2.813  1.00 14.45 ? 8   U   A N3    1 
ATOM   165 C C4    . U   A 1 8  ? 2.011   4.920   -2.289  1.00 13.37 ? 8   U   A C4    1 
ATOM   166 O O4    . U   A 1 8  ? 1.256   4.050   -1.842  1.00 15.95 ? 8   U   A O4    1 
ATOM   167 C C5    . U   A 1 8  ? 3.434   4.826   -2.370  1.00 13.87 ? 8   U   A C5    1 
ATOM   168 C C6    . U   A 1 8  ? 4.138   5.842   -2.885  1.00 14.61 ? 8   U   A C6    1 
ATOM   169 P P     . A   A 1 9  ? 6.459   9.803   -0.064  1.00 15.50 ? 9   A   A P     1 
ATOM   170 O OP1   . A   A 1 9  ? 7.435   10.851  0.319   1.00 17.32 ? 9   A   A OP1   1 
ATOM   171 O OP2   . A   A 1 9  ? 6.559   8.454   0.532   1.00 16.16 ? 9   A   A OP2   1 
ATOM   172 O "O5'" . A   A 1 9  ? 4.965   10.304  0.237   1.00 15.20 ? 9   A   A "O5'" 1 
ATOM   173 C "C5'" . A   A 1 9  ? 4.626   11.649  -0.122  1.00 15.42 ? 9   A   A "C5'" 1 
ATOM   174 C "C4'" . A   A 1 9  ? 3.135   11.807  -0.062  1.00 14.66 ? 9   A   A "C4'" 1 
ATOM   175 O "O4'" . A   A 1 9  ? 2.485   10.850  -0.927  1.00 14.20 ? 9   A   A "O4'" 1 
ATOM   176 C "C3'" . A   A 1 9  ? 2.468   11.602  1.286   1.00 15.20 ? 9   A   A "C3'" 1 
ATOM   177 O "O3'" . A   A 1 9  ? 2.634   12.754  2.085   1.00 14.60 ? 9   A   A "O3'" 1 
ATOM   178 C "C2'" . A   A 1 9  ? 1.028   11.399  0.872   1.00 14.01 ? 9   A   A "C2'" 1 
ATOM   179 O "O2'" . A   A 1 9  ? 0.418   12.624  0.511   1.00 15.77 ? 9   A   A "O2'" 1 
ATOM   180 C "C1'" . A   A 1 9  ? 1.223   10.521  -0.354  1.00 12.63 ? 9   A   A "C1'" 1 
ATOM   181 N N9    . A   A 1 9  ? 1.227   9.096   -0.024  1.00 13.00 ? 9   A   A N9    1 
ATOM   182 C C8    . A   A 1 9  ? 2.285   8.213   0.064   1.00 14.25 ? 9   A   A C8    1 
ATOM   183 N N7    . A   A 1 9  ? 1.925   6.994   0.385   1.00 13.73 ? 9   A   A N7    1 
ATOM   184 C C5    . A   A 1 9  ? 0.544   7.080   0.517   1.00 13.31 ? 9   A   A C5    1 
ATOM   185 C C6    . A   A 1 9  ? -0.435  6.130   0.841   1.00 14.17 ? 9   A   A C6    1 
ATOM   186 N N6    . A   A 1 9  ? -0.167  4.848   1.094   1.00 14.81 ? 9   A   A N6    1 
ATOM   187 N N1    . A   A 1 9  ? -1.716  6.545   0.898   1.00 14.15 ? 9   A   A N1    1 
ATOM   188 C C2    . A   A 1 9  ? -1.985  7.838   0.666   1.00 15.22 ? 9   A   A C2    1 
ATOM   189 N N3    . A   A 1 9  ? -1.156  8.818   0.337   1.00 14.41 ? 9   A   A N3    1 
ATOM   190 C C4    . A   A 1 9  ? 0.112   8.374   0.302   1.00 13.61 ? 9   A   A C4    1 
ATOM   191 P P     . A   A 1 10 ? 2.635   12.643  3.684   1.00 16.85 ? 10  A   A P     1 
ATOM   192 O OP1   . A   A 1 10 ? 3.138   13.943  4.197   1.00 17.24 ? 10  A   A OP1   1 
ATOM   193 O OP2   . A   A 1 10 ? 3.276   11.391  4.103   1.00 17.73 ? 10  A   A OP2   1 
ATOM   194 O "O5'" . A   A 1 10 ? 1.107   12.417  4.059   1.00 17.34 ? 10  A   A "O5'" 1 
ATOM   195 C "C5'" . A   A 1 10 ? 0.186   13.526  4.081   1.00 18.21 ? 10  A   A "C5'" 1 
ATOM   196 C "C4'" . A   A 1 10 ? -1.184  12.990  4.378   1.00 16.14 ? 10  A   A "C4'" 1 
ATOM   197 O "O4'" . A   A 1 10 ? -1.615  12.023  3.382   1.00 15.22 ? 10  A   A "O4'" 1 
ATOM   198 C "C3'" . A   A 1 10 ? -1.403  12.262  5.696   1.00 19.25 ? 10  A   A "C3'" 1 
ATOM   199 O "O3'" . A   A 1 10 ? -1.471  13.251  6.661   1.00 20.98 ? 10  A   A "O3'" 1 
ATOM   200 C "C2'" . A   A 1 10 ? -2.741  11.625  5.421   1.00 15.37 ? 10  A   A "C2'" 1 
ATOM   201 O "O2'" . A   A 1 10 ? -3.811  12.581  5.414   1.00 16.36 ? 10  A   A "O2'" 1 
ATOM   202 C "C1'" . A   A 1 10 ? -2.491  11.099  4.015   1.00 15.61 ? 10  A   A "C1'" 1 
ATOM   203 N N9    . A   A 1 10 ? -1.783  9.835   4.045   1.00 14.45 ? 10  A   A N9    1 
ATOM   204 C C8    . A   A 1 10 ? -0.435  9.606   3.879   1.00 16.10 ? 10  A   A C8    1 
ATOM   205 N N7    . A   A 1 10 ? -0.104  8.339   3.968   1.00 15.70 ? 10  A   A N7    1 
ATOM   206 C C5    . A   A 1 10 ? -1.308  7.694   4.197   1.00 15.23 ? 10  A   A C5    1 
ATOM   207 C C6    . A   A 1 10 ? -1.644  6.331   4.307   1.00 13.86 ? 10  A   A C6    1 
ATOM   208 N N6    . A   A 1 10 ? -0.753  5.343   4.222   1.00 15.95 ? 10  A   A N6    1 
ATOM   209 N N1    . A   A 1 10 ? -2.935  6.019   4.584   1.00 15.15 ? 10  A   A N1    1 
ATOM   210 C C2    . A   A 1 10 ? -3.832  7.023   4.662   1.00 16.11 ? 10  A   A C2    1 
ATOM   211 N N3    . A   A 1 10 ? -3.641  8.332   4.513   1.00 14.32 ? 10  A   A N3    1 
ATOM   212 C C4    . A   A 1 10 ? -2.352  8.599   4.243   1.00 14.62 ? 10  A   A C4    1 
ATOM   213 P P     . G   A 1 11 ? -1.020  12.905  8.191   1.00 24.47 ? 11  G   A P     1 
ATOM   214 O OP1   . G   A 1 11 ? -1.247  14.144  8.898   1.00 28.45 ? 11  G   A OP1   1 
ATOM   215 O OP2   . G   A 1 11 ? 0.221   12.142  8.142   1.00 25.69 ? 11  G   A OP2   1 
ATOM   216 O "O5'" . G   A 1 11 ? -1.926  11.673  8.624   1.00 26.74 ? 11  G   A "O5'" 1 
ATOM   217 C "C5'" . G   A 1 11 ? -3.264  11.904  8.957   1.00 26.47 ? 11  G   A "C5'" 1 
ATOM   218 C "C4'" . G   A 1 11 ? -3.960  10.576  9.160   1.00 24.30 ? 11  G   A "C4'" 1 
ATOM   219 O "O4'" . G   A 1 11 ? -3.736  9.735   7.987   1.00 22.91 ? 11  G   A "O4'" 1 
ATOM   220 C "C3'" . G   A 1 11 ? -3.598  9.612   10.291  1.00 22.65 ? 11  G   A "C3'" 1 
ATOM   221 O "O3'" . G   A 1 11 ? -4.104  10.040  11.563  1.00 21.71 ? 11  G   A "O3'" 1 
ATOM   222 C "C2'" . G   A 1 11 ? -4.386  8.404   9.800   1.00 20.33 ? 11  G   A "C2'" 1 
ATOM   223 O "O2'" . G   A 1 11 ? -5.796  8.550   9.878   1.00 21.56 ? 11  G   A "O2'" 1 
ATOM   224 C "C1'" . G   A 1 11 ? -3.967  8.368   8.334   1.00 22.46 ? 11  G   A "C1'" 1 
ATOM   225 N N9    . G   A 1 11 ? -2.768  7.566   8.055   1.00 20.69 ? 11  G   A N9    1 
ATOM   226 C C8    . G   A 1 11 ? -1.499  8.001   7.763   1.00 17.28 ? 11  G   A C8    1 
ATOM   227 N N7    . G   A 1 11 ? -0.648  7.025   7.575   1.00 18.22 ? 11  G   A N7    1 
ATOM   228 C C5    . G   A 1 11 ? -1.409  5.870   7.725   1.00 16.96 ? 11  G   A C5    1 
ATOM   229 C C6    . G   A 1 11 ? -1.039  4.496   7.586   1.00 14.64 ? 11  G   A C6    1 
ATOM   230 O O6    . G   A 1 11 ? 0.077   4.016   7.331   1.00 16.75 ? 11  G   A O6    1 
ATOM   231 N N1    . G   A 1 11 ? -2.121  3.663   7.809   1.00 16.54 ? 11  G   A N1    1 
ATOM   232 C C2    . G   A 1 11 ? -3.394  4.081   8.123   1.00 17.00 ? 11  G   A C2    1 
ATOM   233 N N2    . G   A 1 11 ? -4.296  3.115   8.352   1.00 18.80 ? 11  G   A N2    1 
ATOM   234 N N3    . G   A 1 11 ? -3.757  5.354   8.248   1.00 17.30 ? 11  G   A N3    1 
ATOM   235 C C4    . G   A 1 11 ? -2.720  6.186   8.020   1.00 16.75 ? 11  G   A C4    1 
ATOM   236 P P     . U   A 1 12 ? -3.598  9.507   12.960  1.00 22.90 ? 12  U   A P     1 
ATOM   237 O OP1   . U   A 1 12 ? -4.367  10.315  13.966  1.00 29.94 ? 12  U   A OP1   1 
ATOM   238 O OP2   . U   A 1 12 ? -2.141  9.409   12.956  1.00 25.08 ? 12  U   A OP2   1 
ATOM   239 O "O5'" . U   A 1 12 ? -4.177  8.047   13.089  1.00 25.00 ? 12  U   A "O5'" 1 
ATOM   240 C "C5'" . U   A 1 12 ? -5.581  7.780   13.190  1.00 24.11 ? 12  U   A "C5'" 1 
ATOM   241 C "C4'" . U   A 1 12 ? -5.731  6.280   13.234  1.00 26.31 ? 12  U   A "C4'" 1 
ATOM   242 O "O4'" . U   A 1 12 ? -5.305  5.752   11.953  1.00 21.37 ? 12  U   A "O4'" 1 
ATOM   243 C "C3'" . U   A 1 12 ? -4.868  5.500   14.226  1.00 22.21 ? 12  U   A "C3'" 1 
ATOM   244 O "O3'" . U   A 1 12 ? -5.431  5.517   15.536  1.00 25.01 ? 12  U   A "O3'" 1 
ATOM   245 C "C2'" . U   A 1 12 ? -4.939  4.116   13.619  1.00 21.76 ? 12  U   A "C2'" 1 
ATOM   246 O "O2'" . U   A 1 12 ? -6.215  3.537   13.734  1.00 28.36 ? 12  U   A "O2'" 1 
ATOM   247 C "C1'" . U   A 1 12 ? -4.721  4.463   12.148  1.00 21.46 ? 12  U   A "C1'" 1 
ATOM   248 N N1    . U   A 1 12 ? -3.307  4.493   11.736  1.00 18.86 ? 12  U   A N1    1 
ATOM   249 C C2    . U   A 1 12 ? -2.739  3.265   11.444  1.00 20.68 ? 12  U   A C2    1 
ATOM   250 O O2    . U   A 1 12 ? -3.337  2.211   11.629  1.00 21.33 ? 12  U   A O2    1 
ATOM   251 N N3    . U   A 1 12 ? -1.413  3.314   11.056  1.00 18.62 ? 12  U   A N3    1 
ATOM   252 C C4    . U   A 1 12 ? -0.646  4.446   10.879  1.00 18.96 ? 12  U   A C4    1 
ATOM   253 O O4    . U   A 1 12 ? 0.498   4.353   10.441  1.00 19.84 ? 12  U   A O4    1 
ATOM   254 C C5    . U   A 1 12 ? -1.307  5.669   11.216  1.00 17.36 ? 12  U   A C5    1 
ATOM   255 C C6    . U   A 1 12 ? -2.572  5.647   11.653  1.00 19.32 ? 12  U   A C6    1 
ATOM   256 P P     . C   A 1 13 ? -4.531  5.428   16.795  1.00 23.29 ? 13  C   A P     1 
ATOM   257 O OP1   . C   A 1 13 ? -5.459  5.687   17.953  1.00 27.82 ? 13  C   A OP1   1 
ATOM   258 O OP2   . C   A 1 13 ? -3.312  6.171   16.667  1.00 23.96 ? 13  C   A OP2   1 
ATOM   259 O "O5'" . C   A 1 13 ? -4.109  3.896   16.876  1.00 24.41 ? 13  C   A "O5'" 1 
ATOM   260 C "C5'" . C   A 1 13 ? -5.098  2.893   17.049  1.00 22.00 ? 13  C   A "C5'" 1 
ATOM   261 C "C4'" . C   A 1 13 ? -4.523  1.522   16.777  1.00 21.11 ? 13  C   A "C4'" 1 
ATOM   262 O "O4'" . C   A 1 13 ? -4.093  1.473   15.385  1.00 21.36 ? 13  C   A "O4'" 1 
ATOM   263 C "C3'" . C   A 1 13 ? -3.273  1.098   17.527  1.00 22.44 ? 13  C   A "C3'" 1 
ATOM   264 O "O3'" . C   A 1 13 ? -3.586  0.613   18.815  1.00 23.69 ? 13  C   A "O3'" 1 
ATOM   265 C "C2'" . C   A 1 13 ? -2.789  -0.030  16.638  1.00 19.34 ? 13  C   A "C2'" 1 
ATOM   266 O "O2'" . C   A 1 13 ? -3.528  -1.236  16.688  1.00 22.36 ? 13  C   A "O2'" 1 
ATOM   267 C "C1'" . C   A 1 13 ? -2.961  0.649   15.287  1.00 19.52 ? 13  C   A "C1'" 1 
ATOM   268 N N1    . C   A 1 13 ? -1.809  1.457   14.854  1.00 20.32 ? 13  C   A N1    1 
ATOM   269 C C2    . C   A 1 13 ? -0.749  0.774   14.253  1.00 16.68 ? 13  C   A C2    1 
ATOM   270 O O2    . C   A 1 13 ? -0.810  -0.449  14.181  1.00 22.31 ? 13  C   A O2    1 
ATOM   271 N N3    . C   A 1 13 ? 0.313   1.470   13.792  1.00 19.27 ? 13  C   A N3    1 
ATOM   272 C C4    . C   A 1 13 ? 0.332   2.799   13.910  1.00 17.54 ? 13  C   A C4    1 
ATOM   273 N N4    . C   A 1 13 ? 1.395   3.448   13.466  1.00 21.25 ? 13  C   A N4    1 
ATOM   274 C C5    . C   A 1 13 ? -0.704  3.515   14.584  1.00 21.13 ? 13  C   A C5    1 
ATOM   275 C C6    . C   A 1 13 ? -1.758  2.818   15.004  1.00 18.70 ? 13  C   A C6    1 
ATOM   276 P P     . G   A 1 14 ? -2.538  0.880   19.959  1.00 25.42 ? 14  G   A P     1 
ATOM   277 O OP1   . G   A 1 14 ? -3.146  0.345   21.193  1.00 30.44 ? 14  G   A OP1   1 
ATOM   278 O OP2   . G   A 1 14 ? -2.107  2.307   19.916  1.00 30.34 ? 14  G   A OP2   1 
ATOM   279 O "O5'" . G   A 1 14 ? -1.287  -0.041  19.624  1.00 24.23 ? 14  G   A "O5'" 1 
ATOM   280 C "C5'" . G   A 1 14 ? -1.385  -1.459  19.691  1.00 23.40 ? 14  G   A "C5'" 1 
ATOM   281 C "C4'" . G   A 1 14 ? -0.127  -2.046  19.138  1.00 23.66 ? 14  G   A "C4'" 1 
ATOM   282 O "O4'" . G   A 1 14 ? 0.019   -1.647  17.737  1.00 22.11 ? 14  G   A "O4'" 1 
ATOM   283 C "C3'" . G   A 1 14 ? 1.185   -1.597  19.745  1.00 26.03 ? 14  G   A "C3'" 1 
ATOM   284 O "O3'" . G   A 1 14 ? 1.391   -2.153  21.040  1.00 30.91 ? 14  G   A "O3'" 1 
ATOM   285 C "C2'" . G   A 1 14 ? 2.178   -2.041  18.680  1.00 24.28 ? 14  G   A "C2'" 1 
ATOM   286 O "O2'" . G   A 1 14 ? 2.378   -3.420  18.800  1.00 25.41 ? 14  G   A "O2'" 1 
ATOM   287 C "C1'" . G   A 1 14 ? 1.402   -1.702  17.399  1.00 21.93 ? 14  G   A "C1'" 1 
ATOM   288 N N9    . G   A 1 14 ? 1.871   -0.431  16.861  1.00 19.96 ? 14  G   A N9    1 
ATOM   289 C C8    . G   A 1 14 ? 1.352   0.826   17.065  1.00 19.31 ? 14  G   A C8    1 
ATOM   290 N N7    . G   A 1 14 ? 2.084   1.776   16.552  1.00 20.61 ? 14  G   A N7    1 
ATOM   291 C C5    . G   A 1 14 ? 3.163   1.111   15.985  1.00 20.29 ? 14  G   A C5    1 
ATOM   292 C C6    . G   A 1 14 ? 4.273   1.608   15.243  1.00 19.19 ? 14  G   A C6    1 
ATOM   293 O O6    . G   A 1 14 ? 4.553   2.772   14.951  1.00 20.08 ? 14  G   A O6    1 
ATOM   294 N N1    . G   A 1 14 ? 5.144   0.588   14.888  1.00 19.18 ? 14  G   A N1    1 
ATOM   295 C C2    . G   A 1 14 ? 4.971   -0.737  15.176  1.00 18.69 ? 14  G   A C2    1 
ATOM   296 N N2    . G   A 1 14 ? 5.943   -1.553  14.740  1.00 22.53 ? 14  G   A N2    1 
ATOM   297 N N3    . G   A 1 14 ? 3.928   -1.229  15.826  1.00 19.30 ? 14  G   A N3    1 
ATOM   298 C C4    . G   A 1 14 ? 3.068   -0.252  16.207  1.00 21.03 ? 14  G   A C4    1 
HETATM 299 O "O5'" . LCC B 1 1  ? 16.019  12.443  11.377  1.00 43.24 ? 1   LCC B "O5'" 1 
HETATM 300 C "C5'" . LCC B 1 1  ? 17.116  11.557  11.519  1.00 37.48 ? 1   LCC B "C5'" 1 
HETATM 301 C "C4'" . LCC B 1 1  ? 16.657  10.284  12.240  1.00 34.28 ? 1   LCC B "C4'" 1 
HETATM 302 O "O4'" . LCC B 1 1  ? 16.235  10.451  13.566  1.00 31.79 ? 1   LCC B "O4'" 1 
HETATM 303 C "C1'" . LCC B 1 1  ? 15.614  9.331   13.978  1.00 27.15 ? 1   LCC B "C1'" 1 
HETATM 304 N N1    . LCC B 1 1  ? 14.241  9.538   14.487  1.00 27.48 ? 1   LCC B N1    1 
HETATM 305 C C6    . LCC B 1 1  ? 13.587  10.702  14.212  1.00 28.75 ? 1   LCC B C6    1 
HETATM 306 C C5    . LCC B 1 1  ? 12.300  10.891  14.674  1.00 30.81 ? 1   LCC B C5    1 
HETATM 307 C C5M   . LCC B 1 1  ? 11.645  12.085  14.382  1.00 34.28 ? 1   LCC B C5M   1 
HETATM 308 C C4    . LCC B 1 1  ? 11.707  9.919   15.439  1.00 28.94 ? 1   LCC B C4    1 
HETATM 309 N N4    . LCC B 1 1  ? 10.474  10.150  15.902  1.00 30.87 ? 1   LCC B N4    1 
HETATM 310 N N3    . LCC B 1 1  ? 12.402  8.807   15.683  1.00 24.00 ? 1   LCC B N3    1 
HETATM 311 C C2    . LCC B 1 1  ? 13.621  8.635   15.206  1.00 23.10 ? 1   LCC B C2    1 
HETATM 312 O O2    . LCC B 1 1  ? 14.191  7.600   15.456  1.00 26.36 ? 1   LCC B O2    1 
HETATM 313 C "C3'" . LCC B 1 1  ? 15.451  9.586   11.688  1.00 34.82 ? 1   LCC B "C3'" 1 
HETATM 314 C "C2'" . LCC B 1 1  ? 15.690  8.500   12.696  1.00 29.95 ? 1   LCC B "C2'" 1 
HETATM 315 O "O2'" . LCC B 1 1  ? 17.055  8.117   12.547  1.00 30.18 ? 1   LCC B "O2'" 1 
HETATM 316 O "O3'" . LCC B 1 1  ? 15.645  9.162   10.377  1.00 32.35 ? 1   LCC B "O3'" 1 
HETATM 317 C "C6'" . LCC B 1 1  ? 17.734  9.237   12.088  1.00 33.87 ? 1   LCC B "C6'" 1 
HETATM 318 O "O5'" . LCC B 1 2  ? 14.545  6.750   10.116  1.00 25.85 ? 2   LCC B "O5'" 1 
HETATM 319 C "C5'" . LCC B 1 2  ? 15.571  5.857   10.155  1.00 26.80 ? 2   LCC B "C5'" 1 
HETATM 320 C "C4'" . LCC B 1 2  ? 15.091  4.675   11.017  1.00 27.04 ? 2   LCC B "C4'" 1 
HETATM 321 O "O4'" . LCC B 1 2  ? 14.842  5.041   12.309  1.00 26.12 ? 2   LCC B "O4'" 1 
HETATM 322 C "C1'" . LCC B 1 2  ? 14.002  4.134   12.822  1.00 24.37 ? 2   LCC B "C1'" 1 
HETATM 323 N N1    . LCC B 1 2  ? 12.710  4.665   13.260  1.00 21.80 ? 2   LCC B N1    1 
HETATM 324 C C6    . LCC B 1 2  ? 12.282  5.942   12.898  1.00 20.40 ? 2   LCC B C6    1 
HETATM 325 C C5    . LCC B 1 2  ? 11.071  6.352   13.401  1.00 22.60 ? 2   LCC B C5    1 
HETATM 326 C C5M   . LCC B 1 2  ? 10.563  7.589   13.103  1.00 24.92 ? 2   LCC B C5M   1 
HETATM 327 C C4    . LCC B 1 2  ? 10.381  5.508   14.208  1.00 21.89 ? 2   LCC B C4    1 
HETATM 328 N N4    . LCC B 1 2  ? 9.213   5.829   14.685  1.00 24.31 ? 2   LCC B N4    1 
HETATM 329 N N3    . LCC B 1 2  ? 10.847  4.344   14.494  1.00 24.21 ? 2   LCC B N3    1 
HETATM 330 C C2    . LCC B 1 2  ? 11.983  3.919   14.035  1.00 22.29 ? 2   LCC B C2    1 
HETATM 331 O O2    . LCC B 1 2  ? 12.288  2.803   14.395  1.00 23.69 ? 2   LCC B O2    1 
HETATM 332 C "C3'" . LCC B 1 2  ? 13.785  4.055   10.599  1.00 24.68 ? 2   LCC B "C3'" 1 
HETATM 333 C "C2'" . LCC B 1 2  ? 13.870  3.147   11.686  1.00 23.88 ? 2   LCC B "C2'" 1 
HETATM 334 O "O2'" . LCC B 1 2  ? 15.183  2.537   11.556  1.00 24.44 ? 2   LCC B "O2'" 1 
HETATM 335 O "O3'" . LCC B 1 2  ? 13.898  3.367   9.370   1.00 28.10 ? 2   LCC B "O3'" 1 
HETATM 336 C "C6'" . LCC B 1 2  ? 16.047  3.472   10.979  1.00 26.12 ? 2   LCC B "C6'" 1 
HETATM 337 P P     . LCC B 1 2  ? 14.652  8.147   9.500   1.00 28.41 ? 2   LCC B P     1 
HETATM 338 O O1P   . LCC B 1 2  ? 13.442  8.797   9.544   1.00 25.91 ? 2   LCC B O1P   1 
HETATM 339 O O2P   . LCC B 1 2  ? 15.360  8.073   8.336   1.00 29.90 ? 2   LCC B O2P   1 
HETATM 340 O "O5'" . LCC B 1 3  ? 12.043  1.769   9.255   1.00 21.36 ? 3   LCC B "O5'" 1 
HETATM 341 C "C5'" . LCC B 1 3  ? 12.815  0.597   9.499   1.00 22.30 ? 3   LCC B "C5'" 1 
HETATM 342 C "C4'" . LCC B 1 3  ? 11.990  -0.349  10.308  1.00 20.27 ? 3   LCC B "C4'" 1 
HETATM 343 O "O4'" . LCC B 1 3  ? 11.801  0.187   11.687  1.00 19.59 ? 3   LCC B "O4'" 1 
HETATM 344 C "C1'" . LCC B 1 3  ? 10.595  -0.432  12.146  1.00 17.44 ? 3   LCC B "C1'" 1 
HETATM 345 N N1    . LCC B 1 3  ? 9.548   0.563   12.342  1.00 17.73 ? 3   LCC B N1    1 
HETATM 346 C C6    . LCC B 1 3  ? 9.684   1.836   11.808  1.00 16.98 ? 3   LCC B C6    1 
HETATM 347 C C5    . LCC B 1 3  ? 8.738   2.829   12.003  1.00 17.19 ? 3   LCC B C5    1 
HETATM 348 C C5M   . LCC B 1 3  ? 8.909   4.123   11.439  1.00 19.46 ? 3   LCC B C5M   1 
HETATM 349 C C4    . LCC B 1 3  ? 7.668   2.410   12.837  1.00 17.88 ? 3   LCC B C4    1 
HETATM 350 N N4    . LCC B 1 3  ? 6.643   3.230   13.122  1.00 21.15 ? 3   LCC B N4    1 
HETATM 351 N N3    . LCC B 1 3  ? 7.522   1.200   13.327  1.00 17.92 ? 3   LCC B N3    1 
HETATM 352 C C2    . LCC B 1 3  ? 8.426   0.255   13.067  1.00 17.82 ? 3   LCC B C2    1 
HETATM 353 O O2    . LCC B 1 3  ? 8.283   -0.877  13.524  1.00 20.45 ? 3   LCC B O2    1 
HETATM 354 C "C3'" . LCC B 1 3  ? 10.575  -0.575  9.831   1.00 20.95 ? 3   LCC B "C3'" 1 
HETATM 355 C "C2'" . LCC B 1 3  ? 10.311  -1.445  10.986  1.00 20.59 ? 3   LCC B "C2'" 1 
HETATM 356 O "O2'" . LCC B 1 3  ? 11.378  -2.410  11.063  1.00 20.27 ? 3   LCC B "O2'" 1 
HETATM 357 O "O3'" . LCC B 1 3  ? 10.562  -1.334  8.570   1.00 21.76 ? 3   LCC B "O3'" 1 
HETATM 358 C "C6'" . LCC B 1 3  ? 12.515  -1.736  10.417  1.00 22.39 ? 3   LCC B "C6'" 1 
HETATM 359 P P     . LCC B 1 3  ? 12.559  2.970   8.433   1.00 24.84 ? 3   LCC B P     1 
HETATM 360 O O1P   . LCC B 1 3  ? 11.604  4.083   8.465   1.00 27.53 ? 3   LCC B O1P   1 
HETATM 361 O O2P   . LCC B 1 3  ? 13.236  2.540   7.148   1.00 27.55 ? 3   LCC B O2P   1 
ATOM   362 P P     . G   B 1 4  ? 9.248   -1.289  7.603   1.00 24.40 ? 4   G   B P     1 
ATOM   363 O OP1   . G   B 1 4  ? 9.754   -1.839  6.274   1.00 28.78 ? 4   G   B OP1   1 
ATOM   364 O OP2   . G   B 1 4  ? 8.615   -0.006  7.646   1.00 24.34 ? 4   G   B OP2   1 
ATOM   365 O "O5'" . G   B 1 4  ? 8.215   -2.226  8.353   1.00 19.79 ? 4   G   B "O5'" 1 
ATOM   366 C "C5'" . G   B 1 4  ? 8.514   -3.570  8.724   1.00 18.56 ? 4   G   B "C5'" 1 
ATOM   367 C "C4'" . G   B 1 4  ? 7.444   -4.179  9.589   1.00 18.65 ? 4   G   B "C4'" 1 
ATOM   368 O "O4'" . G   B 1 4  ? 7.350   -3.453  10.867  1.00 20.67 ? 4   G   B "O4'" 1 
ATOM   369 C "C3'" . G   B 1 4  ? 6.033   -4.153  9.041   1.00 19.72 ? 4   G   B "C3'" 1 
ATOM   370 O "O3'" . G   B 1 4  ? 5.852   -5.264  8.144   1.00 19.64 ? 4   G   B "O3'" 1 
ATOM   371 C "C2'" . G   B 1 4  ? 5.233   -4.308  10.315  1.00 18.63 ? 4   G   B "C2'" 1 
ATOM   372 O "O2'" . G   B 1 4  ? 5.251   -5.609  10.841  1.00 19.61 ? 4   G   B "O2'" 1 
ATOM   373 C "C1'" . G   B 1 4  ? 6.006   -3.369  11.240  1.00 18.73 ? 4   G   B "C1'" 1 
ATOM   374 N N9    . G   B 1 4  ? 5.611   -1.978  11.158  1.00 18.76 ? 4   G   B N9    1 
ATOM   375 C C8    . G   B 1 4  ? 6.270   -0.919  10.572  1.00 19.82 ? 4   G   B C8    1 
ATOM   376 N N7    . G   B 1 4  ? 5.637   0.218   10.714  1.00 21.33 ? 4   G   B N7    1 
ATOM   377 C C5    . G   B 1 4  ? 4.525   -0.108  11.485  1.00 17.63 ? 4   G   B C5    1 
ATOM   378 C C6    . G   B 1 4  ? 3.467   0.716   11.989  1.00 16.43 ? 4   G   B C6    1 
ATOM   379 O O6    . G   B 1 4  ? 3.335   1.938   11.901  1.00 18.68 ? 4   G   B O6    1 
ATOM   380 N N1    . G   B 1 4  ? 2.529   -0.029  12.685  1.00 17.85 ? 4   G   B N1    1 
ATOM   381 C C2    . G   B 1 4  ? 2.538   -1.390  12.815  1.00 17.57 ? 4   G   B C2    1 
ATOM   382 N N2    . G   B 1 4  ? 1.522   -1.937  13.497  1.00 19.11 ? 4   G   B N2    1 
ATOM   383 N N3    . G   B 1 4  ? 3.525   -2.166  12.380  1.00 18.94 ? 4   G   B N3    1 
ATOM   384 C C4    . G   B 1 4  ? 4.476   -1.459  11.732  1.00 19.08 ? 4   G   B C4    1 
ATOM   385 P P     . A   B 1 5  ? 4.925   -5.180  6.864   1.00 19.34 ? 5   A   B P     1 
ATOM   386 O OP1   . A   B 1 5  ? 5.200   -6.456  6.154   1.00 20.05 ? 5   A   B OP1   1 
ATOM   387 O OP2   . A   B 1 5  ? 5.112   -3.895  6.231   1.00 18.73 ? 5   A   B OP2   1 
ATOM   388 O "O5'" . A   B 1 5  ? 3.443   -5.127  7.440   1.00 16.16 ? 5   A   B "O5'" 1 
ATOM   389 C "C5'" . A   B 1 5  ? 2.791   -6.310  7.895   1.00 15.80 ? 5   A   B "C5'" 1 
ATOM   390 C "C4'" . A   B 1 5  ? 1.486   -5.979  8.596   1.00 16.45 ? 5   A   B "C4'" 1 
ATOM   391 O "O4'" . A   B 1 5  ? 1.731   -5.103  9.744   1.00 16.71 ? 5   A   B "O4'" 1 
ATOM   392 C "C3'" . A   B 1 5  ? 0.525   -5.149  7.755   1.00 15.94 ? 5   A   B "C3'" 1 
ATOM   393 O "O3'" . A   B 1 5  ? -0.108  -6.076  6.887   1.00 17.27 ? 5   A   B "O3'" 1 
ATOM   394 C "C2'" . A   B 1 5  ? -0.374  -4.552  8.824   1.00 18.04 ? 5   A   B "C2'" 1 
ATOM   395 O "O2'" . A   B 1 5  ? -1.167  -5.566  9.369   1.00 18.82 ? 5   A   B "O2'" 1 
ATOM   396 C "C1'" . A   B 1 5  ? 0.679   -4.150  9.850   1.00 17.41 ? 5   A   B "C1'" 1 
ATOM   397 N N9    . A   B 1 5  ? 1.192   -2.816  9.556   1.00 18.42 ? 5   A   B N9    1 
ATOM   398 C C8    . A   B 1 5  ? 2.268   -2.414  8.791   1.00 18.53 ? 5   A   B C8    1 
ATOM   399 N N7    . A   B 1 5  ? 2.423   -1.111  8.743   1.00 16.96 ? 5   A   B N7    1 
ATOM   400 C C5    . A   B 1 5  ? 1.320   -0.624  9.439   1.00 16.56 ? 5   A   B C5    1 
ATOM   401 C C6    . A   B 1 5  ? 0.884   0.685   9.741   1.00 17.27 ? 5   A   B C6    1 
ATOM   402 N N6    . A   B 1 5  ? 1.506   1.792   9.317   1.00 20.18 ? 5   A   B N6    1 
ATOM   403 N N1    . A   B 1 5  ? -0.261  0.818   10.455  1.00 18.75 ? 5   A   B N1    1 
ATOM   404 C C2    . A   B 1 5  ? -0.927  -0.279  10.823  1.00 16.93 ? 5   A   B C2    1 
ATOM   405 N N3    . A   B 1 5  ? -0.601  -1.568  10.628  1.00 17.14 ? 5   A   B N3    1 
ATOM   406 C C4    . A   B 1 5  ? 0.552   -1.666  9.935   1.00 17.33 ? 5   A   B C4    1 
ATOM   407 P P     . C   B 1 6  ? -0.633  -5.616  5.448   1.00 16.71 ? 6   C   B P     1 
ATOM   408 O OP1   . C   B 1 6  ? -0.977  -6.891  4.726   1.00 20.72 ? 6   C   B OP1   1 
ATOM   409 O OP2   . C   B 1 6  ? 0.423   -4.710  4.844   1.00 19.66 ? 6   C   B OP2   1 
ATOM   410 O "O5'" . C   B 1 6  ? -1.964  -4.799  5.704   1.00 16.63 ? 6   C   B "O5'" 1 
ATOM   411 C "C5'" . C   B 1 6  ? -3.081  -5.414  6.386   1.00 15.30 ? 6   C   B "C5'" 1 
ATOM   412 C "C4'" . C   B 1 6  ? -3.975  -4.370  6.994   1.00 17.88 ? 6   C   B "C4'" 1 
ATOM   413 O "O4'" . C   B 1 6  ? -3.191  -3.554  7.916   1.00 17.06 ? 6   C   B "O4'" 1 
ATOM   414 C "C3'" . C   B 1 6  ? -4.544  -3.332  6.042   1.00 16.49 ? 6   C   B "C3'" 1 
ATOM   415 O "O3'" . C   B 1 6  ? -5.644  -3.880  5.332   1.00 17.94 ? 6   C   B "O3'" 1 
ATOM   416 C "C2'" . C   B 1 6  ? -4.940  -2.250  7.026   1.00 16.67 ? 6   C   B "C2'" 1 
ATOM   417 O "O2'" . C   B 1 6  ? -6.082  -2.609  7.768   1.00 18.84 ? 6   C   B "O2'" 1 
ATOM   418 C "C1'" . C   B 1 6  ? -3.712  -2.226  7.932   1.00 17.34 ? 6   C   B "C1'" 1 
ATOM   419 N N1    . C   B 1 6  ? -2.640  -1.336  7.449   1.00 16.91 ? 6   C   B N1    1 
ATOM   420 C C2    . C   B 1 6  ? -2.687  0.005   7.824   1.00 17.31 ? 6   C   B C2    1 
ATOM   421 O O2    . C   B 1 6  ? -3.692  0.418   8.401   1.00 18.48 ? 6   C   B O2    1 
ATOM   422 N N3    . C   B 1 6  ? -1.710  0.846   7.408   1.00 17.26 ? 6   C   B N3    1 
ATOM   423 C C4    . C   B 1 6  ? -0.656  0.366   6.744   1.00 17.88 ? 6   C   B C4    1 
ATOM   424 N N4    . C   B 1 6  ? 0.308   1.220   6.386   1.00 18.19 ? 6   C   B N4    1 
ATOM   425 C C5    . C   B 1 6  ? -0.583  -1.007  6.339   1.00 16.55 ? 6   C   B C5    1 
ATOM   426 C C6    . C   B 1 6  ? -1.578  -1.816  6.726   1.00 15.71 ? 6   C   B C6    1 
ATOM   427 P P     . U   B 1 7  ? -6.190  -3.220  4.000   1.00 17.67 ? 7   U   B P     1 
ATOM   428 O OP1   . U   B 1 7  ? -7.299  -4.045  3.538   1.00 23.49 ? 7   U   B OP1   1 
ATOM   429 O OP2   . U   B 1 7  ? -5.073  -2.999  3.110   1.00 18.64 ? 7   U   B OP2   1 
ATOM   430 O "O5'" . U   B 1 7  ? -6.741  -1.820  4.492   1.00 17.74 ? 7   U   B "O5'" 1 
ATOM   431 C "C5'" . U   B 1 7  ? -7.984  -1.666  5.228   1.00 17.63 ? 7   U   B "C5'" 1 
ATOM   432 C "C4'" . U   B 1 7  ? -8.277  -0.195  5.444   1.00 17.19 ? 7   U   B "C4'" 1 
ATOM   433 O "O4'" . U   B 1 7  ? -7.196  0.378   6.207   1.00 17.54 ? 7   U   B "O4'" 1 
ATOM   434 C "C3'" . U   B 1 7  ? -8.305  0.666   4.181   1.00 17.45 ? 7   U   B "C3'" 1 
ATOM   435 O "O3'" . U   B 1 7  ? -9.514  0.508   3.473   1.00 18.56 ? 7   U   B "O3'" 1 
ATOM   436 C "C2'" . U   B 1 7  ? -8.138  2.032   4.807   1.00 17.87 ? 7   U   B "C2'" 1 
ATOM   437 O "O2'" . U   B 1 7  ? -9.280  2.457   5.546   1.00 21.78 ? 7   U   B "O2'" 1 
ATOM   438 C "C1'" . U   B 1 7  ? -7.037  1.736   5.818   1.00 18.82 ? 7   U   B "C1'" 1 
ATOM   439 N N1    . U   B 1 7  ? -5.670  1.934   5.326   1.00 16.62 ? 7   U   B N1    1 
ATOM   440 C C2    . U   B 1 7  ? -5.193  3.234   5.326   1.00 17.49 ? 7   U   B C2    1 
ATOM   441 O O2    . U   B 1 7  ? -5.885  4.196   5.633   1.00 18.06 ? 7   U   B O2    1 
ATOM   442 N N3    . U   B 1 7  ? -3.890  3.378   4.911   1.00 15.90 ? 7   U   B N3    1 
ATOM   443 C C4    . U   B 1 7  ? -2.997  2.375   4.586   1.00 15.49 ? 7   U   B C4    1 
ATOM   444 O O4    . U   B 1 7  ? -1.828  2.669   4.286   1.00 17.73 ? 7   U   B O4    1 
ATOM   445 C C5    . U   B 1 7  ? -3.581  1.059   4.546   1.00 16.67 ? 7   U   B C5    1 
ATOM   446 C C6    . U   B 1 7  ? -4.853  0.882   4.946   1.00 18.30 ? 7   U   B C6    1 
ATOM   447 P P     . U   B 1 8  ? -9.577  0.806   1.942   1.00 18.49 ? 8   U   B P     1 
ATOM   448 O OP1   . U   B 1 8  ? -10.980 0.561   1.524   1.00 23.52 ? 8   U   B OP1   1 
ATOM   449 O OP2   . U   B 1 8  ? -8.512  0.135   1.238   1.00 18.74 ? 8   U   B OP2   1 
ATOM   450 O "O5'" . U   B 1 8  ? -9.293  2.388   1.881   1.00 18.82 ? 8   U   B "O5'" 1 
ATOM   451 C "C5'" . U   B 1 8  ? -10.221 3.387   2.401   1.00 17.64 ? 8   U   B "C5'" 1 
ATOM   452 C "C4'" . U   B 1 8  ? -9.629  4.758   2.230   1.00 16.90 ? 8   U   B "C4'" 1 
ATOM   453 O "O4'" . U   B 1 8  ? -8.382  4.819   2.983   1.00 16.64 ? 8   U   B "O4'" 1 
ATOM   454 C "C3'" . U   B 1 8  ? -9.196  5.127   0.817   1.00 17.58 ? 8   U   B "C3'" 1 
ATOM   455 O "O3'" . U   B 1 8  ? -10.272 5.555   -0.022  1.00 16.90 ? 8   U   B "O3'" 1 
ATOM   456 C "C2'" . U   B 1 8  ? -8.244  6.267   1.099   1.00 16.26 ? 8   U   B "C2'" 1 
ATOM   457 O "O2'" . U   B 1 8  ? -8.878  7.488   1.493   1.00 17.17 ? 8   U   B "O2'" 1 
ATOM   458 C "C1'" . U   B 1 8  ? -7.467  5.689   2.287   1.00 15.91 ? 8   U   B "C1'" 1 
ATOM   459 N N1    . U   B 1 8  ? -6.244  4.942   1.954   1.00 14.74 ? 8   U   B N1    1 
ATOM   460 C C2    . U   B 1 8  ? -5.116  5.697   1.776   1.00 15.67 ? 8   U   B C2    1 
ATOM   461 O O2    . U   B 1 8  ? -5.151  6.902   1.791   1.00 17.75 ? 8   U   B O2    1 
ATOM   462 N N3    . U   B 1 8  ? -3.976  4.979   1.507   1.00 14.40 ? 8   U   B N3    1 
ATOM   463 C C4    . U   B 1 8  ? -3.853  3.608   1.401   1.00 15.04 ? 8   U   B C4    1 
ATOM   464 O O4    . U   B 1 8  ? -2.739  3.100   1.192   1.00 15.55 ? 8   U   B O4    1 
ATOM   465 C C5    . U   B 1 8  ? -5.068  2.895   1.608   1.00 14.53 ? 8   U   B C5    1 
ATOM   466 C C6    . U   B 1 8  ? -6.187  3.566   1.917   1.00 14.66 ? 8   U   B C6    1 
ATOM   467 P P     . A   B 1 9  ? -10.304 5.182   -1.521  1.00 16.50 ? 9   A   B P     1 
ATOM   468 O OP1   . A   B 1 9  ? -11.672 5.540   -1.994  1.00 19.83 ? 9   A   B OP1   1 
ATOM   469 O OP2   . A   B 1 9  ? -9.817  3.826   -1.754  1.00 18.74 ? 9   A   B OP2   1 
ATOM   470 O "O5'" . A   B 1 9  ? -9.221  6.171   -2.123  1.00 15.42 ? 9   A   B "O5'" 1 
ATOM   471 C "C5'" . A   B 1 9  ? -9.528  7.588   -2.168  1.00 14.43 ? 9   A   B "C5'" 1 
ATOM   472 C "C4'" . A   B 1 9  ? -8.377  8.366   -2.711  1.00 15.44 ? 9   A   B "C4'" 1 
ATOM   473 O "O4'" . A   B 1 9  ? -7.262  8.321   -1.791  1.00 14.83 ? 9   A   B "O4'" 1 
ATOM   474 C "C3'" . A   B 1 9  ? -7.771  7.819   -4.007  1.00 15.28 ? 9   A   B "C3'" 1 
ATOM   475 O "O3'" . A   B 1 9  ? -8.558  8.010   -5.188  1.00 15.92 ? 9   A   B "O3'" 1 
ATOM   476 C "C2'" . A   B 1 9  ? -6.460  8.574   -4.008  1.00 15.35 ? 9   A   B "C2'" 1 
ATOM   477 O "O2'" . A   B 1 9  ? -6.643  9.941   -4.319  1.00 16.19 ? 9   A   B "O2'" 1 
ATOM   478 C "C1'" . A   B 1 9  ? -6.072  8.466   -2.533  1.00 15.47 ? 9   A   B "C1'" 1 
ATOM   479 N N9    . A   B 1 9  ? -5.259  7.289   -2.260  1.00 13.99 ? 9   A   B N9    1 
ATOM   480 C C8    . A   B 1 9  ? -5.669  6.069   -1.786  1.00 15.00 ? 9   A   B C8    1 
ATOM   481 N N7    . A   B 1 9  ? -4.699  5.201   -1.661  1.00 13.77 ? 9   A   B N7    1 
ATOM   482 C C5    . A   B 1 9  ? -3.580  5.881   -2.125  1.00 14.80 ? 9   A   B C5    1 
ATOM   483 C C6    . A   B 1 9  ? -2.223  5.554   -2.101  1.00 12.94 ? 9   A   B C6    1 
ATOM   484 N N6    . A   B 1 9  ? -1.779  4.345   -1.806  1.00 14.69 ? 9   A   B N6    1 
ATOM   485 N N1    . A   B 1 9  ? -1.350  6.460   -2.599  1.00 15.87 ? 9   A   B N1    1 
ATOM   486 C C2    . A   B 1 9  ? -1.824  7.658   -2.990  1.00 15.60 ? 9   A   B C2    1 
ATOM   487 N N3    . A   B 1 9  ? -3.066  8.138   -2.904  1.00 16.11 ? 9   A   B N3    1 
ATOM   488 C C4    . A   B 1 9  ? -3.905  7.184   -2.452  1.00 15.06 ? 9   A   B C4    1 
ATOM   489 P P     . A   B 1 10 ? -8.492  7.039   -6.425  1.00 16.91 ? 10  A   B P     1 
ATOM   490 O OP1   . A   B 1 10 ? -9.666  7.366   -7.322  1.00 21.02 ? 10  A   B OP1   1 
ATOM   491 O OP2   . A   B 1 10 ? -8.280  5.625   -6.038  1.00 19.73 ? 10  A   B OP2   1 
ATOM   492 O "O5'" . A   B 1 10 ? -7.159  7.463   -7.172  1.00 17.86 ? 10  A   B "O5'" 1 
ATOM   493 C "C5'" . A   B 1 10 ? -6.993  8.760   -7.706  1.00 18.81 ? 10  A   B "C5'" 1 
ATOM   494 C "C4'" . A   B 1 10 ? -5.551  8.980   -8.110  1.00 19.40 ? 10  A   B "C4'" 1 
ATOM   495 O "O4'" . A   B 1 10 ? -4.743  8.945   -6.893  1.00 17.76 ? 10  A   B "O4'" 1 
ATOM   496 C "C3'" . A   B 1 10 ? -4.867  8.005   -9.071  1.00 24.66 ? 10  A   B "C3'" 1 
ATOM   497 O "O3'" . A   B 1 10 ? -5.221  7.966   -10.470 1.00 30.50 ? 10  A   B "O3'" 1 
ATOM   498 C "C2'" . A   B 1 10 ? -3.404  8.326   -8.756  1.00 20.28 ? 10  A   B "C2'" 1 
ATOM   499 O "O2'" . A   B 1 10 ? -2.940  9.597   -9.188  1.00 22.26 ? 10  A   B "O2'" 1 
ATOM   500 C "C1'" . A   B 1 10 ? -3.451  8.422   -7.227  1.00 18.69 ? 10  A   B "C1'" 1 
ATOM   501 N N9    . A   B 1 10 ? -3.347  7.110   -6.594  1.00 16.48 ? 10  A   B N9    1 
ATOM   502 C C8    . A   B 1 10 ? -4.344  6.260   -6.174  1.00 15.52 ? 10  A   B C8    1 
ATOM   503 N N7    . A   B 1 10 ? -3.902  5.156   -5.623  1.00 15.53 ? 10  A   B N7    1 
ATOM   504 C C5    . A   B 1 10 ? -2.519  5.264   -5.732  1.00 12.84 ? 10  A   B C5    1 
ATOM   505 C C6    . A   B 1 10 ? -1.462  4.386   -5.378  1.00 14.53 ? 10  A   B C6    1 
ATOM   506 N N6    . A   B 1 10 ? -1.640  3.185   -4.841  1.00 15.08 ? 10  A   B N6    1 
ATOM   507 N N1    . A   B 1 10 ? -0.202  4.765   -5.691  1.00 14.05 ? 10  A   B N1    1 
ATOM   508 C C2    . A   B 1 10 ? -0.022  5.979   -6.243  1.00 15.01 ? 10  A   B C2    1 
ATOM   509 N N3    . A   B 1 10 ? -0.926  6.877   -6.622  1.00 16.37 ? 10  A   B N3    1 
ATOM   510 C C4    . A   B 1 10 ? -2.165  6.464   -6.318  1.00 16.18 ? 10  A   B C4    1 
ATOM   511 P P     . G   B 1 11 ? -5.355  6.496   -11.264 1.00 26.26 ? 11  G   B P     1 
ATOM   512 O OP1   . G   B 1 11 ? -6.063  6.691   -12.488 1.00 34.48 ? 11  G   B OP1   1 
ATOM   513 O OP2   . G   B 1 11 ? -5.636  5.341   -10.328 1.00 26.80 ? 11  G   B OP2   1 
ATOM   514 O "O5'" . G   B 1 11 ? -3.834  6.113   -11.470 1.00 25.86 ? 11  G   B "O5'" 1 
ATOM   515 C "C5'" . G   B 1 11 ? -2.964  6.889   -12.220 1.00 25.25 ? 11  G   B "C5'" 1 
ATOM   516 C "C4'" . G   B 1 11 ? -1.545  6.488   -11.906 1.00 18.50 ? 11  G   B "C4'" 1 
ATOM   517 O "O4'" . G   B 1 11 ? -1.355  6.338   -10.473 1.00 20.16 ? 11  G   B "O4'" 1 
ATOM   518 C "C3'" . G   B 1 11 ? -1.055  5.155   -12.461 1.00 17.22 ? 11  G   B "C3'" 1 
ATOM   519 O "O3'" . G   B 1 11 ? -0.751  5.265   -13.827 1.00 16.42 ? 11  G   B "O3'" 1 
ATOM   520 C "C2'" . G   B 1 11 ? 0.187   4.968   -11.604 1.00 16.95 ? 11  G   B "C2'" 1 
ATOM   521 O "O2'" . G   B 1 11 ? 1.192   5.860   -11.999 1.00 19.00 ? 11  G   B "O2'" 1 
ATOM   522 C "C1'" . G   B 1 11 ? -0.339  5.381   -10.234 1.00 17.59 ? 11  G   B "C1'" 1 
ATOM   523 N N9    . G   B 1 11 ? -0.897  4.297   -9.440  1.00 15.66 ? 11  G   B N9    1 
ATOM   524 C C8    . G   B 1 11 ? -2.218  4.076   -9.152  1.00 15.47 ? 11  G   B C8    1 
ATOM   525 N N7    . G   B 1 11 ? -2.409  3.025   -8.409  1.00 15.13 ? 11  G   B N7    1 
ATOM   526 C C5    . G   B 1 11 ? -1.139  2.512   -8.206  1.00 15.28 ? 11  G   B C5    1 
ATOM   527 C C6    . G   B 1 11 ? -0.709  1.369   -7.485  1.00 13.94 ? 11  G   B C6    1 
ATOM   528 O O6    . G   B 1 11 ? -1.388  0.546   -6.884  1.00 16.09 ? 11  G   B O6    1 
ATOM   529 N N1    . G   B 1 11 ? 0.654   1.177   -7.614  1.00 14.10 ? 11  G   B N1    1 
ATOM   530 C C2    . G   B 1 11 ? 1.510   2.012   -8.269  1.00 13.97 ? 11  G   B C2    1 
ATOM   531 N N2    . G   B 1 11 ? 2.802   1.679   -8.237  1.00 14.80 ? 11  G   B N2    1 
ATOM   532 N N3    . G   B 1 11 ? 1.129   3.067   -8.947  1.00 14.88 ? 11  G   B N3    1 
ATOM   533 C C4    . G   B 1 11 ? -0.196  3.276   -8.848  1.00 14.13 ? 11  G   B C4    1 
ATOM   534 P P     . U   B 1 12 ? -0.824  4.046   -14.796 1.00 16.21 ? 12  U   B P     1 
ATOM   535 O OP1   . U   B 1 12 ? -0.589  4.586   -16.193 1.00 20.46 ? 12  U   B OP1   1 
ATOM   536 O OP2   . U   B 1 12 ? -1.951  3.217   -14.492 1.00 17.10 ? 12  U   B OP2   1 
ATOM   537 O "O5'" . U   B 1 12 ? 0.467   3.170   -14.432 1.00 16.94 ? 12  U   B "O5'" 1 
ATOM   538 C "C5'" . U   B 1 12 ? 1.811   3.590   -14.715 1.00 16.85 ? 12  U   B "C5'" 1 
ATOM   539 C "C4'" . U   B 1 12 ? 2.753   2.577   -14.111 1.00 14.86 ? 12  U   B "C4'" 1 
ATOM   540 O "O4'" . U   B 1 12 ? 2.572   2.485   -12.664 1.00 14.88 ? 12  U   B "O4'" 1 
ATOM   541 C "C3'" . U   B 1 12 ? 2.570   1.133   -14.555 1.00 16.49 ? 12  U   B "C3'" 1 
ATOM   542 O "O3'" . U   B 1 12 ? 3.131   0.956   -15.873 1.00 15.74 ? 12  U   B "O3'" 1 
ATOM   543 C "C2'" . U   B 1 12 ? 3.345   0.405   -13.492 1.00 15.08 ? 12  U   B "C2'" 1 
ATOM   544 O "O2'" . U   B 1 12 ? 4.754   0.673   -13.632 1.00 17.45 ? 12  U   B "O2'" 1 
ATOM   545 C "C1'" . U   B 1 12 ? 2.854   1.149   -12.247 1.00 13.43 ? 12  U   B "C1'" 1 
ATOM   546 N N1    . U   B 1 12 ? 1.631   0.614   -11.661 1.00 14.34 ? 12  U   B N1    1 
ATOM   547 C C2    . U   B 1 12 ? 1.781   -0.532  -10.910 1.00 13.10 ? 12  U   B C2    1 
ATOM   548 O O2    . U   B 1 12 ? 2.857   -1.041  -10.727 1.00 16.09 ? 12  U   B O2    1 
ATOM   549 N N3    . U   B 1 12 ? 0.648   -0.936  -10.256 1.00 14.40 ? 12  U   B N3    1 
ATOM   550 C C4    . U   B 1 12 ? -0.611  -0.378  -10.348 1.00 15.55 ? 12  U   B C4    1 
ATOM   551 O O4    . U   B 1 12 ? -1.550  -0.881  -9.729  1.00 16.16 ? 12  U   B O4    1 
ATOM   552 C C5    . U   B 1 12 ? -0.695  0.755   -11.206 1.00 17.43 ? 12  U   B C5    1 
ATOM   553 C C6    . U   B 1 12 ? 0.389   1.181   -11.842 1.00 15.42 ? 12  U   B C6    1 
ATOM   554 P P     . C   B 1 13 ? 2.536   -0.107  -16.820 1.00 15.63 ? 13  C   B P     1 
ATOM   555 O OP1   . C   B 1 13 ? 3.153   0.107   -18.182 1.00 20.30 ? 13  C   B OP1   1 
ATOM   556 O OP2   . C   B 1 13 ? 1.105   -0.189  -16.696 1.00 17.58 ? 13  C   B OP2   1 
ATOM   557 O "O5'" . C   B 1 13 ? 3.115   -1.508  -16.320 1.00 14.92 ? 13  C   B "O5'" 1 
ATOM   558 C "C5'" . C   B 1 13 ? 4.530   -1.787  -16.279 1.00 13.66 ? 13  C   B "C5'" 1 
ATOM   559 C "C4'" . C   B 1 13 ? 4.775   -2.919  -15.322 1.00 13.46 ? 13  C   B "C4'" 1 
ATOM   560 O "O4'" . C   B 1 13 ? 4.238   -2.580  -14.008 1.00 13.72 ? 13  C   B "O4'" 1 
ATOM   561 C "C3'" . C   B 1 13 ? 4.110   -4.240  -15.656 1.00 12.55 ? 13  C   B "C3'" 1 
ATOM   562 O "O3'" . C   B 1 13 ? 4.889   -4.913  -16.639 1.00 14.12 ? 13  C   B "O3'" 1 
ATOM   563 C "C2'" . C   B 1 13 ? 4.179   -4.910  -14.292 1.00 12.29 ? 13  C   B "C2'" 1 
ATOM   564 O "O2'" . C   B 1 13 ? 5.474   -5.371  -13.947 1.00 14.93 ? 13  C   B "O2'" 1 
ATOM   565 C "C1'" . C   B 1 13 ? 3.821   -3.769  -13.347 1.00 12.76 ? 13  C   B "C1'" 1 
ATOM   566 N N1    . C   B 1 13 ? 2.373   -3.647  -13.091 1.00 12.94 ? 13  C   B N1    1 
ATOM   567 C C2    . C   B 1 13 ? 1.852   -4.437  -12.086 1.00 12.75 ? 13  C   B C2    1 
ATOM   568 O O2    . C   B 1 13 ? 2.592   -5.272  -11.560 1.00 13.42 ? 13  C   B O2    1 
ATOM   569 N N3    . C   B 1 13 ? 0.538   -4.307  -11.751 1.00 13.21 ? 13  C   B N3    1 
ATOM   570 C C4    . C   B 1 13 ? -0.229  -3.421  -12.381 1.00 13.94 ? 13  C   B C4    1 
ATOM   571 N N4    . C   B 1 13 ? -1.514  -3.356  -12.041 1.00 13.51 ? 13  C   B N4    1 
ATOM   572 C C5    . C   B 1 13 ? 0.271   -2.609  -13.433 1.00 13.51 ? 13  C   B C5    1 
ATOM   573 C C6    . C   B 1 13 ? 1.570   -2.750  -13.752 1.00 14.77 ? 13  C   B C6    1 
ATOM   574 P P     . G   B 1 14 ? 4.229   -6.002  -17.594 1.00 14.65 ? 14  G   B P     1 
ATOM   575 O OP1   . G   B 1 14 ? 5.406   -6.465  -18.449 1.00 16.00 ? 14  G   B OP1   1 
ATOM   576 O OP2   . G   B 1 14 ? 3.053   -5.428  -18.176 1.00 17.45 ? 14  G   B OP2   1 
ATOM   577 O "O5'" . G   B 1 14 ? 3.689   -7.143  -16.635 1.00 14.31 ? 14  G   B "O5'" 1 
ATOM   578 C "C5'" . G   B 1 14 ? 4.587   -8.161  -16.156 1.00 13.79 ? 14  G   B "C5'" 1 
ATOM   579 C "C4'" . G   B 1 14 ? 3.797   -9.354  -15.651 1.00 13.74 ? 14  G   B "C4'" 1 
ATOM   580 O "O4'" . G   B 1 14 ? 3.213   -9.021  -14.369 1.00 14.72 ? 14  G   B "O4'" 1 
ATOM   581 C "C3'" . G   B 1 14 ? 2.601   -9.723  -16.505 1.00 14.27 ? 14  G   B "C3'" 1 
ATOM   582 O "O3'" . G   B 1 14 ? 3.009   -10.557 -17.603 1.00 14.59 ? 14  G   B "O3'" 1 
ATOM   583 C "C2'" . G   B 1 14 ? 1.713   -10.467 -15.515 1.00 13.38 ? 14  G   B "C2'" 1 
ATOM   584 O "O2'" . G   B 1 14 ? 2.116   -11.826 -15.351 1.00 13.68 ? 14  G   B "O2'" 1 
ATOM   585 C "C1'" . G   B 1 14 ? 1.965   -9.692  -14.218 1.00 14.11 ? 14  G   B "C1'" 1 
ATOM   586 N N9    . G   B 1 14 ? 0.944   -8.696  -13.897 1.00 13.86 ? 14  G   B N9    1 
ATOM   587 C C8    . G   B 1 14 ? 0.801   -7.431  -14.411 1.00 13.71 ? 14  G   B C8    1 
ATOM   588 N N7    . G   B 1 14 ? -0.294  -6.840  -14.026 1.00 14.45 ? 14  G   B N7    1 
ATOM   589 C C5    . G   B 1 14 ? -0.842  -7.720  -13.098 1.00 11.43 ? 14  G   B C5    1 
ATOM   590 C C6    . G   B 1 14 ? -2.015  -7.618  -12.334 1.00 11.70 ? 14  G   B C6    1 
ATOM   591 O O6    . G   B 1 14 ? -2.808  -6.669  -12.259 1.00 13.65 ? 14  G   B O6    1 
ATOM   592 N N1    . G   B 1 14 ? -2.231  -8.768  -11.579 1.00 13.13 ? 14  G   B N1    1 
ATOM   593 C C2    . G   B 1 14 ? -1.421  -9.872  -11.564 1.00 12.17 ? 14  G   B C2    1 
ATOM   594 N N2    . G   B 1 14 ? -1.808  -10.894 -10.786 1.00 13.37 ? 14  G   B N2    1 
ATOM   595 N N3    . G   B 1 14 ? -0.319  -9.982  -12.284 1.00 13.02 ? 14  G   B N3    1 
ATOM   596 C C4    . G   B 1 14 ? -0.059  -8.854  -12.976 1.00 12.44 ? 14  G   B C4    1 
HETATM 597 P PA    . 86S C 2 .  ? -1.427  -9.962  -19.266 1.00 19.51 ? 101 86S A PA    1 
HETATM 598 O O1A   . 86S C 2 .  ? -1.384  -8.493  -19.060 1.00 24.71 ? 101 86S A O1A   1 
HETATM 599 O O2A   . 86S C 2 .  ? -0.585  -10.540 -20.367 1.00 22.07 ? 101 86S A O2A   1 
HETATM 600 O O6A   . 86S C 2 .  ? -6.032  -7.342  -14.020 1.00 13.79 ? 101 86S A O6A   1 
HETATM 601 C C6A   . 86S C 2 .  ? -5.610  -8.486  -13.830 1.00 12.39 ? 101 86S A C6A   1 
HETATM 602 N N1A   . 86S C 2 .  ? -6.326  -9.305  -12.945 1.00 11.70 ? 101 86S A N1A   1 
HETATM 603 C C2A   . 86S C 2 .  ? -5.909  -10.599 -12.548 1.00 11.62 ? 101 86S A C2A   1 
HETATM 604 N N2A   . 86S C 2 .  ? -6.721  -11.269 -11.709 1.00 12.39 ? 101 86S A N2A   1 
HETATM 605 N N3A   . 86S C 2 .  ? -4.759  -11.116 -13.036 1.00 12.37 ? 101 86S A N3A   1 
HETATM 606 C C4A   . 86S C 2 .  ? -4.121  -10.326 -13.922 1.00 11.93 ? 101 86S A C4A   1 
HETATM 607 C C5A   . 86S C 2 .  ? -4.450  -9.039  -14.319 1.00 12.72 ? 101 86S A C5A   1 
HETATM 608 N N7A   . 86S C 2 .  ? -3.466  -8.606  -15.187 1.00 13.76 ? 101 86S A N7A   1 
HETATM 609 C C8A   . 86S C 2 .  ? -2.641  -9.624  -15.320 1.00 13.22 ? 101 86S A C8A   1 
HETATM 610 N N9A   . 86S C 2 .  ? -2.966  -10.676 -14.560 1.00 12.64 ? 101 86S A N9A   1 
HETATM 611 C C1D   . 86S C 2 .  ? -2.214  -11.944 -14.493 1.00 13.93 ? 101 86S A C1D   1 
HETATM 612 O O4D   . 86S C 2 .  ? -1.113  -11.894 -15.408 1.00 14.34 ? 101 86S A O4D   1 
HETATM 613 C C2D   . 86S C 2 .  ? -3.137  -13.032 -15.152 1.00 13.43 ? 101 86S A C2D   1 
HETATM 614 O O2D   . 86S C 2 .  ? -2.739  -14.345 -14.698 1.00 13.88 ? 101 86S A O2D   1 
HETATM 615 C C3D   . 86S C 2 .  ? -2.881  -12.952 -16.627 1.00 12.61 ? 101 86S A C3D   1 
HETATM 616 O O3D   . 86S C 2 .  ? -3.220  -14.121 -17.447 1.00 14.37 ? 101 86S A O3D   1 
HETATM 617 C C4D   . 86S C 2 .  ? -1.349  -12.783 -16.597 1.00 14.38 ? 101 86S A C4D   1 
HETATM 618 C C5D   . 86S C 2 .  ? -0.726  -12.076 -17.803 1.00 15.04 ? 101 86S A C5D   1 
HETATM 619 O O5D   . 86S C 2 .  ? -1.252  -10.722 -17.940 1.00 19.44 ? 101 86S A O5D   1 
HETATM 620 O O3A   . 86S C 2 .  ? -2.952  -10.430 -19.494 1.00 24.64 ? 101 86S A O3A   1 
HETATM 621 P PG    . 86S C 2 .  ? -3.977  -9.951  -20.632 1.00 22.15 ? 101 86S A PG    1 
HETATM 622 O O1G   . 86S C 2 .  ? -4.755  -11.152 -20.816 1.00 25.58 ? 101 86S A O1G   1 
HETATM 623 O O2G   . 86S C 2 .  ? -3.292  -9.358  -21.859 1.00 24.38 ? 101 86S A O2G   1 
HETATM 624 O O5E   . 86S C 2 .  ? -4.757  -8.728  -19.878 1.00 19.79 ? 101 86S A O5E   1 
HETATM 625 C C5E   . 86S C 2 .  ? -5.824  -8.182  -20.658 1.00 18.41 ? 101 86S A C5E   1 
HETATM 626 C C4E   . 86S C 2 .  ? -6.940  -7.676  -19.741 1.00 18.31 ? 101 86S A C4E   1 
HETATM 627 O O4E   . 86S C 2 .  ? -7.533  -8.689  -18.859 1.00 15.15 ? 101 86S A O4E   1 
HETATM 628 C C3E   . 86S C 2 .  ? -6.550  -6.525  -18.869 1.00 19.71 ? 101 86S A C3E   1 
HETATM 629 O O3E   . 86S C 2 .  ? -7.672  -5.524  -18.793 1.00 22.40 ? 101 86S A O3E   1 
HETATM 630 C C2E   . 86S C 2 .  ? -6.330  -7.170  -17.551 1.00 15.91 ? 101 86S A C2E   1 
HETATM 631 O O2E   . 86S C 2 .  ? -6.543  -6.260  -16.576 1.00 19.66 ? 101 86S A O2E   1 
HETATM 632 C C1E   . 86S C 2 .  ? -7.431  -8.276  -17.484 1.00 13.16 ? 101 86S A C1E   1 
HETATM 633 N N9B   . 86S C 2 .  ? -6.948  -9.564  -16.859 1.00 13.87 ? 101 86S A N9B   1 
HETATM 634 C C4B   . 86S C 2 .  ? -7.597  -10.337 -16.001 1.00 12.51 ? 101 86S A C4B   1 
HETATM 635 N N3B   . 86S C 2 .  ? -8.816  -10.031 -15.461 1.00 13.51 ? 101 86S A N3B   1 
HETATM 636 C C2B   . 86S C 2 .  ? -9.305  -10.981 -14.630 1.00 13.23 ? 101 86S A C2B   1 
HETATM 637 N N2B   . 86S C 2 .  ? -10.545 -10.908 -14.080 1.00 13.49 ? 101 86S A N2B   1 
HETATM 638 N N1B   . 86S C 2 .  ? -8.587  -12.104 -14.393 1.00 13.40 ? 101 86S A N1B   1 
HETATM 639 C C6B   . 86S C 2 .  ? -7.331  -12.392 -14.920 1.00 13.36 ? 101 86S A C6B   1 
HETATM 640 O O6B   . 86S C 2 .  ? -6.795  -13.524 -14.601 1.00 14.96 ? 101 86S A O6B   1 
HETATM 641 C C5B   . 86S C 2 .  ? -6.858  -11.469 -15.801 1.00 12.21 ? 101 86S A C5B   1 
HETATM 642 N N7B   . 86S C 2 .  ? -5.750  -11.367 -16.568 1.00 13.23 ? 101 86S A N7B   1 
HETATM 643 C C8B   . 86S C 2 .  ? -5.817  -10.239 -17.177 1.00 13.85 ? 101 86S A C8B   1 
HETATM 644 P PA    . 86S D 2 .  ? 4.540   0.857   22.128  1.00 60.79 ? 101 86S B PA    1 
HETATM 645 O O1A   . 86S D 2 .  ? 3.400   1.896   21.767  1.00 55.59 ? 101 86S B O1A   1 
HETATM 646 O O2A   . 86S D 2 .  ? 4.411   0.443   23.691  1.00 44.95 ? 101 86S B O2A   1 
HETATM 647 O O6A   . 86S D 2 .  ? 7.377   4.131   16.531  1.00 25.03 ? 101 86S B O6A   1 
HETATM 648 C C6A   . 86S D 2 .  ? 7.696   2.952   16.677  1.00 23.48 ? 101 86S B C6A   1 
HETATM 649 N N1A   . 86S D 2 .  ? 8.922   2.598   16.071  1.00 24.16 ? 101 86S B N1A   1 
HETATM 650 C C2A   . 86S D 2 .  ? 9.308   1.289   16.184  1.00 23.40 ? 101 86S B C2A   1 
HETATM 651 N N2A   . 86S D 2 .  ? 10.455  0.933   15.620  1.00 24.32 ? 101 86S B N2A   1 
HETATM 652 N N3A   . 86S D 2 .  ? 8.611   0.409   16.904  1.00 23.48 ? 101 86S B N3A   1 
HETATM 653 C C4A   . 86S D 2 .  ? 7.454   0.787   17.485  1.00 25.22 ? 101 86S B C4A   1 
HETATM 654 C C5A   . 86S D 2 .  ? 7.012   2.035   17.349  1.00 21.15 ? 101 86S B C5A   1 
HETATM 655 N N7A   . 86S D 2 .  ? 5.869   2.130   18.034  1.00 23.00 ? 101 86S B N7A   1 
HETATM 656 C C8A   . 86S D 2 .  ? 5.565   0.948   18.523  1.00 22.47 ? 101 86S B C8A   1 
HETATM 657 N N9A   . 86S D 2 .  ? 6.550   0.088   18.218  1.00 25.03 ? 101 86S B N9A   1 
HETATM 658 C C1D   . 86S D 2 .  ? 6.652   -1.343  18.567  1.00 25.20 ? 101 86S B C1D   1 
HETATM 659 O O4D   . 86S D 2 .  ? 5.393   -1.786  19.253  1.00 29.68 ? 101 86S B O4D   1 
HETATM 660 C C2D   . 86S D 2 .  ? 7.827   -1.755  19.458  1.00 28.50 ? 101 86S B C2D   1 
HETATM 661 O O2D   . 86S D 2 .  ? 8.185   -3.128  19.250  1.00 27.94 ? 101 86S B O2D   1 
HETATM 662 C C3D   . 86S D 2 .  ? 7.172   -1.683  20.820  1.00 30.91 ? 101 86S B C3D   1 
HETATM 663 O O3D   . 86S D 2 .  ? 7.891   -2.478  21.772  1.00 36.61 ? 101 86S B O3D   1 
HETATM 664 C C4D   . 86S D 2 .  ? 5.749   -2.266  20.567  1.00 32.68 ? 101 86S B C4D   1 
HETATM 665 C C5D   . 86S D 2 .  ? 4.715   -1.755  21.589  1.00 39.52 ? 101 86S B C5D   1 
HETATM 666 O O5D   . 86S D 2 .  ? 4.303   -0.437  21.223  1.00 43.35 ? 101 86S B O5D   1 
HETATM 667 O O3A   . 86S D 2 .  ? 6.062   1.530   21.874  1.00 70.21 ? 101 86S B O3A   1 
HETATM 668 P PG    . 86S D 2 .  ? 6.386   2.969   22.629  1.00 86.28 ? 101 86S B PG    1 
HETATM 669 O O1G   . 86S D 2 .  ? 7.312   3.726   21.866  1.00 80.03 ? 101 86S B O1G   1 
HETATM 670 O O2G   . 86S D 2 .  ? 5.225   3.565   23.401  1.00 88.66 ? 101 86S B O2G   1 
HETATM 671 O O5E   . 86S D 2 .  ? 7.150   1.755   23.469  1.00 65.74 ? 101 86S B O5E   1 
HETATM 672 C C5E   . 86S D 2 .  ? 8.576   1.490   23.390  1.00 52.78 ? 101 86S B C5E   1 
HETATM 673 C C4E   . 86S D 2 .  ? 9.252   1.429   21.973  1.00 47.19 ? 101 86S B C4E   1 
HETATM 674 O O4E   . 86S D 2 .  ? 8.654   1.724   20.571  1.00 39.38 ? 101 86S B O4E   1 
HETATM 675 C C3E   . 86S D 2 .  ? 10.459  2.391   21.984  1.00 45.27 ? 101 86S B C3E   1 
HETATM 676 O O3E   . 86S D 2 .  ? 11.436  1.893   22.853  1.00 56.44 ? 101 86S B O3E   1 
HETATM 677 C C2E   . 86S D 2 .  ? 10.990  2.296   20.594  1.00 43.01 ? 101 86S B C2E   1 
HETATM 678 O O2E   . 86S D 2 .  ? 11.481  0.953   20.275  1.00 42.46 ? 101 86S B O2E   1 
HETATM 679 C C1E   . 86S D 2 .  ? 9.722   2.498   19.830  1.00 34.79 ? 101 86S B C1E   1 
HETATM 680 N N9B   . 86S D 2 .  ? 9.350   3.952   19.492  1.00 29.20 ? 101 86S B N9B   1 
HETATM 681 C C4B   . 86S D 2 .  ? 10.063  4.747   18.711  1.00 26.13 ? 101 86S B C4B   1 
HETATM 682 N N3B   . 86S D 2 .  ? 11.263  4.512   18.138  1.00 23.87 ? 101 86S B N3B   1 
HETATM 683 C C2B   . 86S D 2 .  ? 11.779  5.517   17.411  1.00 24.60 ? 101 86S B C2B   1 
HETATM 684 N N2B   . 86S D 2 .  ? 12.977  5.398   16.847  1.00 23.96 ? 101 86S B N2B   1 
HETATM 685 N N1B   . 86S D 2 .  ? 11.082  6.732   17.255  1.00 24.38 ? 101 86S B N1B   1 
HETATM 686 C C6B   . 86S D 2 .  ? 9.831   6.907   17.827  1.00 29.02 ? 101 86S B C6B   1 
HETATM 687 O O6B   . 86S D 2 .  ? 9.197   7.989   17.688  1.00 33.85 ? 101 86S B O6B   1 
HETATM 688 C C5B   . 86S D 2 .  ? 9.364   5.903   18.555  1.00 26.49 ? 101 86S B C5B   1 
HETATM 689 N N7B   . 86S D 2 .  ? 8.217   5.780   19.218  1.00 32.38 ? 101 86S B N7B   1 
HETATM 690 C C8B   . 86S D 2 .  ? 8.197   4.583   19.751  1.00 29.40 ? 101 86S B C8B   1 
HETATM 691 O O     . HOH E 3 .  ? -11.656 -10.209 -2.789  1.00 24.79 ? 201 HOH A O     1 
HETATM 692 O O     . HOH E 3 .  ? -0.960  -12.664 -21.782 1.00 33.87 ? 202 HOH A O     1 
HETATM 693 O O     . HOH E 3 .  ? -3.823  -13.531 -19.943 1.00 21.15 ? 203 HOH A O     1 
HETATM 694 O O     . HOH E 3 .  ? 9.747   11.782  -0.575  1.00 25.73 ? 204 HOH A O     1 
HETATM 695 O O     . HOH E 3 .  ? -12.626 -12.330 -12.674 1.00 15.62 ? 205 HOH A O     1 
HETATM 696 O O     . HOH E 3 .  ? 2.325   -2.568  -0.242  1.00 23.15 ? 206 HOH A O     1 
HETATM 697 O O     . HOH E 3 .  ? 1.399   -12.517 -3.690  0.33 13.60 ? 207 HOH A O     1 
HETATM 698 O O     . HOH E 3 .  ? 3.086   6.945   -7.730  1.00 25.98 ? 208 HOH A O     1 
HETATM 699 O O     . HOH E 3 .  ? 3.625   5.159   1.492   1.00 23.99 ? 209 HOH A O     1 
HETATM 700 O O     . HOH E 3 .  ? 0.334   -12.949 -7.589  0.33 17.14 ? 210 HOH A O     1 
HETATM 701 O O     . HOH E 3 .  ? -4.429  -3.187  -8.857  1.00 17.00 ? 211 HOH A O     1 
HETATM 702 O O     . HOH E 3 .  ? 5.117   -5.597  -8.017  1.00 24.54 ? 212 HOH A O     1 
HETATM 703 O O     . HOH E 3 .  ? 6.664   -1.204  1.097   1.00 26.86 ? 213 HOH A O     1 
HETATM 704 O O     . HOH E 3 .  ? 2.523   12.006  -3.930  1.00 20.35 ? 214 HOH A O     1 
HETATM 705 O O     . HOH E 3 .  ? -2.921  -6.683  -17.073 1.00 20.48 ? 215 HOH A O     1 
HETATM 706 O O     . HOH E 3 .  ? 2.701   8.812   3.348   1.00 20.17 ? 216 HOH A O     1 
HETATM 707 O O     . HOH E 3 .  ? -10.743 -5.148  -8.530  1.00 26.65 ? 217 HOH A O     1 
HETATM 708 O O     . HOH E 3 .  ? 6.280   5.717   0.364   1.00 22.47 ? 218 HOH A O     1 
HETATM 709 O O     . HOH E 3 .  ? -1.571  7.241   14.808  1.00 28.63 ? 219 HOH A O     1 
HETATM 710 O O     . HOH E 3 .  ? 0.820   15.340  0.874   0.33 15.15 ? 220 HOH A O     1 
HETATM 711 O O     . HOH E 3 .  ? -5.086  -5.739  -3.408  1.00 24.10 ? 221 HOH A O     1 
HETATM 712 O O     . HOH E 3 .  ? -2.080  11.416  0.026   1.00 21.53 ? 222 HOH A O     1 
HETATM 713 O O     . HOH E 3 .  ? -4.121  15.226  6.195   1.00 25.85 ? 223 HOH A O     1 
HETATM 714 O O     . HOH E 3 .  ? -5.765  -15.036 -16.690 1.00 15.92 ? 224 HOH A O     1 
HETATM 715 O O     . HOH E 3 .  ? 5.158   7.685   2.812   1.00 28.92 ? 225 HOH A O     1 
HETATM 716 O O     . HOH E 3 .  ? 2.034   6.677   10.451  1.00 32.67 ? 226 HOH A O     1 
HETATM 717 O O     . HOH E 3 .  ? 1.574   -10.272 -8.112  1.00 14.49 ? 227 HOH A O     1 
HETATM 718 O O     . HOH E 3 .  ? -5.218  -4.978  -6.769  1.00 16.24 ? 228 HOH A O     1 
HETATM 719 O O     . HOH E 3 .  ? 2.433   10.295  6.528   1.00 26.93 ? 229 HOH A O     1 
HETATM 720 O O     . HOH E 3 .  ? -14.692 -3.857  -12.310 1.00 19.89 ? 230 HOH A O     1 
HETATM 721 O O     . HOH E 3 .  ? 9.134   8.014   1.552   1.00 30.12 ? 231 HOH A O     1 
HETATM 722 O O     . HOH E 3 .  ? -12.571 -3.372  -8.500  1.00 25.97 ? 232 HOH A O     1 
HETATM 723 O O     . HOH E 3 .  ? -7.542  -6.262  -5.779  1.00 16.22 ? 233 HOH A O     1 
HETATM 724 O O     . HOH E 3 .  ? 10.005  5.207   -6.696  1.00 20.10 ? 234 HOH A O     1 
HETATM 725 O O     . HOH E 3 .  ? -16.022 -11.913 -13.424 1.00 17.84 ? 235 HOH A O     1 
HETATM 726 O O     . HOH E 3 .  ? 1.952   7.459   6.560   1.00 35.63 ? 236 HOH A O     1 
HETATM 727 O O     . HOH E 3 .  ? 7.057   -8.267  -3.418  1.00 23.42 ? 237 HOH A O     1 
HETATM 728 O O     . HOH E 3 .  ? -2.317  -16.687 -16.267 0.50 23.70 ? 238 HOH A O     1 
HETATM 729 O O     . HOH E 3 .  ? -2.565  -6.175  -3.967  1.00 24.32 ? 239 HOH A O     1 
HETATM 730 O O     . HOH E 3 .  ? 2.025   1.648   -0.486  1.00 25.59 ? 240 HOH A O     1 
HETATM 731 O O     . HOH E 3 .  ? -8.726  -3.638  -14.086 1.00 19.56 ? 241 HOH A O     1 
HETATM 732 O O     . HOH E 3 .  ? 1.048   6.272   14.036  1.00 35.32 ? 242 HOH A O     1 
HETATM 733 O O     . HOH E 3 .  ? 1.893   16.545  4.569   0.33 22.46 ? 243 HOH A O     1 
HETATM 734 O O     . HOH E 3 .  ? -9.327  -5.034  -16.418 1.00 16.53 ? 244 HOH A O     1 
HETATM 735 O O     . HOH E 3 .  ? 5.715   2.464   -0.895  1.00 20.51 ? 245 HOH A O     1 
HETATM 736 O O     . HOH E 3 .  ? -2.971  -13.216 -8.183  1.00 27.35 ? 246 HOH A O     1 
HETATM 737 O O     . HOH E 3 .  ? 1.720   4.618   17.149  1.00 31.09 ? 247 HOH A O     1 
HETATM 738 O O     . HOH E 3 .  ? 2.910   4.562   7.912   1.00 24.52 ? 248 HOH A O     1 
HETATM 739 O O     . HOH E 3 .  ? 3.706   -0.546  -1.353  1.00 21.78 ? 249 HOH A O     1 
HETATM 740 O O     . HOH E 3 .  ? 2.392   -11.377 -0.244  0.33 19.78 ? 250 HOH A O     1 
HETATM 741 O O     . HOH E 3 .  ? -3.182  -3.553  -5.424  1.00 20.64 ? 251 HOH A O     1 
HETATM 742 O O     . HOH E 3 .  ? -7.090  3.435   9.414   1.00 26.52 ? 252 HOH A O     1 
HETATM 743 O O     . HOH E 3 .  ? 2.262   5.625   4.007   1.00 24.21 ? 253 HOH A O     1 
HETATM 744 O O     . HOH E 3 .  ? -0.016  -5.256  -1.828  1.00 26.92 ? 254 HOH A O     1 
HETATM 745 O O     . HOH E 3 .  ? -6.346  -3.756  -10.859 1.00 19.21 ? 255 HOH A O     1 
HETATM 746 O O     . HOH E 3 .  ? -10.628 -3.785  -18.508 0.50 20.15 ? 256 HOH A O     1 
HETATM 747 O O     . HOH E 3 .  ? -1.076  -14.983 -20.503 1.00 21.62 ? 257 HOH A O     1 
HETATM 748 O O     . HOH F 3 .  ? -5.589  9.133   -12.970 1.00 23.53 ? 201 HOH B O     1 
HETATM 749 O O     . HOH F 3 .  ? 6.538   0.603   6.271   1.00 33.09 ? 202 HOH B O     1 
HETATM 750 O O     . HOH F 3 .  ? 5.408   -8.021  9.782   0.33 21.02 ? 203 HOH B O     1 
HETATM 751 O O     . HOH F 3 .  ? 6.436   -0.866  -12.289 1.00 20.57 ? 204 HOH B O     1 
HETATM 752 O O     . HOH F 3 .  ? 7.034   -4.660  -19.541 1.00 33.83 ? 205 HOH B O     1 
HETATM 753 O O     . HOH F 3 .  ? -0.355  -3.155  2.823   1.00 23.23 ? 206 HOH B O     1 
HETATM 754 O O     . HOH F 3 .  ? -8.368  8.593   3.878   1.00 28.76 ? 207 HOH B O     1 
HETATM 755 O O     . HOH F 3 .  ? 8.840   2.628   8.129   1.00 30.09 ? 208 HOH B O     1 
HETATM 756 O O     . HOH F 3 .  ? -3.630  10.432  -4.207  1.00 24.17 ? 209 HOH B O     1 
HETATM 757 O O     . HOH F 3 .  ? 1.982   -9.628  -19.924 1.00 23.28 ? 210 HOH B O     1 
HETATM 758 O O     . HOH F 3 .  ? 4.255   4.073   10.468  1.00 27.21 ? 211 HOH B O     1 
HETATM 759 O O     . HOH F 3 .  ? -4.255  -5.105  -13.975 1.00 22.07 ? 212 HOH B O     1 
HETATM 760 O O     . HOH F 3 .  ? -7.071  3.978   -7.878  1.00 23.23 ? 213 HOH B O     1 
HETATM 761 O O     . HOH F 3 .  ? 1.294   -13.951 -13.811 1.00 15.22 ? 214 HOH B O     1 
HETATM 762 O O     . HOH F 3 .  ? 5.387   -1.585  -9.791  1.00 23.33 ? 215 HOH B O     1 
HETATM 763 O O     . HOH F 3 .  ? -5.867  -0.551  1.566   1.00 22.93 ? 216 HOH B O     1 
HETATM 764 O O     . HOH F 3 .  ? 4.384   -9.070  6.551   0.33 21.49 ? 217 HOH B O     1 
HETATM 765 O O     . HOH F 3 .  ? 6.146   2.488   9.195   1.00 29.07 ? 218 HOH B O     1 
HETATM 766 O O     . HOH F 3 .  ? 7.311   -3.418  -13.188 1.00 22.95 ? 219 HOH B O     1 
HETATM 767 O O     . HOH F 3 .  ? -2.070  0.389   1.055   1.00 27.30 ? 220 HOH B O     1 
HETATM 768 O O     . HOH F 3 .  ? -11.627 7.970   1.694   1.00 19.78 ? 221 HOH B O     1 
HETATM 769 O O     . HOH F 3 .  ? 2.775   2.798   -18.999 1.00 36.88 ? 222 HOH B O     1 
HETATM 770 O O     . HOH F 3 .  ? -7.870  1.899   -1.004  1.00 23.31 ? 223 HOH B O     1 
HETATM 771 O O     . HOH F 3 .  ? -1.122  0.563   -15.083 1.00 21.00 ? 224 HOH B O     1 
HETATM 772 O O     . HOH F 3 .  ? 6.303   1.883   -15.689 1.00 25.90 ? 225 HOH B O     1 
HETATM 773 O O     . HOH F 3 .  ? -0.270  -2.662  -17.056 1.00 26.79 ? 226 HOH B O     1 
HETATM 774 O O     . HOH F 3 .  ? -5.233  2.402   -1.834  1.00 21.34 ? 227 HOH B O     1 
HETATM 775 O O     . HOH F 3 .  ? -3.939  -0.684  -7.292  1.00 21.97 ? 228 HOH B O     1 
HETATM 776 O O     . HOH F 3 .  ? -4.931  2.206   -7.318  1.00 21.74 ? 229 HOH B O     1 
HETATM 777 O O     . HOH F 3 .  ? -2.564  -1.592  3.119   1.00 19.90 ? 230 HOH B O     1 
HETATM 778 O O     . HOH F 3 .  ? 1.838   7.205   -14.458 1.00 23.36 ? 231 HOH B O     1 
HETATM 779 O O     . HOH F 3 .  ? -2.052  -8.264  8.622   1.00 31.56 ? 232 HOH B O     1 
HETATM 780 O O     . HOH F 3 .  ? -3.072  -1.280  -13.473 1.00 22.80 ? 233 HOH B O     1 
HETATM 781 O O     . HOH F 3 .  ? -4.685  9.823   1.452   1.00 22.39 ? 234 HOH B O     1 
HETATM 782 O O     . HOH F 3 .  ? 2.725   -0.114  5.177   1.00 25.08 ? 235 HOH B O     1 
HETATM 783 O O     . HOH F 3 .  ? 2.147   -6.308  -20.986 1.00 33.65 ? 236 HOH B O     1 
HETATM 784 O O     . HOH F 3 .  ? -0.093  -13.467 -11.392 1.00 22.30 ? 237 HOH B O     1 
HETATM 785 O O     . HOH F 3 .  ? 4.036   1.899   7.422   1.00 28.52 ? 238 HOH B O     1 
HETATM 786 O O     . HOH F 3 .  ? -4.229  2.693   -11.682 1.00 31.05 ? 239 HOH B O     1 
HETATM 787 O O     . HOH F 3 .  ? -3.573  10.346  -13.932 0.33 20.88 ? 240 HOH B O     1 
# 
loop_
_pdbx_poly_seq_scheme.asym_id 
_pdbx_poly_seq_scheme.entity_id 
_pdbx_poly_seq_scheme.seq_id 
_pdbx_poly_seq_scheme.mon_id 
_pdbx_poly_seq_scheme.ndb_seq_num 
_pdbx_poly_seq_scheme.pdb_seq_num 
_pdbx_poly_seq_scheme.auth_seq_num 
_pdbx_poly_seq_scheme.pdb_mon_id 
_pdbx_poly_seq_scheme.auth_mon_id 
_pdbx_poly_seq_scheme.pdb_strand_id 
_pdbx_poly_seq_scheme.pdb_ins_code 
_pdbx_poly_seq_scheme.hetero 
A 1 1  LCC 1  1  1  LCC LCC A . n 
A 1 2  LCC 2  2  2  LCC LCC A . n 
A 1 3  LCC 3  3  3  LCC LCC A . n 
A 1 4  G   4  4  4  G   G   A . n 
A 1 5  A   5  5  5  A   A   A . n 
A 1 6  C   6  6  6  C   C   A . n 
A 1 7  U   7  7  7  U   U   A . n 
A 1 8  U   8  8  8  U   U   A . n 
A 1 9  A   9  9  9  A   A   A . n 
A 1 10 A   10 10 10 A   A   A . n 
A 1 11 G   11 11 11 G   G   A . n 
A 1 12 U   12 12 12 U   U   A . n 
A 1 13 C   13 13 13 C   C   A . n 
A 1 14 G   14 14 14 G   G   A . n 
B 1 1  LCC 1  1  1  LCC LCC B . n 
B 1 2  LCC 2  2  2  LCC LCC B . n 
B 1 3  LCC 3  3  3  LCC LCC B . n 
B 1 4  G   4  4  4  G   G   B . n 
B 1 5  A   5  5  5  A   A   B . n 
B 1 6  C   6  6  6  C   C   B . n 
B 1 7  U   7  7  7  U   U   B . n 
B 1 8  U   8  8  8  U   U   B . n 
B 1 9  A   9  9  9  A   A   B . n 
B 1 10 A   10 10 10 A   A   B . n 
B 1 11 G   11 11 11 G   G   B . n 
B 1 12 U   12 12 12 U   U   B . n 
B 1 13 C   13 13 13 C   C   B . n 
B 1 14 G   14 14 14 G   G   B . n 
# 
loop_
_pdbx_nonpoly_scheme.asym_id 
_pdbx_nonpoly_scheme.entity_id 
_pdbx_nonpoly_scheme.mon_id 
_pdbx_nonpoly_scheme.ndb_seq_num 
_pdbx_nonpoly_scheme.pdb_seq_num 
_pdbx_nonpoly_scheme.auth_seq_num 
_pdbx_nonpoly_scheme.pdb_mon_id 
_pdbx_nonpoly_scheme.auth_mon_id 
_pdbx_nonpoly_scheme.pdb_strand_id 
_pdbx_nonpoly_scheme.pdb_ins_code 
C 2 86S 1  101 2   86S GP2 A . 
D 2 86S 1  101 1   86S GP2 B . 
E 3 HOH 1  201 102 HOH HOH A . 
E 3 HOH 2  202 49  HOH HOH A . 
E 3 HOH 3  203 50  HOH HOH A . 
E 3 HOH 4  204 81  HOH HOH A . 
E 3 HOH 5  205 16  HOH HOH A . 
E 3 HOH 6  206 22  HOH HOH A . 
E 3 HOH 7  207 11  HOH HOH A . 
E 3 HOH 8  208 99  HOH HOH A . 
E 3 HOH 9  209 60  HOH HOH A . 
E 3 HOH 10 210 78  HOH HOH A . 
E 3 HOH 11 211 8   HOH HOH A . 
E 3 HOH 12 212 14  HOH HOH A . 
E 3 HOH 13 213 93  HOH HOH A . 
E 3 HOH 14 214 56  HOH HOH A . 
E 3 HOH 15 215 1   HOH HOH A . 
E 3 HOH 16 216 54  HOH HOH A . 
E 3 HOH 17 217 76  HOH HOH A . 
E 3 HOH 18 218 53  HOH HOH A . 
E 3 HOH 19 219 88  HOH HOH A . 
E 3 HOH 20 220 65  HOH HOH A . 
E 3 HOH 21 221 26  HOH HOH A . 
E 3 HOH 22 222 55  HOH HOH A . 
E 3 HOH 23 223 104 HOH HOH A . 
E 3 HOH 24 224 21  HOH HOH A . 
E 3 HOH 25 225 82  HOH HOH A . 
E 3 HOH 26 226 87  HOH HOH A . 
E 3 HOH 27 227 3   HOH HOH A . 
E 3 HOH 28 228 44  HOH HOH A . 
E 3 HOH 29 229 86  HOH HOH A . 
E 3 HOH 30 230 74  HOH HOH A . 
E 3 HOH 31 231 85  HOH HOH A . 
E 3 HOH 32 232 75  HOH HOH A . 
E 3 HOH 33 233 27  HOH HOH A . 
E 3 HOH 34 234 62  HOH HOH A . 
E 3 HOH 35 235 19  HOH HOH A . 
E 3 HOH 36 236 63  HOH HOH A . 
E 3 HOH 37 237 25  HOH HOH A . 
E 3 HOH 38 238 106 HOH HOH A . 
E 3 HOH 39 239 30  HOH HOH A . 
E 3 HOH 40 240 84  HOH HOH A . 
E 3 HOH 41 241 45  HOH HOH A . 
E 3 HOH 42 242 73  HOH HOH A . 
E 3 HOH 43 243 64  HOH HOH A . 
E 3 HOH 44 244 46  HOH HOH A . 
E 3 HOH 45 245 52  HOH HOH A . 
E 3 HOH 46 246 79  HOH HOH A . 
E 3 HOH 47 247 72  HOH HOH A . 
E 3 HOH 48 248 57  HOH HOH A . 
E 3 HOH 49 249 67  HOH HOH A . 
E 3 HOH 50 250 10  HOH HOH A . 
E 3 HOH 51 251 29  HOH HOH A . 
E 3 HOH 52 252 69  HOH HOH A . 
E 3 HOH 53 253 83  HOH HOH A . 
E 3 HOH 54 254 103 HOH HOH A . 
E 3 HOH 55 255 7   HOH HOH A . 
E 3 HOH 56 256 105 HOH HOH A . 
E 3 HOH 57 257 48  HOH HOH A . 
F 3 HOH 1  201 97  HOH HOH B . 
F 3 HOH 2  202 90  HOH HOH B . 
F 3 HOH 3  203 24  HOH HOH B . 
F 3 HOH 4  204 34  HOH HOH B . 
F 3 HOH 5  205 98  HOH HOH B . 
F 3 HOH 6  206 38  HOH HOH B . 
F 3 HOH 7  207 80  HOH HOH B . 
F 3 HOH 8  208 92  HOH HOH B . 
F 3 HOH 9  209 71  HOH HOH B . 
F 3 HOH 10 210 20  HOH HOH B . 
F 3 HOH 11 211 89  HOH HOH B . 
F 3 HOH 12 212 2   HOH HOH B . 
F 3 HOH 13 213 51  HOH HOH B . 
F 3 HOH 14 214 66  HOH HOH B . 
F 3 HOH 15 215 35  HOH HOH B . 
F 3 HOH 16 216 36  HOH HOH B . 
F 3 HOH 17 217 23  HOH HOH B . 
F 3 HOH 18 218 58  HOH HOH B . 
F 3 HOH 19 219 15  HOH HOH B . 
F 3 HOH 20 220 68  HOH HOH B . 
F 3 HOH 21 221 61  HOH HOH B . 
F 3 HOH 22 222 100 HOH HOH B . 
F 3 HOH 23 223 40  HOH HOH B . 
F 3 HOH 24 224 32  HOH HOH B . 
F 3 HOH 25 225 33  HOH HOH B . 
F 3 HOH 26 226 101 HOH HOH B . 
F 3 HOH 27 227 39  HOH HOH B . 
F 3 HOH 28 228 43  HOH HOH B . 
F 3 HOH 29 229 41  HOH HOH B . 
F 3 HOH 30 230 37  HOH HOH B . 
F 3 HOH 31 231 95  HOH HOH B . 
F 3 HOH 32 232 94  HOH HOH B . 
F 3 HOH 33 233 31  HOH HOH B . 
F 3 HOH 34 234 70  HOH HOH B . 
F 3 HOH 35 235 91  HOH HOH B . 
F 3 HOH 36 236 47  HOH HOH B . 
F 3 HOH 37 237 77  HOH HOH B . 
F 3 HOH 38 238 59  HOH HOH B . 
F 3 HOH 39 239 96  HOH HOH B . 
F 3 HOH 40 240 42  HOH HOH B . 
# 
_pdbx_struct_assembly.id                   1 
_pdbx_struct_assembly.details              author_and_software_defined_assembly 
_pdbx_struct_assembly.method_details       PISA 
_pdbx_struct_assembly.oligomeric_details   dimeric 
_pdbx_struct_assembly.oligomeric_count     2 
# 
_pdbx_struct_assembly_gen.assembly_id       1 
_pdbx_struct_assembly_gen.oper_expression   1 
_pdbx_struct_assembly_gen.asym_id_list      A,B,C,D,E,F 
# 
loop_
_pdbx_struct_assembly_prop.biol_id 
_pdbx_struct_assembly_prop.type 
_pdbx_struct_assembly_prop.value 
_pdbx_struct_assembly_prop.details 
1 'ABSA (A^2)' 1460 ? 
1 MORE         -3   ? 
1 'SSA (A^2)'  6020 ? 
# 
_pdbx_struct_oper_list.id                   1 
_pdbx_struct_oper_list.type                 'identity operation' 
_pdbx_struct_oper_list.name                 1_555 
_pdbx_struct_oper_list.symmetry_operation   x,y,z 
_pdbx_struct_oper_list.matrix[1][1]         1.0000000000 
_pdbx_struct_oper_list.matrix[1][2]         0.0000000000 
_pdbx_struct_oper_list.matrix[1][3]         0.0000000000 
_pdbx_struct_oper_list.vector[1]            0.0000000000 
_pdbx_struct_oper_list.matrix[2][1]         0.0000000000 
_pdbx_struct_oper_list.matrix[2][2]         1.0000000000 
_pdbx_struct_oper_list.matrix[2][3]         0.0000000000 
_pdbx_struct_oper_list.vector[2]            0.0000000000 
_pdbx_struct_oper_list.matrix[3][1]         0.0000000000 
_pdbx_struct_oper_list.matrix[3][2]         0.0000000000 
_pdbx_struct_oper_list.matrix[3][3]         1.0000000000 
_pdbx_struct_oper_list.vector[3]            0.0000000000 
# 
loop_
_pdbx_struct_special_symmetry.id 
_pdbx_struct_special_symmetry.PDB_model_num 
_pdbx_struct_special_symmetry.auth_asym_id 
_pdbx_struct_special_symmetry.auth_comp_id 
_pdbx_struct_special_symmetry.auth_seq_id 
_pdbx_struct_special_symmetry.PDB_ins_code 
_pdbx_struct_special_symmetry.label_asym_id 
_pdbx_struct_special_symmetry.label_comp_id 
_pdbx_struct_special_symmetry.label_seq_id 
1 1 A HOH 207 ? E HOH . 
2 1 A HOH 220 ? E HOH . 
3 1 A HOH 238 ? E HOH . 
4 1 A HOH 243 ? E HOH . 
5 1 A HOH 250 ? E HOH . 
6 1 A HOH 256 ? E HOH . 
7 1 B HOH 203 ? F HOH . 
8 1 B HOH 217 ? F HOH . 
9 1 B HOH 240 ? F HOH . 
# 
loop_
_pdbx_audit_revision_history.ordinal 
_pdbx_audit_revision_history.data_content_type 
_pdbx_audit_revision_history.major_revision 
_pdbx_audit_revision_history.minor_revision 
_pdbx_audit_revision_history.revision_date 
1 'Structure model' 1 0 2017-07-05 
2 'Structure model' 1 1 2017-07-19 
3 'Structure model' 1 2 2017-08-02 
4 'Structure model' 1 3 2023-10-04 
# 
_pdbx_audit_revision_details.ordinal             1 
_pdbx_audit_revision_details.revision_ordinal    1 
_pdbx_audit_revision_details.data_content_type   'Structure model' 
_pdbx_audit_revision_details.provider            repository 
_pdbx_audit_revision_details.type                'Initial release' 
_pdbx_audit_revision_details.description         ? 
_pdbx_audit_revision_details.details             ? 
# 
loop_
_pdbx_audit_revision_group.ordinal 
_pdbx_audit_revision_group.revision_ordinal 
_pdbx_audit_revision_group.data_content_type 
_pdbx_audit_revision_group.group 
1 2 'Structure model' 'Database references'    
2 3 'Structure model' 'Database references'    
3 4 'Structure model' 'Data collection'        
4 4 'Structure model' 'Database references'    
5 4 'Structure model' 'Derived calculations'   
6 4 'Structure model' 'Refinement description' 
# 
loop_
_pdbx_audit_revision_category.ordinal 
_pdbx_audit_revision_category.revision_ordinal 
_pdbx_audit_revision_category.data_content_type 
_pdbx_audit_revision_category.category 
1 2 'Structure model' citation                      
2 2 'Structure model' citation_author               
3 3 'Structure model' citation                      
4 4 'Structure model' chem_comp_atom                
5 4 'Structure model' chem_comp_bond                
6 4 'Structure model' database_2                    
7 4 'Structure model' pdbx_initial_refinement_model 
8 4 'Structure model' pdbx_struct_special_symmetry  
# 
loop_
_pdbx_audit_revision_item.ordinal 
_pdbx_audit_revision_item.revision_ordinal 
_pdbx_audit_revision_item.data_content_type 
_pdbx_audit_revision_item.item 
1 2 'Structure model' '_citation.journal_abbrev'            
2 2 'Structure model' '_citation.pdbx_database_id_PubMed'   
3 2 'Structure model' '_citation.title'                     
4 2 'Structure model' '_citation_author.name'               
5 3 'Structure model' '_citation.journal_volume'            
6 3 'Structure model' '_citation.page_first'                
7 3 'Structure model' '_citation.page_last'                 
8 4 'Structure model' '_database_2.pdbx_DOI'                
9 4 'Structure model' '_database_2.pdbx_database_accession' 
# 
loop_
_software.citation_id 
_software.classification 
_software.compiler_name 
_software.compiler_version 
_software.contact_author 
_software.contact_author_email 
_software.date 
_software.description 
_software.dependencies 
_software.hardware 
_software.language 
_software.location 
_software.mods 
_software.name 
_software.os 
_software.os_version 
_software.type 
_software.version 
_software.pdbx_ordinal 
? refinement       ? ? ? ? ? ? ? ? ? ? ? REFMAC   ? ? ? 5.8.0135 1 
? 'data reduction' ? ? ? ? ? ? ? ? ? ? ? HKL-2000 ? ? ? .        2 
? 'data scaling'   ? ? ? ? ? ? ? ? ? ? ? HKL-2000 ? ? ? .        3 
? phasing          ? ? ? ? ? ? ? ? ? ? ? PHASER   ? ? ? .        4 
# 
loop_
_pdbx_validate_rmsd_bond.id 
_pdbx_validate_rmsd_bond.PDB_model_num 
_pdbx_validate_rmsd_bond.auth_atom_id_1 
_pdbx_validate_rmsd_bond.auth_asym_id_1 
_pdbx_validate_rmsd_bond.auth_comp_id_1 
_pdbx_validate_rmsd_bond.auth_seq_id_1 
_pdbx_validate_rmsd_bond.PDB_ins_code_1 
_pdbx_validate_rmsd_bond.label_alt_id_1 
_pdbx_validate_rmsd_bond.auth_atom_id_2 
_pdbx_validate_rmsd_bond.auth_asym_id_2 
_pdbx_validate_rmsd_bond.auth_comp_id_2 
_pdbx_validate_rmsd_bond.auth_seq_id_2 
_pdbx_validate_rmsd_bond.PDB_ins_code_2 
_pdbx_validate_rmsd_bond.label_alt_id_2 
_pdbx_validate_rmsd_bond.bond_value 
_pdbx_validate_rmsd_bond.bond_target_value 
_pdbx_validate_rmsd_bond.bond_deviation 
_pdbx_validate_rmsd_bond.bond_standard_deviation 
_pdbx_validate_rmsd_bond.linker_flag 
1 1 "O3'" A LCC 2 ? ? P   A LCC 3 ? ? 1.683 1.607 0.076  0.012 Y 
2 1 P     A U   7 ? ? OP2 A U   7 ? ? 1.379 1.485 -0.106 0.017 N 
3 1 "O3'" B LCC 2 ? ? P   B LCC 3 ? ? 1.682 1.607 0.075  0.012 Y 
# 
loop_
_pdbx_validate_rmsd_angle.id 
_pdbx_validate_rmsd_angle.PDB_model_num 
_pdbx_validate_rmsd_angle.auth_atom_id_1 
_pdbx_validate_rmsd_angle.auth_asym_id_1 
_pdbx_validate_rmsd_angle.auth_comp_id_1 
_pdbx_validate_rmsd_angle.auth_seq_id_1 
_pdbx_validate_rmsd_angle.PDB_ins_code_1 
_pdbx_validate_rmsd_angle.label_alt_id_1 
_pdbx_validate_rmsd_angle.auth_atom_id_2 
_pdbx_validate_rmsd_angle.auth_asym_id_2 
_pdbx_validate_rmsd_angle.auth_comp_id_2 
_pdbx_validate_rmsd_angle.auth_seq_id_2 
_pdbx_validate_rmsd_angle.PDB_ins_code_2 
_pdbx_validate_rmsd_angle.label_alt_id_2 
_pdbx_validate_rmsd_angle.auth_atom_id_3 
_pdbx_validate_rmsd_angle.auth_asym_id_3 
_pdbx_validate_rmsd_angle.auth_comp_id_3 
_pdbx_validate_rmsd_angle.auth_seq_id_3 
_pdbx_validate_rmsd_angle.PDB_ins_code_3 
_pdbx_validate_rmsd_angle.label_alt_id_3 
_pdbx_validate_rmsd_angle.angle_value 
_pdbx_validate_rmsd_angle.angle_target_value 
_pdbx_validate_rmsd_angle.angle_deviation 
_pdbx_validate_rmsd_angle.angle_standard_deviation 
_pdbx_validate_rmsd_angle.linker_flag 
1 1 "O5'" A G 11 ? ? P A G 11 ? ? OP2 A G 11 ? ? 95.10 105.70 -10.60 0.90 N 
2 1 "O5'" B G 11 ? ? P B G 11 ? ? OP2 B G 11 ? ? 94.25 105.70 -11.45 0.90 N 
# 
loop_
_chem_comp_atom.comp_id 
_chem_comp_atom.atom_id 
_chem_comp_atom.type_symbol 
_chem_comp_atom.pdbx_aromatic_flag 
_chem_comp_atom.pdbx_stereo_config 
_chem_comp_atom.pdbx_ordinal 
86S PA     P N N 1   
86S O1A    O N N 2   
86S O2A    O N N 3   
86S O6A    O N N 4   
86S C6A    C N N 5   
86S N1A    N N N 6   
86S C2A    C N N 7   
86S N2A    N N N 8   
86S N3A    N N N 9   
86S C4A    C Y N 10  
86S C5A    C Y N 11  
86S N7A    N Y N 12  
86S C8A    C Y N 13  
86S N9A    N Y N 14  
86S C1D    C N R 15  
86S O4D    O N N 16  
86S C2D    C N R 17  
86S O2D    O N N 18  
86S C3D    C N S 19  
86S O3D    O N N 20  
86S C4D    C N R 21  
86S C5D    C N N 22  
86S O5D    O N N 23  
86S O3A    O N N 24  
86S PG     P N N 25  
86S O1G    O N N 26  
86S O2G    O N N 27  
86S O5E    O N N 28  
86S C5E    C N N 29  
86S C4E    C N R 30  
86S O4E    O N N 31  
86S C3E    C N S 32  
86S O3E    O N N 33  
86S C2E    C N R 34  
86S O2E    O N N 35  
86S C1E    C N R 36  
86S N9B    N Y N 37  
86S C4B    C Y N 38  
86S N3B    N N N 39  
86S C2B    C N N 40  
86S N2B    N N N 41  
86S N1B    N N N 42  
86S C6B    C N N 43  
86S O6B    O N N 44  
86S C5B    C Y N 45  
86S N7B    N Y N 46  
86S C8B    C Y N 47  
86S H1     H N N 48  
86S H2     H N N 49  
86S H3     H N N 50  
86S H4     H N N 51  
86S H5     H N N 52  
86S H6     H N N 53  
86S H7     H N N 54  
86S H8     H N N 55  
86S H9     H N N 56  
86S H10    H N N 57  
86S H11    H N N 58  
86S H12    H N N 59  
86S H13    H N N 60  
86S H14    H N N 61  
86S H15    H N N 62  
86S H16    H N N 63  
86S H17    H N N 64  
86S H18    H N N 65  
86S H19    H N N 66  
86S H20    H N N 67  
86S H21    H N N 68  
86S H22    H N N 69  
86S H23    H N N 70  
86S H24    H N N 71  
86S H25    H N N 72  
86S H26    H N N 73  
A   OP3    O N N 74  
A   P      P N N 75  
A   OP1    O N N 76  
A   OP2    O N N 77  
A   "O5'"  O N N 78  
A   "C5'"  C N N 79  
A   "C4'"  C N R 80  
A   "O4'"  O N N 81  
A   "C3'"  C N S 82  
A   "O3'"  O N N 83  
A   "C2'"  C N R 84  
A   "O2'"  O N N 85  
A   "C1'"  C N R 86  
A   N9     N Y N 87  
A   C8     C Y N 88  
A   N7     N Y N 89  
A   C5     C Y N 90  
A   C6     C Y N 91  
A   N6     N N N 92  
A   N1     N Y N 93  
A   C2     C Y N 94  
A   N3     N Y N 95  
A   C4     C Y N 96  
A   HOP3   H N N 97  
A   HOP2   H N N 98  
A   "H5'"  H N N 99  
A   "H5''" H N N 100 
A   "H4'"  H N N 101 
A   "H3'"  H N N 102 
A   "HO3'" H N N 103 
A   "H2'"  H N N 104 
A   "HO2'" H N N 105 
A   "H1'"  H N N 106 
A   H8     H N N 107 
A   H61    H N N 108 
A   H62    H N N 109 
A   H2     H N N 110 
C   OP3    O N N 111 
C   P      P N N 112 
C   OP1    O N N 113 
C   OP2    O N N 114 
C   "O5'"  O N N 115 
C   "C5'"  C N N 116 
C   "C4'"  C N R 117 
C   "O4'"  O N N 118 
C   "C3'"  C N S 119 
C   "O3'"  O N N 120 
C   "C2'"  C N R 121 
C   "O2'"  O N N 122 
C   "C1'"  C N R 123 
C   N1     N N N 124 
C   C2     C N N 125 
C   O2     O N N 126 
C   N3     N N N 127 
C   C4     C N N 128 
C   N4     N N N 129 
C   C5     C N N 130 
C   C6     C N N 131 
C   HOP3   H N N 132 
C   HOP2   H N N 133 
C   "H5'"  H N N 134 
C   "H5''" H N N 135 
C   "H4'"  H N N 136 
C   "H3'"  H N N 137 
C   "HO3'" H N N 138 
C   "H2'"  H N N 139 
C   "HO2'" H N N 140 
C   "H1'"  H N N 141 
C   H41    H N N 142 
C   H42    H N N 143 
C   H5     H N N 144 
C   H6     H N N 145 
G   OP3    O N N 146 
G   P      P N N 147 
G   OP1    O N N 148 
G   OP2    O N N 149 
G   "O5'"  O N N 150 
G   "C5'"  C N N 151 
G   "C4'"  C N R 152 
G   "O4'"  O N N 153 
G   "C3'"  C N S 154 
G   "O3'"  O N N 155 
G   "C2'"  C N R 156 
G   "O2'"  O N N 157 
G   "C1'"  C N R 158 
G   N9     N Y N 159 
G   C8     C Y N 160 
G   N7     N Y N 161 
G   C5     C Y N 162 
G   C6     C N N 163 
G   O6     O N N 164 
G   N1     N N N 165 
G   C2     C N N 166 
G   N2     N N N 167 
G   N3     N N N 168 
G   C4     C Y N 169 
G   HOP3   H N N 170 
G   HOP2   H N N 171 
G   "H5'"  H N N 172 
G   "H5''" H N N 173 
G   "H4'"  H N N 174 
G   "H3'"  H N N 175 
G   "HO3'" H N N 176 
G   "H2'"  H N N 177 
G   "HO2'" H N N 178 
G   "H1'"  H N N 179 
G   H8     H N N 180 
G   H1     H N N 181 
G   H21    H N N 182 
G   H22    H N N 183 
HOH O      O N N 184 
HOH H1     H N N 185 
HOH H2     H N N 186 
LCC "O5'"  O N N 187 
LCC "C5'"  C N N 188 
LCC "C4'"  C N R 189 
LCC "O4'"  O N N 190 
LCC "C1'"  C N R 191 
LCC N1     N N N 192 
LCC C6     C N N 193 
LCC C5     C N N 194 
LCC C5M    C N N 195 
LCC C4     C N N 196 
LCC N4     N N N 197 
LCC N3     N N N 198 
LCC C2     C N N 199 
LCC O2     O N N 200 
LCC "C3'"  C N S 201 
LCC "C2'"  C N R 202 
LCC "O2'"  O N N 203 
LCC "O3'"  O N N 204 
LCC "C6'"  C N N 205 
LCC P      P N N 206 
LCC O1P    O N N 207 
LCC O2P    O N N 208 
LCC OXT    O N N 209 
LCC "H5'1" H N N 210 
LCC "H5'2" H N N 211 
LCC "H1'"  H N N 212 
LCC H6     H N N 213 
LCC H5M1   H N N 214 
LCC H5M2   H N N 215 
LCC H5M3   H N N 216 
LCC H41    H N N 217 
LCC H42    H N N 218 
LCC "H3'"  H N N 219 
LCC "H2'1" H N N 220 
LCC H3T    H N N 221 
LCC "H6'1" H N N 222 
LCC "H6'2" H N N 223 
LCC H1P    H N N 224 
LCC HXT    H N N 225 
U   OP3    O N N 226 
U   P      P N N 227 
U   OP1    O N N 228 
U   OP2    O N N 229 
U   "O5'"  O N N 230 
U   "C5'"  C N N 231 
U   "C4'"  C N R 232 
U   "O4'"  O N N 233 
U   "C3'"  C N S 234 
U   "O3'"  O N N 235 
U   "C2'"  C N R 236 
U   "O2'"  O N N 237 
U   "C1'"  C N R 238 
U   N1     N N N 239 
U   C2     C N N 240 
U   O2     O N N 241 
U   N3     N N N 242 
U   C4     C N N 243 
U   O4     O N N 244 
U   C5     C N N 245 
U   C6     C N N 246 
U   HOP3   H N N 247 
U   HOP2   H N N 248 
U   "H5'"  H N N 249 
U   "H5''" H N N 250 
U   "H4'"  H N N 251 
U   "H3'"  H N N 252 
U   "HO3'" H N N 253 
U   "H2'"  H N N 254 
U   "HO2'" H N N 255 
U   "H1'"  H N N 256 
U   H3     H N N 257 
U   H5     H N N 258 
U   H6     H N N 259 
# 
loop_
_chem_comp_bond.comp_id 
_chem_comp_bond.atom_id_1 
_chem_comp_bond.atom_id_2 
_chem_comp_bond.value_order 
_chem_comp_bond.pdbx_aromatic_flag 
_chem_comp_bond.pdbx_stereo_config 
_chem_comp_bond.pdbx_ordinal 
86S N2A   C2A    sing N N 1   
86S C2A   N1A    sing N N 2   
86S C2A   N3A    doub N N 3   
86S N1A   C6A    sing N N 4   
86S N3A   C4A    sing N N 5   
86S C6A   O6A    doub N N 6   
86S C6A   C5A    sing N N 7   
86S C4A   C5A    doub Y N 8   
86S C4A   N9A    sing Y N 9   
86S C1D   N9A    sing N N 10  
86S C1D   O4D    sing N N 11  
86S C1D   C2D    sing N N 12  
86S C5A   N7A    sing Y N 13  
86S N9A   C8A    sing Y N 14  
86S O4D   C4D    sing N N 15  
86S N7A   C8A    doub Y N 16  
86S O2D   C2D    sing N N 17  
86S C2D   C3D    sing N N 18  
86S C4D   C3D    sing N N 19  
86S C4D   C5D    sing N N 20  
86S O5D   C5D    sing N N 21  
86S O5D   PA     sing N N 22  
86S C3D   O3D    sing N N 23  
86S N2B   C2B    sing N N 24  
86S C2B   N1B    sing N N 25  
86S C2B   N3B    doub N N 26  
86S N1B   C6B    sing N N 27  
86S N3B   C4B    sing N N 28  
86S C6B   O6B    doub N N 29  
86S C6B   C5B    sing N N 30  
86S C4B   C5B    doub Y N 31  
86S C4B   N9B    sing Y N 32  
86S C5B   N7B    sing Y N 33  
86S O1A   PA     doub N N 34  
86S C1E   N9B    sing N N 35  
86S C1E   O4E    sing N N 36  
86S C1E   C2E    sing N N 37  
86S N7B   C8B    doub Y N 38  
86S N9B   C8B    sing Y N 39  
86S O4E   C4E    sing N N 40  
86S PA    O3A    sing N N 41  
86S PA    O2A    sing N N 42  
86S O2E   C2E    sing N N 43  
86S O3A   PG     sing N N 44  
86S C2E   C3E    sing N N 45  
86S C4E   C3E    sing N N 46  
86S C4E   C5E    sing N N 47  
86S O1G   PG     doub N N 48  
86S PG    O2G    sing N N 49  
86S PG    O5E    sing N N 50  
86S C3E   O3E    sing N N 51  
86S O5E   C5E    sing N N 52  
86S O2A   H1     sing N N 53  
86S N1A   H2     sing N N 54  
86S N2A   H3     sing N N 55  
86S N2A   H4     sing N N 56  
86S C8A   H5     sing N N 57  
86S C1D   H6     sing N N 58  
86S C2D   H7     sing N N 59  
86S O2D   H8     sing N N 60  
86S C3D   H9     sing N N 61  
86S O3D   H10    sing N N 62  
86S C4D   H11    sing N N 63  
86S C5D   H12    sing N N 64  
86S C5D   H13    sing N N 65  
86S O2G   H14    sing N N 66  
86S C5E   H15    sing N N 67  
86S C5E   H16    sing N N 68  
86S C4E   H17    sing N N 69  
86S C3E   H18    sing N N 70  
86S O3E   H19    sing N N 71  
86S C2E   H20    sing N N 72  
86S O2E   H21    sing N N 73  
86S C1E   H22    sing N N 74  
86S N2B   H23    sing N N 75  
86S N2B   H24    sing N N 76  
86S N1B   H25    sing N N 77  
86S C8B   H26    sing N N 78  
A   OP3   P      sing N N 79  
A   OP3   HOP3   sing N N 80  
A   P     OP1    doub N N 81  
A   P     OP2    sing N N 82  
A   P     "O5'"  sing N N 83  
A   OP2   HOP2   sing N N 84  
A   "O5'" "C5'"  sing N N 85  
A   "C5'" "C4'"  sing N N 86  
A   "C5'" "H5'"  sing N N 87  
A   "C5'" "H5''" sing N N 88  
A   "C4'" "O4'"  sing N N 89  
A   "C4'" "C3'"  sing N N 90  
A   "C4'" "H4'"  sing N N 91  
A   "O4'" "C1'"  sing N N 92  
A   "C3'" "O3'"  sing N N 93  
A   "C3'" "C2'"  sing N N 94  
A   "C3'" "H3'"  sing N N 95  
A   "O3'" "HO3'" sing N N 96  
A   "C2'" "O2'"  sing N N 97  
A   "C2'" "C1'"  sing N N 98  
A   "C2'" "H2'"  sing N N 99  
A   "O2'" "HO2'" sing N N 100 
A   "C1'" N9     sing N N 101 
A   "C1'" "H1'"  sing N N 102 
A   N9    C8     sing Y N 103 
A   N9    C4     sing Y N 104 
A   C8    N7     doub Y N 105 
A   C8    H8     sing N N 106 
A   N7    C5     sing Y N 107 
A   C5    C6     sing Y N 108 
A   C5    C4     doub Y N 109 
A   C6    N6     sing N N 110 
A   C6    N1     doub Y N 111 
A   N6    H61    sing N N 112 
A   N6    H62    sing N N 113 
A   N1    C2     sing Y N 114 
A   C2    N3     doub Y N 115 
A   C2    H2     sing N N 116 
A   N3    C4     sing Y N 117 
C   OP3   P      sing N N 118 
C   OP3   HOP3   sing N N 119 
C   P     OP1    doub N N 120 
C   P     OP2    sing N N 121 
C   P     "O5'"  sing N N 122 
C   OP2   HOP2   sing N N 123 
C   "O5'" "C5'"  sing N N 124 
C   "C5'" "C4'"  sing N N 125 
C   "C5'" "H5'"  sing N N 126 
C   "C5'" "H5''" sing N N 127 
C   "C4'" "O4'"  sing N N 128 
C   "C4'" "C3'"  sing N N 129 
C   "C4'" "H4'"  sing N N 130 
C   "O4'" "C1'"  sing N N 131 
C   "C3'" "O3'"  sing N N 132 
C   "C3'" "C2'"  sing N N 133 
C   "C3'" "H3'"  sing N N 134 
C   "O3'" "HO3'" sing N N 135 
C   "C2'" "O2'"  sing N N 136 
C   "C2'" "C1'"  sing N N 137 
C   "C2'" "H2'"  sing N N 138 
C   "O2'" "HO2'" sing N N 139 
C   "C1'" N1     sing N N 140 
C   "C1'" "H1'"  sing N N 141 
C   N1    C2     sing N N 142 
C   N1    C6     sing N N 143 
C   C2    O2     doub N N 144 
C   C2    N3     sing N N 145 
C   N3    C4     doub N N 146 
C   C4    N4     sing N N 147 
C   C4    C5     sing N N 148 
C   N4    H41    sing N N 149 
C   N4    H42    sing N N 150 
C   C5    C6     doub N N 151 
C   C5    H5     sing N N 152 
C   C6    H6     sing N N 153 
G   OP3   P      sing N N 154 
G   OP3   HOP3   sing N N 155 
G   P     OP1    doub N N 156 
G   P     OP2    sing N N 157 
G   P     "O5'"  sing N N 158 
G   OP2   HOP2   sing N N 159 
G   "O5'" "C5'"  sing N N 160 
G   "C5'" "C4'"  sing N N 161 
G   "C5'" "H5'"  sing N N 162 
G   "C5'" "H5''" sing N N 163 
G   "C4'" "O4'"  sing N N 164 
G   "C4'" "C3'"  sing N N 165 
G   "C4'" "H4'"  sing N N 166 
G   "O4'" "C1'"  sing N N 167 
G   "C3'" "O3'"  sing N N 168 
G   "C3'" "C2'"  sing N N 169 
G   "C3'" "H3'"  sing N N 170 
G   "O3'" "HO3'" sing N N 171 
G   "C2'" "O2'"  sing N N 172 
G   "C2'" "C1'"  sing N N 173 
G   "C2'" "H2'"  sing N N 174 
G   "O2'" "HO2'" sing N N 175 
G   "C1'" N9     sing N N 176 
G   "C1'" "H1'"  sing N N 177 
G   N9    C8     sing Y N 178 
G   N9    C4     sing Y N 179 
G   C8    N7     doub Y N 180 
G   C8    H8     sing N N 181 
G   N7    C5     sing Y N 182 
G   C5    C6     sing N N 183 
G   C5    C4     doub Y N 184 
G   C6    O6     doub N N 185 
G   C6    N1     sing N N 186 
G   N1    C2     sing N N 187 
G   N1    H1     sing N N 188 
G   C2    N2     sing N N 189 
G   C2    N3     doub N N 190 
G   N2    H21    sing N N 191 
G   N2    H22    sing N N 192 
G   N3    C4     sing N N 193 
HOH O     H1     sing N N 194 
HOH O     H2     sing N N 195 
LCC "O5'" "C5'"  sing N N 196 
LCC "O5'" P      sing N N 197 
LCC "C5'" "C4'"  sing N N 198 
LCC "C5'" "H5'1" sing N N 199 
LCC "C5'" "H5'2" sing N N 200 
LCC "C4'" "O4'"  sing N N 201 
LCC "C4'" "C3'"  sing N N 202 
LCC "C4'" "C6'"  sing N N 203 
LCC "O4'" "C1'"  sing N N 204 
LCC "C1'" N1     sing N N 205 
LCC "C1'" "C2'"  sing N N 206 
LCC "C1'" "H1'"  sing N N 207 
LCC N1    C6     sing N N 208 
LCC N1    C2     sing N N 209 
LCC C6    C5     doub N N 210 
LCC C6    H6     sing N N 211 
LCC C5    C5M    sing N N 212 
LCC C5    C4     sing N N 213 
LCC C5M   H5M1   sing N N 214 
LCC C5M   H5M2   sing N N 215 
LCC C5M   H5M3   sing N N 216 
LCC C4    N4     sing N N 217 
LCC C4    N3     doub N N 218 
LCC N4    H41    sing N N 219 
LCC N4    H42    sing N N 220 
LCC N3    C2     sing N N 221 
LCC C2    O2     doub N N 222 
LCC "C3'" "C2'"  sing N N 223 
LCC "C3'" "O3'"  sing N N 224 
LCC "C3'" "H3'"  sing N N 225 
LCC "C2'" "O2'"  sing N N 226 
LCC "C2'" "H2'1" sing N N 227 
LCC "O2'" "C6'"  sing N N 228 
LCC "O3'" H3T    sing N N 229 
LCC "C6'" "H6'1" sing N N 230 
LCC "C6'" "H6'2" sing N N 231 
LCC P     O1P    sing N N 232 
LCC P     O2P    doub N N 233 
LCC P     OXT    sing N N 234 
LCC O1P   H1P    sing N N 235 
LCC OXT   HXT    sing N N 236 
U   OP3   P      sing N N 237 
U   OP3   HOP3   sing N N 238 
U   P     OP1    doub N N 239 
U   P     OP2    sing N N 240 
U   P     "O5'"  sing N N 241 
U   OP2   HOP2   sing N N 242 
U   "O5'" "C5'"  sing N N 243 
U   "C5'" "C4'"  sing N N 244 
U   "C5'" "H5'"  sing N N 245 
U   "C5'" "H5''" sing N N 246 
U   "C4'" "O4'"  sing N N 247 
U   "C4'" "C3'"  sing N N 248 
U   "C4'" "H4'"  sing N N 249 
U   "O4'" "C1'"  sing N N 250 
U   "C3'" "O3'"  sing N N 251 
U   "C3'" "C2'"  sing N N 252 
U   "C3'" "H3'"  sing N N 253 
U   "O3'" "HO3'" sing N N 254 
U   "C2'" "O2'"  sing N N 255 
U   "C2'" "C1'"  sing N N 256 
U   "C2'" "H2'"  sing N N 257 
U   "O2'" "HO2'" sing N N 258 
U   "C1'" N1     sing N N 259 
U   "C1'" "H1'"  sing N N 260 
U   N1    C2     sing N N 261 
U   N1    C6     sing N N 262 
U   C2    O2     doub N N 263 
U   C2    N3     sing N N 264 
U   N3    C4     sing N N 265 
U   N3    H3     sing N N 266 
U   C4    O4     doub N N 267 
U   C4    C5     sing N N 268 
U   C5    C6     doub N N 269 
U   C5    H5     sing N N 270 
U   C6    H6     sing N N 271 
# 
_ndb_struct_conf_na.entry_id   5UED 
_ndb_struct_conf_na.feature    'a-form double helix' 
# 
loop_
_ndb_struct_na_base_pair.model_number 
_ndb_struct_na_base_pair.i_label_asym_id 
_ndb_struct_na_base_pair.i_label_comp_id 
_ndb_struct_na_base_pair.i_label_seq_id 
_ndb_struct_na_base_pair.i_symmetry 
_ndb_struct_na_base_pair.j_label_asym_id 
_ndb_struct_na_base_pair.j_label_comp_id 
_ndb_struct_na_base_pair.j_label_seq_id 
_ndb_struct_na_base_pair.j_symmetry 
_ndb_struct_na_base_pair.shear 
_ndb_struct_na_base_pair.stretch 
_ndb_struct_na_base_pair.stagger 
_ndb_struct_na_base_pair.buckle 
_ndb_struct_na_base_pair.propeller 
_ndb_struct_na_base_pair.opening 
_ndb_struct_na_base_pair.pair_number 
_ndb_struct_na_base_pair.pair_name 
_ndb_struct_na_base_pair.i_auth_asym_id 
_ndb_struct_na_base_pair.i_auth_seq_id 
_ndb_struct_na_base_pair.i_PDB_ins_code 
_ndb_struct_na_base_pair.j_auth_asym_id 
_ndb_struct_na_base_pair.j_auth_seq_id 
_ndb_struct_na_base_pair.j_PDB_ins_code 
_ndb_struct_na_base_pair.hbond_type_28 
_ndb_struct_na_base_pair.hbond_type_12 
1 A G 4  1_555 B C 13 1_555 -0.186 -0.152 0.002  -4.130  -18.695 0.049  1  A_G4:C13_B A 4  ? B 13 ? 19 1 
1 A A 5  1_555 B U 12 1_555 0.113  -0.101 0.176  6.250   -11.601 0.921  2  A_A5:U12_B A 5  ? B 12 ? 20 1 
1 A C 6  1_555 B G 11 1_555 0.142  -0.180 0.086  5.805   -15.623 0.240  3  A_C6:G11_B A 6  ? B 11 ? 19 1 
1 A U 7  1_555 B A 10 1_555 -0.169 -0.073 -0.036 0.638   -12.003 -1.522 4  A_U7:A10_B A 7  ? B 10 ? 20 1 
1 A U 8  1_555 B A 9  1_555 -0.007 -0.066 -0.041 4.452   -6.944  2.092  5  A_U8:A9_B  A 8  ? B 9  ? 20 1 
1 A A 9  1_555 B U 8  1_555 0.015  -0.093 0.017  -2.949  -15.745 5.075  6  A_A9:U8_B  A 9  ? B 8  ? 20 1 
1 A A 10 1_555 B U 7  1_555 0.069  -0.108 -0.170 -6.477  -12.205 -0.269 7  A_A10:U7_B A 10 ? B 7  ? 20 1 
1 A G 11 1_555 B C 6  1_555 -0.219 -0.116 -0.114 -10.788 -16.626 1.454  8  A_G11:C6_B A 11 ? B 6  ? 19 1 
1 A U 12 1_555 B A 5  1_555 -0.014 -0.119 0.116  -4.015  -14.593 1.176  9  A_U12:A5_B A 12 ? B 5  ? 20 1 
1 A C 13 1_555 B G 4  1_555 0.186  -0.133 0.047  1.767   -14.358 -0.435 10 A_C13:G4_B A 13 ? B 4  ? 19 1 
# 
loop_
_ndb_struct_na_base_pair_step.model_number 
_ndb_struct_na_base_pair_step.i_label_asym_id_1 
_ndb_struct_na_base_pair_step.i_label_comp_id_1 
_ndb_struct_na_base_pair_step.i_label_seq_id_1 
_ndb_struct_na_base_pair_step.i_symmetry_1 
_ndb_struct_na_base_pair_step.j_label_asym_id_1 
_ndb_struct_na_base_pair_step.j_label_comp_id_1 
_ndb_struct_na_base_pair_step.j_label_seq_id_1 
_ndb_struct_na_base_pair_step.j_symmetry_1 
_ndb_struct_na_base_pair_step.i_label_asym_id_2 
_ndb_struct_na_base_pair_step.i_label_comp_id_2 
_ndb_struct_na_base_pair_step.i_label_seq_id_2 
_ndb_struct_na_base_pair_step.i_symmetry_2 
_ndb_struct_na_base_pair_step.j_label_asym_id_2 
_ndb_struct_na_base_pair_step.j_label_comp_id_2 
_ndb_struct_na_base_pair_step.j_label_seq_id_2 
_ndb_struct_na_base_pair_step.j_symmetry_2 
_ndb_struct_na_base_pair_step.shift 
_ndb_struct_na_base_pair_step.slide 
_ndb_struct_na_base_pair_step.rise 
_ndb_struct_na_base_pair_step.tilt 
_ndb_struct_na_base_pair_step.roll 
_ndb_struct_na_base_pair_step.twist 
_ndb_struct_na_base_pair_step.x_displacement 
_ndb_struct_na_base_pair_step.y_displacement 
_ndb_struct_na_base_pair_step.helical_rise 
_ndb_struct_na_base_pair_step.inclination 
_ndb_struct_na_base_pair_step.tip 
_ndb_struct_na_base_pair_step.helical_twist 
_ndb_struct_na_base_pair_step.step_number 
_ndb_struct_na_base_pair_step.step_name 
_ndb_struct_na_base_pair_step.i_auth_asym_id_1 
_ndb_struct_na_base_pair_step.i_auth_seq_id_1 
_ndb_struct_na_base_pair_step.i_PDB_ins_code_1 
_ndb_struct_na_base_pair_step.j_auth_asym_id_1 
_ndb_struct_na_base_pair_step.j_auth_seq_id_1 
_ndb_struct_na_base_pair_step.j_PDB_ins_code_1 
_ndb_struct_na_base_pair_step.i_auth_asym_id_2 
_ndb_struct_na_base_pair_step.i_auth_seq_id_2 
_ndb_struct_na_base_pair_step.i_PDB_ins_code_2 
_ndb_struct_na_base_pair_step.j_auth_asym_id_2 
_ndb_struct_na_base_pair_step.j_auth_seq_id_2 
_ndb_struct_na_base_pair_step.j_PDB_ins_code_2 
1 A G 4  1_555 B C 13 1_555 A A 5  1_555 B U 12 1_555 0.159  -1.031 3.044 0.237  3.530  32.846 -2.361 -0.243 2.921 6.221  -0.417 
33.031 1 AA_G4A5:U12C13_BB A 4  ? B 13 ? A 5  ? B 12 ? 
1 A A 5  1_555 B U 12 1_555 A C 6  1_555 B G 11 1_555 0.416  -1.526 3.261 1.769  5.516  32.455 -3.593 -0.444 2.986 9.771  -3.135 
32.955 2 AA_A5C6:G11U12_BB A 5  ? B 12 ? A 6  ? B 11 ? 
1 A C 6  1_555 B G 11 1_555 A U 7  1_555 B A 10 1_555 -0.787 -1.982 3.345 -2.160 11.246 28.364 -5.818 1.099  2.451 21.857 4.199  
30.545 3 AA_C6U7:A10G11_BB A 6  ? B 11 ? A 7  ? B 10 ? 
1 A U 7  1_555 B A 10 1_555 A U 8  1_555 B A 9  1_555 0.069  -1.163 3.243 -2.622 7.941  31.569 -3.378 -0.555 2.859 14.284 4.717  
32.631 4 AA_U7U8:A9A10_BB  A 7  ? B 10 ? A 8  ? B 9  ? 
1 A U 8  1_555 B A 9  1_555 A A 9  1_555 B U 8  1_555 0.505  -1.549 3.295 1.620  17.771 31.218 -4.799 -0.613 2.155 30.137 -2.748 
35.848 5 AA_U8A9:U8A9_BB   A 8  ? B 9  ? A 9  ? B 8  ? 
1 A A 9  1_555 B U 8  1_555 A A 10 1_555 B U 7  1_555 -0.685 -1.418 3.352 1.431  6.505  34.640 -3.290 1.339  3.015 10.801 -2.376 
35.255 6 AA_A9A10:U7U8_BB  A 9  ? B 8  ? A 10 ? B 7  ? 
1 A A 10 1_555 B U 7  1_555 A G 11 1_555 B C 6  1_555 0.750  -1.892 3.364 3.825  9.364  27.295 -5.723 -0.696 2.661 19.034 -7.774 
29.075 7 AA_A10G11:C6U7_BB A 10 ? B 7  ? A 11 ? B 6  ? 
1 A G 11 1_555 B C 6  1_555 A U 12 1_555 B A 5  1_555 -0.244 -1.253 3.096 -2.503 4.582  32.998 -2.881 0.041  2.911 8.004  4.372  
33.397 8 AA_G11U12:A5C6_BB A 11 ? B 6  ? A 12 ? B 5  ? 
1 A U 12 1_555 B A 5  1_555 A C 13 1_555 B G 4  1_555 0.106  -1.113 3.130 0.913  5.205  34.084 -2.632 -0.046 2.935 8.814  -1.547 
34.479 9 AA_U12C13:G4A5_BB A 12 ? B 5  ? A 13 ? B 4  ? 
# 
loop_
_pdbx_entity_nonpoly.entity_id 
_pdbx_entity_nonpoly.name 
_pdbx_entity_nonpoly.comp_id 
2 
;[[(2~{R},3~{S},4~{R},5~{R})-5-(2-azanyl-6-oxidanylidene-1~{H}-purin-9-yl)-3,4-bis(oxidanyl)oxolan-2-yl]methoxy-oxidanyl-phosphoryl] [(2~{R},3~{S},4~{R},5~{R})-5-(2-azanyl-6-oxidanylidene-1~{H}-purin-9-yl)-3,4-bis(oxidanyl)oxolan-2-yl]methyl hydrogen phosphate
;
86S 
3 water HOH 
# 
_pdbx_initial_refinement_model.id               1 
_pdbx_initial_refinement_model.entity_id_list   ? 
_pdbx_initial_refinement_model.type             'experimental model' 
_pdbx_initial_refinement_model.source_name      PDB 
_pdbx_initial_refinement_model.accession_code   5DHC 
_pdbx_initial_refinement_model.details          ? 
# 
